data_9H0Q
#
_entry.id   9H0Q
#
_cell.length_a   169.506
_cell.length_b   169.506
_cell.length_c   344.036
_cell.angle_alpha   90.000
_cell.angle_beta   90.000
_cell.angle_gamma   120.000
#
_symmetry.space_group_name_H-M   'H 3 2'
#
loop_
_entity.id
_entity.type
_entity.pdbx_description
1 polymer Lectin
2 non-polymer N-(beta-L-Fucopyranosyl)-biphenyl-3-carboxamide
3 non-polymer 'TETRAETHYLENE GLYCOL'
4 non-polymer 'PENTAETHYLENE GLYCOL'
5 water water
#
_entity_poly.entity_id   1
_entity_poly.type   'polypeptide(L)'
_entity_poly.pdbx_seq_one_letter_code
;GHMPLLSASIVSAPVVTSETYVDIPGLYLDVAKAGIRDGKLQVILNVPTPYATGNNFPGIYFAIATNQGVVADGCFTYSS
KVPESTGRMPFTLVATIDVGSGVTFVKGQWKSVRGSAMHIDSYASLSAIWGTAA
;
_entity_poly.pdbx_strand_id   A,B,C,D,E,F,G,H,I,J
#
# COMPACT_ATOMS: atom_id res chain seq x y z
N PRO A 4 35.77 -1.85 -19.08
CA PRO A 4 35.35 -1.09 -20.28
C PRO A 4 33.86 -0.64 -20.26
N LEU A 5 33.64 0.63 -20.58
CA LEU A 5 32.37 1.34 -20.35
C LEU A 5 31.89 1.79 -21.71
N LEU A 6 30.72 1.31 -22.13
CA LEU A 6 30.15 1.74 -23.38
C LEU A 6 29.06 2.77 -23.14
N SER A 7 28.97 3.73 -24.04
CA SER A 7 28.06 4.83 -23.83
C SER A 7 27.70 5.48 -25.15
N ALA A 8 26.41 5.76 -25.36
CA ALA A 8 25.97 6.59 -26.49
C ALA A 8 24.85 7.51 -26.00
N SER A 9 24.92 8.80 -26.40
CA SER A 9 23.95 9.73 -25.90
C SER A 9 23.39 10.56 -27.05
N ILE A 10 22.14 11.05 -26.95
CA ILE A 10 21.57 11.92 -27.98
C ILE A 10 20.96 13.12 -27.27
N VAL A 11 20.75 14.22 -28.03
CA VAL A 11 20.03 15.36 -27.48
C VAL A 11 18.64 15.54 -28.09
N SER A 12 18.28 14.71 -29.06
CA SER A 12 16.96 14.73 -29.69
C SER A 12 16.86 13.59 -30.69
N ALA A 13 15.64 13.18 -31.02
CA ALA A 13 15.41 12.27 -32.14
C ALA A 13 14.26 12.77 -33.01
N PRO A 14 14.12 12.27 -34.23
CA PRO A 14 12.96 12.60 -35.04
C PRO A 14 11.67 12.07 -34.45
N VAL A 15 10.55 12.75 -34.74
CA VAL A 15 9.25 12.18 -34.39
C VAL A 15 8.97 10.93 -35.22
N VAL A 16 8.40 9.91 -34.56
CA VAL A 16 8.20 8.61 -35.16
C VAL A 16 6.86 8.08 -34.71
N THR A 17 6.18 7.43 -35.63
CA THR A 17 5.03 6.61 -35.35
C THR A 17 5.32 5.26 -35.99
N SER A 18 5.10 4.14 -35.30
CA SER A 18 5.43 2.82 -35.86
C SER A 18 4.65 1.76 -35.09
N GLU A 19 4.15 0.78 -35.83
CA GLU A 19 3.46 -0.34 -35.22
C GLU A 19 4.48 -1.43 -34.85
N THR A 20 5.75 -1.26 -35.26
CA THR A 20 6.79 -2.24 -34.98
C THR A 20 7.97 -1.49 -34.36
N TYR A 21 8.79 -2.25 -33.66
CA TYR A 21 9.98 -1.71 -33.04
C TYR A 21 10.90 -1.17 -34.11
N VAL A 22 11.32 0.08 -33.99
CA VAL A 22 12.27 0.70 -34.90
C VAL A 22 13.37 1.32 -34.04
N ASP A 23 14.52 1.54 -34.66
CA ASP A 23 15.72 1.92 -33.93
C ASP A 23 15.66 3.38 -33.60
N ILE A 24 16.01 3.71 -32.37
CA ILE A 24 16.14 5.11 -32.00
C ILE A 24 17.54 5.56 -32.50
N PRO A 25 17.59 6.48 -33.46
CA PRO A 25 18.84 6.95 -34.05
C PRO A 25 19.73 7.43 -32.94
N GLY A 26 20.97 6.89 -32.95
CA GLY A 26 22.04 7.38 -32.07
C GLY A 26 22.22 6.55 -30.80
N LEU A 27 21.27 5.65 -30.51
CA LEU A 27 21.33 4.83 -29.30
C LEU A 27 21.76 3.41 -29.68
N TYR A 28 23.06 3.32 -29.97
CA TYR A 28 23.69 2.14 -30.55
C TYR A 28 25.03 1.94 -29.88
N LEU A 29 25.30 0.72 -29.45
CA LEU A 29 26.60 0.38 -28.91
C LEU A 29 27.22 -0.73 -29.75
N ASP A 30 28.41 -0.46 -30.30
CA ASP A 30 29.15 -1.46 -31.06
C ASP A 30 30.01 -2.30 -30.10
N VAL A 31 29.53 -3.49 -29.75
CA VAL A 31 30.23 -4.35 -28.82
C VAL A 31 31.49 -4.89 -29.49
N ALA A 32 31.38 -5.29 -30.77
CA ALA A 32 32.48 -5.84 -31.53
C ALA A 32 33.67 -4.86 -31.58
N LYS A 33 33.42 -3.63 -32.06
CA LYS A 33 34.50 -2.67 -32.22
C LYS A 33 35.24 -2.49 -30.91
N ALA A 34 34.54 -2.66 -29.78
CA ALA A 34 35.18 -2.53 -28.49
C ALA A 34 35.97 -3.80 -28.13
N GLY A 35 35.98 -4.81 -29.00
CA GLY A 35 36.67 -6.05 -28.76
C GLY A 35 36.02 -6.88 -27.66
N ILE A 36 34.68 -6.75 -27.50
CA ILE A 36 33.99 -7.58 -26.54
C ILE A 36 33.38 -8.76 -27.28
N ARG A 37 33.82 -9.98 -26.92
CA ARG A 37 33.31 -11.18 -27.57
C ARG A 37 32.90 -12.24 -26.54
N ASP A 38 33.13 -11.98 -25.26
CA ASP A 38 32.71 -12.93 -24.21
C ASP A 38 32.18 -12.12 -23.03
N GLY A 39 31.56 -12.80 -22.04
CA GLY A 39 31.23 -12.15 -20.78
C GLY A 39 29.82 -11.55 -20.80
N LYS A 40 29.57 -10.59 -19.88
CA LYS A 40 28.22 -10.08 -19.68
C LYS A 40 28.23 -8.57 -19.87
N LEU A 41 27.16 -8.03 -20.47
CA LEU A 41 26.96 -6.57 -20.40
C LEU A 41 25.71 -6.26 -19.60
N GLN A 42 25.81 -5.39 -18.60
CA GLN A 42 24.64 -4.76 -18.00
C GLN A 42 24.30 -3.49 -18.78
N VAL A 43 23.14 -3.53 -19.46
CA VAL A 43 22.73 -2.42 -20.34
C VAL A 43 21.64 -1.58 -19.70
N ILE A 44 21.81 -0.26 -19.73
CA ILE A 44 20.77 0.67 -19.26
C ILE A 44 20.33 1.56 -20.43
N LEU A 45 19.04 1.42 -20.80
CA LEU A 45 18.39 2.39 -21.68
C LEU A 45 17.72 3.44 -20.82
N ASN A 46 18.20 4.69 -20.90
CA ASN A 46 17.66 5.76 -20.09
C ASN A 46 17.03 6.83 -20.98
N VAL A 47 15.70 6.98 -20.90
CA VAL A 47 14.99 8.00 -21.66
C VAL A 47 14.24 8.86 -20.65
N PRO A 48 14.95 9.84 -20.07
CA PRO A 48 14.43 10.52 -18.90
C PRO A 48 13.26 11.47 -19.13
N THR A 49 13.15 12.08 -20.31
CA THR A 49 12.15 13.09 -20.60
C THR A 49 11.35 12.81 -21.90
N PRO A 50 10.77 11.62 -22.08
CA PRO A 50 9.93 11.34 -23.24
C PRO A 50 8.50 11.82 -23.10
N TYR A 51 7.75 11.87 -24.22
CA TYR A 51 6.30 12.01 -24.14
C TYR A 51 5.68 11.40 -25.39
N ALA A 52 4.37 11.13 -25.32
CA ALA A 52 3.67 10.60 -26.48
C ALA A 52 2.42 11.42 -26.79
N THR A 53 2.03 11.48 -28.06
CA THR A 53 0.82 12.20 -28.44
C THR A 53 -0.12 11.24 -29.13
N GLY A 54 -1.40 11.36 -28.82
CA GLY A 54 -2.42 10.58 -29.50
C GLY A 54 -3.81 10.84 -28.93
N ASN A 55 -4.77 10.01 -29.36
CA ASN A 55 -6.16 10.20 -28.94
C ASN A 55 -6.68 9.02 -28.14
N ASN A 56 -5.87 8.01 -27.81
CA ASN A 56 -6.42 6.85 -27.14
C ASN A 56 -5.39 6.35 -26.14
N PHE A 57 -5.25 7.10 -25.03
CA PHE A 57 -4.39 6.70 -23.92
C PHE A 57 -2.99 6.46 -24.46
N PRO A 58 -2.31 7.52 -24.90
CA PRO A 58 -1.01 7.37 -25.50
C PRO A 58 0.09 6.80 -24.60
N GLY A 59 1.16 6.34 -25.26
CA GLY A 59 2.32 5.80 -24.60
C GLY A 59 3.39 5.36 -25.60
N ILE A 60 4.53 4.91 -25.07
CA ILE A 60 5.64 4.42 -25.88
C ILE A 60 6.11 3.10 -25.31
N TYR A 61 6.34 2.14 -26.21
CA TYR A 61 7.03 0.91 -25.89
C TYR A 61 8.50 1.10 -26.21
N PHE A 62 9.38 0.71 -25.28
CA PHE A 62 10.83 0.79 -25.45
C PHE A 62 11.43 -0.60 -25.36
N ALA A 63 12.47 -0.86 -26.14
CA ALA A 63 13.16 -2.16 -26.06
C ALA A 63 14.68 -2.00 -26.14
N ILE A 64 15.35 -2.95 -25.47
CA ILE A 64 16.75 -3.20 -25.66
C ILE A 64 16.90 -4.39 -26.62
N ALA A 65 17.68 -4.20 -27.69
CA ALA A 65 17.83 -5.29 -28.65
C ALA A 65 19.29 -5.47 -29.04
N THR A 66 19.58 -6.71 -29.45
CA THR A 66 20.89 -7.14 -29.95
C THR A 66 20.65 -7.59 -31.37
N ASN A 67 21.71 -8.16 -31.97
CA ASN A 67 21.65 -8.72 -33.31
C ASN A 67 20.69 -9.92 -33.31
N GLN A 68 20.41 -10.54 -32.14
CA GLN A 68 19.51 -11.68 -32.06
C GLN A 68 18.07 -11.27 -31.81
N GLY A 69 17.80 -10.01 -31.48
CA GLY A 69 16.43 -9.61 -31.26
C GLY A 69 16.29 -8.88 -29.94
N VAL A 70 15.01 -8.75 -29.56
CA VAL A 70 14.70 -7.97 -28.36
C VAL A 70 15.03 -8.78 -27.13
N VAL A 71 15.76 -8.25 -26.15
CA VAL A 71 16.00 -9.02 -24.94
C VAL A 71 15.16 -8.50 -23.77
N ALA A 72 14.62 -7.28 -23.86
CA ALA A 72 13.85 -6.67 -22.78
C ALA A 72 13.01 -5.53 -23.34
N ASP A 73 11.85 -5.31 -22.75
CA ASP A 73 10.92 -4.31 -23.27
C ASP A 73 10.08 -3.78 -22.10
N GLY A 74 9.51 -2.59 -22.28
CA GLY A 74 8.54 -2.08 -21.35
C GLY A 74 7.82 -0.89 -21.95
N CYS A 75 7.01 -0.21 -21.13
CA CYS A 75 6.35 0.98 -21.65
C CYS A 75 5.94 1.92 -20.54
N PHE A 76 5.68 3.17 -20.89
CA PHE A 76 4.81 4.04 -20.11
C PHE A 76 3.52 4.27 -20.89
N THR A 77 2.42 4.52 -20.19
CA THR A 77 1.16 4.96 -20.79
C THR A 77 0.56 6.02 -19.87
N TYR A 78 -0.20 6.94 -20.48
CA TYR A 78 -0.93 7.94 -19.73
C TYR A 78 -2.16 7.30 -19.12
N SER A 79 -2.78 8.00 -18.16
CA SER A 79 -3.96 7.43 -17.49
C SER A 79 -5.25 8.15 -17.87
N SER A 80 -5.21 8.94 -18.96
CA SER A 80 -6.39 9.61 -19.51
C SER A 80 -6.40 9.35 -20.98
N LYS A 81 -7.57 9.33 -21.58
CA LYS A 81 -7.67 9.01 -22.99
C LYS A 81 -7.02 10.11 -23.81
N VAL A 82 -7.38 11.36 -23.48
CA VAL A 82 -6.89 12.54 -24.12
C VAL A 82 -6.34 13.37 -22.99
N PRO A 83 -5.06 13.19 -22.64
CA PRO A 83 -4.49 13.98 -21.56
C PRO A 83 -4.66 15.46 -21.83
N GLU A 84 -4.97 16.23 -20.79
CA GLU A 84 -4.98 17.67 -20.92
C GLU A 84 -3.68 18.20 -21.52
N SER A 85 -2.56 17.66 -21.07
CA SER A 85 -1.26 17.92 -21.62
C SER A 85 -0.49 16.61 -21.53
N THR A 86 0.32 16.30 -22.54
CA THR A 86 1.13 15.10 -22.54
C THR A 86 2.39 15.33 -21.71
N GLY A 87 2.30 14.92 -20.44
CA GLY A 87 3.37 15.18 -19.50
C GLY A 87 4.61 14.32 -19.77
N ARG A 88 5.75 14.83 -19.32
CA ARG A 88 7.01 14.10 -19.48
C ARG A 88 7.08 12.94 -18.49
N MET A 89 7.35 11.74 -19.02
CA MET A 89 7.20 10.53 -18.24
C MET A 89 8.50 9.73 -18.29
N PRO A 90 9.39 9.91 -17.31
CA PRO A 90 10.68 9.23 -17.28
C PRO A 90 10.63 7.71 -17.40
N PHE A 91 11.58 7.14 -18.14
CA PHE A 91 11.62 5.71 -18.42
C PHE A 91 13.05 5.20 -18.38
N THR A 92 13.25 4.10 -17.63
CA THR A 92 14.54 3.42 -17.63
C THR A 92 14.28 1.92 -17.80
N LEU A 93 15.09 1.26 -18.67
CA LEU A 93 15.08 -0.19 -18.79
C LEU A 93 16.50 -0.74 -18.59
N VAL A 94 16.60 -1.82 -17.82
CA VAL A 94 17.86 -2.47 -17.50
C VAL A 94 17.81 -3.93 -17.88
N ALA A 95 18.81 -4.37 -18.67
CA ALA A 95 18.95 -5.79 -18.98
C ALA A 95 20.41 -6.22 -18.93
N THR A 96 20.60 -7.50 -18.59
CA THR A 96 21.94 -8.05 -18.57
C THR A 96 22.04 -9.12 -19.65
N ILE A 97 22.95 -8.95 -20.63
CA ILE A 97 23.02 -9.88 -21.75
C ILE A 97 24.35 -10.65 -21.73
N ASP A 98 24.31 -11.82 -22.40
CA ASP A 98 25.52 -12.63 -22.60
C ASP A 98 26.15 -12.30 -23.95
N VAL A 99 27.39 -11.79 -23.98
CA VAL A 99 28.04 -11.41 -25.23
C VAL A 99 28.51 -12.64 -26.00
N GLY A 100 28.85 -13.71 -25.28
CA GLY A 100 29.24 -14.96 -25.92
C GLY A 100 28.11 -15.72 -26.61
N SER A 101 26.93 -15.12 -26.82
CA SER A 101 25.88 -15.83 -27.55
C SER A 101 25.92 -15.43 -29.02
N GLY A 102 26.83 -14.53 -29.42
CA GLY A 102 26.89 -13.97 -30.78
C GLY A 102 26.45 -12.51 -30.87
N VAL A 103 26.69 -11.72 -29.82
CA VAL A 103 26.32 -10.32 -29.80
C VAL A 103 27.44 -9.47 -30.39
N THR A 104 27.09 -8.61 -31.35
CA THR A 104 28.01 -7.64 -31.94
C THR A 104 27.54 -6.22 -31.62
N PHE A 105 26.24 -6.04 -31.30
CA PHE A 105 25.70 -4.72 -31.04
C PHE A 105 24.54 -4.78 -30.05
N VAL A 106 24.32 -3.62 -29.43
CA VAL A 106 23.18 -3.39 -28.57
C VAL A 106 22.53 -2.08 -29.01
N LYS A 107 21.20 -2.07 -29.15
CA LYS A 107 20.54 -0.84 -29.59
C LYS A 107 19.23 -0.61 -28.84
N GLY A 108 18.82 0.66 -28.83
CA GLY A 108 17.53 1.05 -28.28
C GLY A 108 16.45 1.16 -29.35
N GLN A 109 15.28 0.60 -29.07
CA GLN A 109 14.16 0.66 -30.03
C GLN A 109 12.91 1.25 -29.38
N TRP A 110 11.97 1.68 -30.22
CA TRP A 110 10.69 2.10 -29.71
C TRP A 110 9.55 1.76 -30.68
N LYS A 111 8.34 1.71 -30.14
CA LYS A 111 7.16 1.32 -30.89
C LYS A 111 5.99 2.05 -30.24
N SER A 112 5.07 2.48 -31.06
CA SER A 112 3.93 3.23 -30.65
C SER A 112 2.98 2.39 -29.80
N VAL A 113 2.38 3.03 -28.80
CA VAL A 113 1.20 2.47 -28.15
C VAL A 113 -0.04 3.08 -28.78
N ARG A 114 -0.89 2.25 -29.36
CA ARG A 114 -2.13 2.74 -29.96
C ARG A 114 -1.94 3.93 -30.91
N GLY A 115 -0.97 3.80 -31.83
CA GLY A 115 -0.76 4.77 -32.87
C GLY A 115 -0.08 6.05 -32.41
N SER A 116 0.40 6.09 -31.16
CA SER A 116 0.98 7.32 -30.61
C SER A 116 2.13 7.79 -31.50
N ALA A 117 2.31 9.11 -31.52
CA ALA A 117 3.55 9.66 -32.02
C ALA A 117 4.55 9.74 -30.87
N MET A 118 5.79 9.36 -31.12
CA MET A 118 6.78 9.19 -30.07
C MET A 118 7.78 10.35 -30.14
N HIS A 119 8.12 10.92 -28.98
CA HIS A 119 8.96 12.11 -28.96
C HIS A 119 10.11 11.96 -27.95
N ILE A 120 11.35 12.17 -28.43
CA ILE A 120 12.51 12.45 -27.59
C ILE A 120 13.08 13.74 -28.16
N ASP A 121 13.15 14.79 -27.34
CA ASP A 121 13.57 16.09 -27.77
C ASP A 121 14.56 16.68 -26.78
N SER A 122 15.22 15.79 -26.06
CA SER A 122 16.14 16.14 -24.96
C SER A 122 17.06 14.95 -24.80
N TYR A 123 17.94 15.00 -23.81
CA TYR A 123 18.96 13.99 -23.58
C TYR A 123 18.37 12.61 -23.39
N ALA A 124 19.02 11.61 -23.99
CA ALA A 124 18.75 10.22 -23.67
C ALA A 124 20.04 9.39 -23.88
N SER A 125 20.16 8.22 -23.27
CA SER A 125 21.44 7.53 -23.22
C SER A 125 21.24 6.02 -23.25
N LEU A 126 22.22 5.34 -23.85
CA LEU A 126 22.32 3.90 -23.82
C LEU A 126 23.71 3.59 -23.33
N SER A 127 23.81 2.83 -22.25
CA SER A 127 25.06 2.63 -21.53
C SER A 127 25.24 1.15 -21.28
N ALA A 128 26.48 0.71 -21.08
CA ALA A 128 26.75 -0.69 -20.75
C ALA A 128 28.03 -0.82 -19.95
N ILE A 129 27.98 -1.67 -18.92
CA ILE A 129 29.17 -2.07 -18.22
C ILE A 129 29.45 -3.55 -18.45
N TRP A 130 30.70 -3.84 -18.83
CA TRP A 130 31.12 -5.21 -19.03
C TRP A 130 31.55 -5.86 -17.72
N GLY A 131 31.24 -7.14 -17.58
CA GLY A 131 31.71 -7.92 -16.48
C GLY A 131 31.71 -9.40 -16.84
N THR A 132 31.97 -10.21 -15.81
CA THR A 132 31.91 -11.66 -15.90
C THR A 132 30.69 -12.16 -15.12
N ALA A 133 30.28 -13.40 -15.37
CA ALA A 133 29.27 -14.04 -14.51
C ALA A 133 29.42 -13.74 -12.98
N PRO B 4 32.31 -9.07 -12.32
CA PRO B 4 31.32 -9.94 -11.65
C PRO B 4 29.93 -9.30 -11.58
N LEU B 5 28.95 -9.85 -12.34
CA LEU B 5 27.69 -9.19 -12.68
C LEU B 5 26.60 -10.10 -12.21
N LEU B 6 25.73 -9.63 -11.32
CA LEU B 6 24.58 -10.41 -10.92
C LEU B 6 23.34 -9.88 -11.62
N SER B 7 22.41 -10.76 -11.92
CA SER B 7 21.23 -10.38 -12.63
C SER B 7 20.13 -11.41 -12.40
N ALA B 8 18.90 -10.94 -12.17
CA ALA B 8 17.73 -11.83 -12.16
C ALA B 8 16.56 -11.09 -12.83
N SER B 9 15.81 -11.79 -13.66
CA SER B 9 14.83 -11.12 -14.46
C SER B 9 13.55 -11.96 -14.45
N ILE B 10 12.38 -11.33 -14.57
CA ILE B 10 11.10 -12.06 -14.62
C ILE B 10 10.34 -11.49 -15.81
N VAL B 11 9.35 -12.22 -16.30
CA VAL B 11 8.45 -11.76 -17.35
C VAL B 11 7.02 -11.52 -16.85
N SER B 12 6.78 -11.83 -15.58
CA SER B 12 5.48 -11.66 -14.92
C SER B 12 5.61 -12.00 -13.45
N ALA B 13 4.70 -11.53 -12.63
CA ALA B 13 4.58 -11.94 -11.22
C ALA B 13 3.11 -12.13 -10.86
N PRO B 14 2.79 -12.90 -9.83
CA PRO B 14 1.41 -13.03 -9.38
C PRO B 14 0.86 -11.71 -8.84
N VAL B 15 -0.46 -11.50 -8.96
CA VAL B 15 -1.05 -10.31 -8.39
C VAL B 15 -1.01 -10.37 -6.85
N VAL B 16 -0.71 -9.22 -6.22
CA VAL B 16 -0.53 -9.17 -4.79
C VAL B 16 -1.18 -7.92 -4.25
N THR B 17 -1.77 -8.07 -3.08
CA THR B 17 -2.14 -6.94 -2.26
C THR B 17 -1.52 -7.19 -0.87
N SER B 18 -0.86 -6.21 -0.26
CA SER B 18 -0.16 -6.43 1.00
C SER B 18 0.03 -5.11 1.73
N GLU B 19 -0.20 -5.17 3.05
CA GLU B 19 0.07 -4.01 3.88
C GLU B 19 1.53 -3.98 4.30
N THR B 20 2.29 -5.04 4.03
CA THR B 20 3.68 -5.16 4.41
C THR B 20 4.50 -5.52 3.18
N TYR B 21 5.78 -5.20 3.26
CA TYR B 21 6.71 -5.55 2.19
C TYR B 21 6.73 -7.07 2.03
N VAL B 22 6.52 -7.55 0.82
CA VAL B 22 6.61 -8.97 0.49
C VAL B 22 7.51 -9.09 -0.73
N ASP B 23 8.06 -10.27 -0.92
CA ASP B 23 9.08 -10.51 -1.91
C ASP B 23 8.42 -10.65 -3.26
N ILE B 24 9.04 -10.02 -4.26
CA ILE B 24 8.60 -10.22 -5.61
C ILE B 24 9.28 -11.50 -6.09
N PRO B 25 8.53 -12.56 -6.37
CA PRO B 25 9.11 -13.83 -6.79
C PRO B 25 9.99 -13.58 -8.00
N GLY B 26 11.21 -14.12 -7.89
CA GLY B 26 12.18 -14.17 -8.98
C GLY B 26 13.17 -13.00 -8.97
N LEU B 27 12.96 -12.01 -8.12
CA LEU B 27 13.87 -10.86 -8.04
C LEU B 27 14.73 -11.05 -6.77
N TYR B 28 15.70 -11.97 -6.94
CA TYR B 28 16.52 -12.46 -5.88
C TYR B 28 17.94 -12.62 -6.40
N LEU B 29 18.91 -12.08 -5.68
CA LEU B 29 20.31 -12.31 -6.00
C LEU B 29 20.95 -12.98 -4.78
N ASP B 30 21.49 -14.19 -4.99
CA ASP B 30 22.29 -14.85 -3.98
C ASP B 30 23.74 -14.36 -4.07
N VAL B 31 24.14 -13.44 -3.20
CA VAL B 31 25.48 -12.89 -3.20
C VAL B 31 26.47 -13.99 -2.78
N ALA B 32 26.11 -14.78 -1.76
CA ALA B 32 26.99 -15.83 -1.26
C ALA B 32 27.26 -16.86 -2.34
N LYS B 33 26.24 -17.40 -3.00
CA LYS B 33 26.40 -18.39 -4.04
C LYS B 33 27.41 -17.94 -5.08
N ALA B 34 27.57 -16.65 -5.29
CA ALA B 34 28.58 -16.18 -6.21
C ALA B 34 29.94 -15.97 -5.52
N GLY B 35 30.04 -16.30 -4.24
CA GLY B 35 31.27 -16.16 -3.47
C GLY B 35 31.63 -14.71 -3.19
N ILE B 36 30.63 -13.82 -3.09
CA ILE B 36 30.89 -12.45 -2.70
C ILE B 36 30.68 -12.31 -1.20
N ARG B 37 31.76 -11.92 -0.50
CA ARG B 37 31.80 -11.92 0.96
C ARG B 37 32.24 -10.55 1.50
N ASP B 38 32.77 -9.69 0.62
CA ASP B 38 33.28 -8.39 0.99
C ASP B 38 32.94 -7.45 -0.18
N GLY B 39 33.12 -6.15 0.04
CA GLY B 39 33.07 -5.18 -1.04
C GLY B 39 31.68 -4.56 -1.14
N LYS B 40 31.40 -3.93 -2.28
CA LYS B 40 30.20 -3.13 -2.45
C LYS B 40 29.42 -3.67 -3.63
N LEU B 41 28.08 -3.69 -3.50
CA LEU B 41 27.24 -3.97 -4.64
C LEU B 41 26.43 -2.72 -4.96
N GLN B 42 26.48 -2.27 -6.23
CA GLN B 42 25.50 -1.32 -6.72
C GLN B 42 24.29 -2.08 -7.26
N VAL B 43 23.15 -1.93 -6.58
CA VAL B 43 21.94 -2.66 -6.94
C VAL B 43 20.94 -1.77 -7.69
N ILE B 44 20.38 -2.30 -8.78
CA ILE B 44 19.32 -1.63 -9.52
C ILE B 44 18.09 -2.52 -9.54
N LEU B 45 17.00 -2.05 -8.91
CA LEU B 45 15.69 -2.64 -9.09
C LEU B 45 14.99 -1.88 -10.21
N ASN B 46 14.72 -2.57 -11.33
CA ASN B 46 14.09 -1.94 -12.48
C ASN B 46 12.74 -2.60 -12.74
N VAL B 47 11.64 -1.84 -12.55
CA VAL B 47 10.30 -2.32 -12.83
C VAL B 47 9.71 -1.36 -13.85
N PRO B 48 10.00 -1.60 -15.13
CA PRO B 48 9.72 -0.61 -16.15
C PRO B 48 8.26 -0.38 -16.48
N THR B 49 7.40 -1.40 -16.36
CA THR B 49 6.00 -1.29 -16.78
C THR B 49 5.00 -1.75 -15.68
N PRO B 50 5.11 -1.33 -14.43
CA PRO B 50 4.14 -1.70 -13.40
C PRO B 50 2.82 -0.90 -13.47
N TYR B 51 1.76 -1.43 -12.84
CA TYR B 51 0.57 -0.63 -12.60
C TYR B 51 -0.10 -1.03 -11.31
N ALA B 52 -0.96 -0.17 -10.80
CA ALA B 52 -1.70 -0.47 -9.58
C ALA B 52 -3.19 -0.25 -9.78
N THR B 53 -4.03 -1.05 -9.09
CA THR B 53 -5.47 -0.89 -9.20
C THR B 53 -6.02 -0.58 -7.82
N GLY B 54 -6.95 0.36 -7.79
CA GLY B 54 -7.66 0.66 -6.56
C GLY B 54 -8.67 1.80 -6.70
N ASN B 55 -9.25 2.22 -5.56
CA ASN B 55 -10.22 3.30 -5.60
C ASN B 55 -9.71 4.54 -4.83
N ASN B 56 -8.46 4.55 -4.36
CA ASN B 56 -8.04 5.69 -3.57
C ASN B 56 -6.61 6.09 -3.90
N PHE B 57 -6.43 6.68 -5.09
CA PHE B 57 -5.12 7.18 -5.52
C PHE B 57 -4.11 6.04 -5.44
N PRO B 58 -4.26 5.03 -6.29
CA PRO B 58 -3.41 3.86 -6.20
C PRO B 58 -1.93 4.08 -6.48
N GLY B 59 -1.14 3.11 -6.05
CA GLY B 59 0.29 3.09 -6.22
C GLY B 59 0.93 1.84 -5.63
N ILE B 60 2.26 1.73 -5.79
CA ILE B 60 3.05 0.63 -5.26
C ILE B 60 4.29 1.21 -4.58
N TYR B 61 4.59 0.69 -3.40
CA TYR B 61 5.85 0.90 -2.72
C TYR B 61 6.81 -0.22 -3.13
N PHE B 62 8.05 0.12 -3.51
CA PHE B 62 9.06 -0.87 -3.85
C PHE B 62 10.27 -0.75 -2.92
N ALA B 63 10.91 -1.88 -2.59
CA ALA B 63 12.11 -1.85 -1.76
C ALA B 63 13.20 -2.80 -2.27
N ILE B 64 14.45 -2.38 -2.03
CA ILE B 64 15.60 -3.26 -2.05
C ILE B 64 15.92 -3.71 -0.65
N ALA B 65 15.98 -5.03 -0.44
CA ALA B 65 16.26 -5.59 0.87
C ALA B 65 17.36 -6.64 0.82
N THR B 66 18.05 -6.76 1.96
CA THR B 66 19.09 -7.72 2.22
C THR B 66 18.61 -8.52 3.40
N ASN B 67 19.49 -9.41 3.88
CA ASN B 67 19.22 -10.23 5.06
C ASN B 67 19.10 -9.31 6.29
N GLN B 68 19.61 -8.09 6.24
CA GLN B 68 19.52 -7.15 7.37
C GLN B 68 18.29 -6.24 7.27
N GLY B 69 17.56 -6.27 6.16
CA GLY B 69 16.33 -5.50 6.08
C GLY B 69 16.31 -4.64 4.83
N VAL B 70 15.41 -3.69 4.84
CA VAL B 70 15.23 -2.79 3.72
C VAL B 70 16.36 -1.79 3.72
N VAL B 71 17.03 -1.54 2.61
CA VAL B 71 18.09 -0.54 2.59
C VAL B 71 17.65 0.70 1.84
N ALA B 72 16.58 0.60 1.03
CA ALA B 72 16.12 1.68 0.17
C ALA B 72 14.71 1.31 -0.31
N ASP B 73 13.89 2.34 -0.46
CA ASP B 73 12.50 2.19 -0.79
C ASP B 73 12.03 3.44 -1.56
N GLY B 74 10.91 3.29 -2.27
CA GLY B 74 10.32 4.41 -2.99
C GLY B 74 8.93 4.03 -3.45
N CYS B 75 8.29 4.89 -4.24
CA CYS B 75 6.98 4.50 -4.76
C CYS B 75 6.60 5.33 -5.97
N PHE B 76 5.60 4.82 -6.72
CA PHE B 76 4.82 5.68 -7.59
C PHE B 76 3.40 5.73 -7.05
N THR B 77 2.71 6.84 -7.32
CA THR B 77 1.29 6.96 -7.06
C THR B 77 0.67 7.71 -8.23
N TYR B 78 -0.59 7.37 -8.53
CA TYR B 78 -1.36 8.06 -9.54
C TYR B 78 -1.80 9.42 -8.97
N SER B 79 -2.20 10.33 -9.85
CA SER B 79 -2.56 11.68 -9.45
C SER B 79 -4.09 11.93 -9.46
N SER B 80 -4.88 10.85 -9.56
CA SER B 80 -6.34 10.92 -9.55
C SER B 80 -6.82 9.84 -8.63
N LYS B 81 -7.97 10.04 -8.01
CA LYS B 81 -8.45 9.09 -7.03
C LYS B 81 -8.80 7.78 -7.73
N VAL B 82 -9.56 7.92 -8.83
CA VAL B 82 -10.02 6.79 -9.59
C VAL B 82 -9.56 7.04 -11.01
N PRO B 83 -8.34 6.65 -11.36
CA PRO B 83 -7.81 7.00 -12.68
C PRO B 83 -8.74 6.44 -13.77
N GLU B 84 -8.91 7.19 -14.84
CA GLU B 84 -9.72 6.69 -15.94
C GLU B 84 -9.18 5.32 -16.43
N SER B 85 -7.88 5.21 -16.51
CA SER B 85 -7.21 3.97 -16.78
C SER B 85 -5.95 3.93 -15.92
N THR B 86 -5.57 2.76 -15.40
CA THR B 86 -4.34 2.65 -14.61
C THR B 86 -3.13 2.53 -15.54
N GLY B 87 -2.52 3.67 -15.83
CA GLY B 87 -1.44 3.75 -16.79
C GLY B 87 -0.15 3.11 -16.26
N ARG B 88 0.72 2.68 -17.18
CA ARG B 88 1.99 2.06 -16.80
C ARG B 88 2.98 3.12 -16.35
N MET B 89 3.54 2.95 -15.18
CA MET B 89 4.33 3.99 -14.51
C MET B 89 5.72 3.45 -14.17
N PRO B 90 6.69 3.67 -15.05
CA PRO B 90 8.07 3.15 -14.85
C PRO B 90 8.71 3.50 -13.53
N PHE B 91 9.42 2.54 -12.92
CA PHE B 91 10.02 2.71 -11.60
C PHE B 91 11.41 2.10 -11.59
N THR B 92 12.38 2.86 -11.10
CA THR B 92 13.74 2.35 -10.91
C THR B 92 14.24 2.78 -9.53
N LEU B 93 14.90 1.88 -8.80
CA LEU B 93 15.53 2.18 -7.53
C LEU B 93 16.99 1.70 -7.52
N VAL B 94 17.89 2.57 -7.07
CA VAL B 94 19.32 2.33 -7.05
C VAL B 94 19.86 2.49 -5.66
N ALA B 95 20.56 1.45 -5.17
CA ALA B 95 21.23 1.50 -3.89
C ALA B 95 22.59 0.84 -3.93
N THR B 96 23.50 1.36 -3.10
CA THR B 96 24.82 0.77 -3.01
C THR B 96 24.99 0.17 -1.61
N ILE B 97 25.22 -1.14 -1.50
CA ILE B 97 25.30 -1.79 -0.20
C ILE B 97 26.72 -2.33 0.05
N ASP B 98 27.05 -2.50 1.33
CA ASP B 98 28.30 -3.10 1.78
C ASP B 98 28.07 -4.60 2.05
N VAL B 99 28.80 -5.49 1.37
CA VAL B 99 28.63 -6.93 1.56
C VAL B 99 29.29 -7.40 2.84
N GLY B 100 30.42 -6.80 3.20
CA GLY B 100 31.17 -7.24 4.38
C GLY B 100 30.48 -6.98 5.72
N SER B 101 29.20 -6.56 5.72
CA SER B 101 28.42 -6.37 6.91
C SER B 101 27.72 -7.68 7.28
N GLY B 102 27.77 -8.73 6.41
CA GLY B 102 26.99 -9.95 6.56
C GLY B 102 25.77 -10.01 5.60
N VAL B 103 25.96 -9.49 4.39
CA VAL B 103 24.99 -9.64 3.32
C VAL B 103 25.22 -10.97 2.59
N THR B 104 24.19 -11.78 2.49
CA THR B 104 24.21 -13.02 1.73
C THR B 104 23.27 -12.93 0.55
N PHE B 105 22.28 -12.02 0.59
CA PHE B 105 21.29 -11.92 -0.48
C PHE B 105 20.77 -10.51 -0.63
N VAL B 106 20.25 -10.24 -1.83
CA VAL B 106 19.60 -9.00 -2.16
C VAL B 106 18.28 -9.35 -2.86
N LYS B 107 17.18 -8.68 -2.46
CA LYS B 107 15.89 -9.02 -3.05
C LYS B 107 15.04 -7.79 -3.30
N GLY B 108 14.10 -7.93 -4.23
CA GLY B 108 13.11 -6.90 -4.50
C GLY B 108 11.81 -7.18 -3.78
N GLN B 109 11.25 -6.14 -3.15
CA GLN B 109 10.00 -6.28 -2.41
C GLN B 109 8.98 -5.24 -2.87
N TRP B 110 7.71 -5.48 -2.57
CA TRP B 110 6.68 -4.47 -2.85
C TRP B 110 5.59 -4.50 -1.78
N LYS B 111 4.88 -3.38 -1.68
CA LYS B 111 3.86 -3.16 -0.66
C LYS B 111 2.82 -2.23 -1.27
N SER B 112 1.57 -2.47 -0.96
CA SER B 112 0.45 -1.71 -1.50
C SER B 112 0.44 -0.29 -0.94
N VAL B 113 0.06 0.66 -1.81
CA VAL B 113 -0.37 1.99 -1.37
C VAL B 113 -1.87 2.00 -1.24
N ARG B 114 -2.38 2.26 -0.04
CA ARG B 114 -3.84 2.39 0.16
C ARG B 114 -4.63 1.19 -0.41
N GLY B 115 -4.16 -0.02 -0.10
CA GLY B 115 -4.85 -1.25 -0.48
C GLY B 115 -4.75 -1.63 -1.96
N SER B 116 -3.91 -0.93 -2.72
CA SER B 116 -3.78 -1.19 -4.15
C SER B 116 -3.45 -2.66 -4.42
N ALA B 117 -3.96 -3.16 -5.52
CA ALA B 117 -3.47 -4.42 -6.03
C ALA B 117 -2.28 -4.14 -6.94
N MET B 118 -1.23 -4.94 -6.82
CA MET B 118 0.03 -4.62 -7.47
C MET B 118 0.22 -5.57 -8.66
N HIS B 119 0.67 -5.02 -9.80
CA HIS B 119 0.77 -5.82 -11.00
C HIS B 119 2.12 -5.65 -11.71
N ILE B 120 2.82 -6.78 -11.97
CA ILE B 120 3.92 -6.84 -12.94
C ILE B 120 3.56 -7.99 -13.86
N ASP B 121 3.41 -7.68 -15.15
CA ASP B 121 2.91 -8.64 -16.12
C ASP B 121 3.74 -8.57 -17.39
N SER B 122 4.97 -8.09 -17.24
CA SER B 122 5.93 -7.89 -18.32
C SER B 122 7.32 -7.96 -17.65
N TYR B 123 8.39 -7.71 -18.39
CA TYR B 123 9.76 -7.82 -17.92
C TYR B 123 10.04 -6.91 -16.72
N ALA B 124 10.80 -7.44 -15.74
CA ALA B 124 11.38 -6.61 -14.69
C ALA B 124 12.70 -7.27 -14.23
N SER B 125 13.61 -6.51 -13.58
CA SER B 125 14.97 -7.00 -13.37
C SER B 125 15.53 -6.49 -12.04
N LEU B 126 16.41 -7.30 -11.44
CA LEU B 126 17.20 -6.90 -10.29
C LEU B 126 18.64 -7.22 -10.66
N SER B 127 19.53 -6.23 -10.58
CA SER B 127 20.87 -6.33 -11.14
C SER B 127 21.85 -5.82 -10.10
N ALA B 128 23.10 -6.28 -10.17
CA ALA B 128 24.12 -5.75 -9.27
C ALA B 128 25.51 -5.80 -9.91
N ILE B 129 26.27 -4.76 -9.66
CA ILE B 129 27.66 -4.73 -10.04
C ILE B 129 28.54 -4.70 -8.79
N TRP B 130 29.55 -5.56 -8.77
CA TRP B 130 30.47 -5.61 -7.65
C TRP B 130 31.62 -4.62 -7.81
N GLY B 131 32.01 -4.00 -6.70
CA GLY B 131 33.20 -3.17 -6.65
C GLY B 131 33.72 -3.09 -5.21
N THR B 132 34.63 -2.15 -4.95
CA THR B 132 35.31 -2.01 -3.66
C THR B 132 35.09 -0.61 -3.08
N ALA B 133 35.25 -0.51 -1.76
CA ALA B 133 35.02 0.77 -1.07
C ALA B 133 35.86 1.91 -1.67
N MET C 3 38.28 -1.85 -8.38
CA MET C 3 36.95 -1.56 -8.97
C MET C 3 36.17 -0.57 -8.07
N PRO C 4 36.53 0.74 -7.99
CA PRO C 4 35.91 1.63 -6.98
C PRO C 4 34.46 2.07 -7.34
N LEU C 5 33.60 2.03 -6.30
CA LEU C 5 32.17 2.28 -6.43
C LEU C 5 31.84 3.47 -5.59
N LEU C 6 31.31 4.51 -6.20
CA LEU C 6 30.98 5.73 -5.46
C LEU C 6 29.47 5.79 -5.26
N SER C 7 29.07 6.34 -4.13
CA SER C 7 27.68 6.39 -3.81
C SER C 7 27.45 7.51 -2.80
N ALA C 8 26.37 8.30 -3.01
CA ALA C 8 25.84 9.17 -1.98
C ALA C 8 24.31 9.02 -1.93
N SER C 9 23.75 8.96 -0.74
CA SER C 9 22.34 8.75 -0.61
C SER C 9 21.77 9.75 0.40
N ILE C 10 20.48 10.14 0.26
CA ILE C 10 19.83 11.00 1.24
C ILE C 10 18.50 10.37 1.57
N VAL C 11 17.91 10.79 2.68
CA VAL C 11 16.55 10.34 3.04
C VAL C 11 15.52 11.49 2.95
N SER C 12 15.96 12.70 2.63
CA SER C 12 15.13 13.88 2.49
C SER C 12 15.98 15.05 2.02
N ALA C 13 15.34 16.06 1.45
CA ALA C 13 15.97 17.35 1.16
C ALA C 13 15.02 18.47 1.54
N PRO C 14 15.53 19.69 1.71
CA PRO C 14 14.68 20.87 1.88
C PRO C 14 13.80 21.16 0.67
N VAL C 15 12.63 21.75 0.90
CA VAL C 15 11.81 22.22 -0.19
C VAL C 15 12.49 23.42 -0.90
N VAL C 16 12.41 23.41 -2.23
CA VAL C 16 13.12 24.38 -3.03
C VAL C 16 12.23 24.84 -4.16
N THR C 17 12.28 26.14 -4.40
CA THR C 17 11.74 26.70 -5.62
C THR C 17 12.89 27.50 -6.27
N SER C 18 13.17 27.30 -7.55
CA SER C 18 14.33 27.91 -8.18
C SER C 18 14.13 27.98 -9.67
N GLU C 19 14.48 29.14 -10.24
CA GLU C 19 14.45 29.32 -11.68
C GLU C 19 15.73 28.81 -12.30
N THR C 20 16.74 28.46 -11.48
CA THR C 20 18.04 28.02 -11.97
C THR C 20 18.39 26.73 -11.26
N TYR C 21 19.30 25.96 -11.89
CA TYR C 21 19.77 24.72 -11.31
C TYR C 21 20.46 25.03 -9.98
N VAL C 22 20.08 24.34 -8.91
CA VAL C 22 20.73 24.43 -7.61
C VAL C 22 21.06 23.01 -7.16
N ASP C 23 22.00 22.90 -6.22
CA ASP C 23 22.49 21.61 -5.76
C ASP C 23 21.48 20.97 -4.83
N ILE C 24 21.21 19.68 -5.04
CA ILE C 24 20.45 18.94 -4.08
C ILE C 24 21.41 18.53 -2.96
N PRO C 25 21.23 19.05 -1.74
CA PRO C 25 22.17 18.77 -0.64
C PRO C 25 22.28 17.27 -0.47
N GLY C 26 23.56 16.82 -0.45
CA GLY C 26 23.92 15.46 -0.10
C GLY C 26 24.11 14.55 -1.31
N LEU C 27 23.82 15.06 -2.53
CA LEU C 27 23.99 14.27 -3.73
C LEU C 27 25.27 14.73 -4.45
N TYR C 28 26.41 14.33 -3.86
CA TYR C 28 27.70 14.84 -4.21
C TYR C 28 28.70 13.68 -4.16
N LEU C 29 29.47 13.54 -5.22
CA LEU C 29 30.53 12.56 -5.26
C LEU C 29 31.84 13.31 -5.46
N ASP C 30 32.78 13.16 -4.50
CA ASP C 30 34.14 13.63 -4.67
C ASP C 30 34.97 12.61 -5.48
N VAL C 31 35.16 12.87 -6.78
CA VAL C 31 35.94 11.98 -7.62
C VAL C 31 37.42 12.05 -7.21
N ALA C 32 37.93 13.26 -6.94
CA ALA C 32 39.32 13.45 -6.57
C ALA C 32 39.66 12.68 -5.28
N LYS C 33 38.90 12.90 -4.21
CA LYS C 33 39.20 12.28 -2.94
C LYS C 33 39.27 10.77 -3.10
N ALA C 34 38.56 10.21 -4.08
CA ALA C 34 38.63 8.78 -4.32
C ALA C 34 39.87 8.42 -5.15
N GLY C 35 40.71 9.41 -5.49
CA GLY C 35 41.92 9.17 -6.27
C GLY C 35 41.62 8.85 -7.72
N ILE C 36 40.48 9.31 -8.26
CA ILE C 36 40.17 9.09 -9.66
C ILE C 36 40.58 10.33 -10.46
N ARG C 37 41.49 10.14 -11.40
CA ARG C 37 42.04 11.24 -12.19
C ARG C 37 41.95 10.95 -13.69
N ASP C 38 41.59 9.71 -14.08
CA ASP C 38 41.49 9.35 -15.49
C ASP C 38 40.29 8.42 -15.66
N GLY C 39 39.90 8.13 -16.91
CA GLY C 39 38.93 7.08 -17.16
C GLY C 39 37.50 7.65 -17.23
N LYS C 40 36.52 6.74 -17.11
CA LYS C 40 35.13 7.09 -17.33
C LYS C 40 34.34 6.79 -16.06
N LEU C 41 33.37 7.66 -15.74
CA LEU C 41 32.40 7.30 -14.70
C LEU C 41 31.03 7.17 -15.33
N GLN C 42 30.35 6.06 -15.06
CA GLN C 42 28.93 5.94 -15.37
C GLN C 42 28.14 6.41 -14.15
N VAL C 43 27.44 7.55 -14.32
CA VAL C 43 26.73 8.16 -13.19
C VAL C 43 25.23 7.91 -13.30
N ILE C 44 24.62 7.49 -12.18
CA ILE C 44 23.18 7.37 -12.10
C ILE C 44 22.64 8.30 -11.02
N LEU C 45 21.80 9.27 -11.43
CA LEU C 45 20.97 10.01 -10.50
C LEU C 45 19.63 9.32 -10.38
N ASN C 46 19.32 8.80 -9.19
CA ASN C 46 18.07 8.11 -8.93
C ASN C 46 17.22 8.86 -7.92
N VAL C 47 16.07 9.41 -8.36
CA VAL C 47 15.13 10.07 -7.45
C VAL C 47 13.81 9.34 -7.60
N PRO C 48 13.64 8.24 -6.85
CA PRO C 48 12.52 7.34 -7.05
C PRO C 48 11.14 7.87 -6.66
N THR C 49 11.06 8.79 -5.68
CA THR C 49 9.75 9.23 -5.21
C THR C 49 9.59 10.76 -5.13
N PRO C 50 9.93 11.53 -6.16
CA PRO C 50 9.76 12.96 -6.13
C PRO C 50 8.31 13.41 -6.43
N TYR C 51 7.98 14.65 -6.03
CA TYR C 51 6.76 15.27 -6.49
C TYR C 51 6.98 16.77 -6.59
N ALA C 52 6.08 17.42 -7.31
CA ALA C 52 6.13 18.87 -7.45
C ALA C 52 4.78 19.48 -7.13
N THR C 53 4.78 20.70 -6.58
CA THR C 53 3.52 21.37 -6.29
C THR C 53 3.49 22.67 -7.08
N GLY C 54 2.30 22.96 -7.62
CA GLY C 54 2.11 24.22 -8.29
C GLY C 54 0.72 24.38 -8.92
N ASN C 55 0.59 25.47 -9.71
CA ASN C 55 -0.69 25.77 -10.32
C ASN C 55 -0.66 25.60 -11.83
N ASN C 56 0.47 25.23 -12.45
CA ASN C 56 0.52 25.30 -13.88
C ASN C 56 1.30 24.11 -14.42
N PHE C 57 0.69 22.91 -14.38
CA PHE C 57 1.31 21.71 -14.90
C PHE C 57 2.68 21.53 -14.27
N PRO C 58 2.72 21.25 -12.95
CA PRO C 58 3.98 21.21 -12.22
C PRO C 58 4.93 20.10 -12.64
N GLY C 59 6.21 20.32 -12.30
CA GLY C 59 7.26 19.35 -12.63
C GLY C 59 8.61 19.79 -12.04
N ILE C 60 9.62 18.94 -12.24
CA ILE C 60 10.98 19.20 -11.79
C ILE C 60 11.95 18.89 -12.92
N TYR C 61 12.91 19.78 -13.10
CA TYR C 61 14.07 19.52 -13.95
C TYR C 61 15.19 18.97 -13.07
N PHE C 62 15.85 17.90 -13.50
CA PHE C 62 16.99 17.32 -12.79
C PHE C 62 18.23 17.35 -13.68
N ALA C 63 19.40 17.56 -13.07
CA ALA C 63 20.65 17.52 -13.83
C ALA C 63 21.75 16.78 -13.08
N ILE C 64 22.64 16.16 -13.88
CA ILE C 64 23.92 15.70 -13.42
C ILE C 64 24.94 16.75 -13.83
N ALA C 65 25.71 17.24 -12.87
CA ALA C 65 26.71 18.27 -13.16
C ALA C 65 28.06 17.92 -12.53
N THR C 66 29.11 18.46 -13.16
CA THR C 66 30.50 18.36 -12.74
C THR C 66 30.95 19.79 -12.50
N ASN C 67 32.25 19.92 -12.23
CA ASN C 67 32.86 21.24 -12.05
C ASN C 67 32.86 21.99 -13.37
N GLN C 68 32.68 21.31 -14.51
CA GLN C 68 32.61 21.95 -15.83
C GLN C 68 31.17 22.34 -16.21
N GLY C 69 30.15 21.91 -15.45
CA GLY C 69 28.80 22.30 -15.77
C GLY C 69 27.90 21.08 -15.90
N VAL C 70 26.75 21.32 -16.52
CA VAL C 70 25.74 20.27 -16.63
C VAL C 70 26.14 19.31 -17.72
N VAL C 71 26.11 18.01 -17.51
CA VAL C 71 26.41 17.09 -18.60
C VAL C 71 25.13 16.43 -19.13
N ALA C 72 24.04 16.44 -18.36
CA ALA C 72 22.81 15.77 -18.73
C ALA C 72 21.67 16.30 -17.87
N ASP C 73 20.48 16.35 -18.46
CA ASP C 73 19.33 16.95 -17.81
C ASP C 73 18.06 16.25 -18.31
N GLY C 74 17.00 16.35 -17.51
CA GLY C 74 15.71 15.83 -17.90
C GLY C 74 14.64 16.37 -16.97
N CYS C 75 13.39 15.92 -17.16
CA CYS C 75 12.35 16.32 -16.25
C CYS C 75 11.20 15.32 -16.22
N PHE C 76 10.37 15.42 -15.17
CA PHE C 76 9.02 14.91 -15.25
C PHE C 76 8.06 16.11 -15.18
N THR C 77 6.87 15.96 -15.77
CA THR C 77 5.80 16.93 -15.62
C THR C 77 4.50 16.17 -15.45
N TYR C 78 3.56 16.81 -14.71
CA TYR C 78 2.22 16.26 -14.58
C TYR C 78 1.45 16.51 -15.88
N SER C 79 0.35 15.81 -16.09
CA SER C 79 -0.45 15.93 -17.28
C SER C 79 -1.76 16.72 -17.07
N SER C 80 -1.89 17.40 -15.92
CA SER C 80 -3.05 18.22 -15.58
C SER C 80 -2.50 19.51 -15.05
N LYS C 81 -3.28 20.59 -15.24
CA LYS C 81 -2.80 21.89 -14.83
C LYS C 81 -2.70 21.93 -13.29
N VAL C 82 -3.78 21.50 -12.64
CA VAL C 82 -3.89 21.46 -11.20
C VAL C 82 -4.23 20.03 -10.88
N PRO C 83 -3.22 19.17 -10.70
CA PRO C 83 -3.51 17.76 -10.44
C PRO C 83 -4.41 17.62 -9.22
N GLU C 84 -5.34 16.67 -9.29
CA GLU C 84 -6.13 16.37 -8.11
C GLU C 84 -5.26 16.08 -6.89
N SER C 85 -4.19 15.34 -7.09
CA SER C 85 -3.18 15.12 -6.10
C SER C 85 -1.83 15.06 -6.84
N THR C 86 -0.76 15.54 -6.24
CA THR C 86 0.56 15.51 -6.85
C THR C 86 1.20 14.16 -6.61
N GLY C 87 1.02 13.29 -7.59
CA GLY C 87 1.48 11.90 -7.46
C GLY C 87 3.00 11.78 -7.52
N ARG C 88 3.52 10.70 -6.91
CA ARG C 88 4.96 10.47 -6.92
C ARG C 88 5.40 9.92 -8.27
N MET C 89 6.41 10.57 -8.86
CA MET C 89 6.76 10.33 -10.26
C MET C 89 8.24 9.99 -10.33
N PRO C 90 8.58 8.69 -10.29
CA PRO C 90 9.97 8.23 -10.35
C PRO C 90 10.80 8.77 -11.48
N PHE C 91 12.07 9.11 -11.20
CA PHE C 91 12.95 9.74 -12.16
C PHE C 91 14.37 9.14 -12.04
N THR C 92 14.96 8.78 -13.18
CA THR C 92 16.33 8.33 -13.22
C THR C 92 17.04 9.00 -14.40
N LEU C 93 18.29 9.46 -14.18
CA LEU C 93 19.14 10.02 -15.23
C LEU C 93 20.49 9.32 -15.22
N VAL C 94 20.97 8.96 -16.41
CA VAL C 94 22.20 8.20 -16.58
C VAL C 94 23.10 8.95 -17.55
N ALA C 95 24.32 9.26 -17.09
CA ALA C 95 25.33 9.86 -17.95
C ALA C 95 26.70 9.20 -17.74
N THR C 96 27.47 9.18 -18.81
CA THR C 96 28.82 8.65 -18.71
C THR C 96 29.80 9.78 -18.97
N ILE C 97 30.68 10.10 -18.02
CA ILE C 97 31.55 11.27 -18.12
C ILE C 97 33.01 10.85 -18.20
N ASP C 98 33.85 11.77 -18.73
CA ASP C 98 35.29 11.59 -18.77
C ASP C 98 35.94 12.28 -17.58
N VAL C 99 36.71 11.56 -16.75
CA VAL C 99 37.39 12.16 -15.62
C VAL C 99 38.64 12.92 -16.07
N GLY C 100 39.31 12.37 -17.09
CA GLY C 100 40.52 13.00 -17.59
C GLY C 100 40.29 14.35 -18.30
N SER C 101 39.11 14.96 -18.19
CA SER C 101 38.94 16.29 -18.76
C SER C 101 39.10 17.34 -17.67
N GLY C 102 39.36 16.93 -16.41
CA GLY C 102 39.49 17.84 -15.27
C GLY C 102 38.27 17.84 -14.31
N VAL C 103 37.63 16.68 -14.17
CA VAL C 103 36.54 16.49 -13.26
C VAL C 103 37.05 16.18 -11.85
N THR C 104 36.53 16.95 -10.87
CA THR C 104 36.85 16.69 -9.47
C THR C 104 35.65 16.19 -8.70
N PHE C 105 34.44 16.53 -9.20
CA PHE C 105 33.21 16.20 -8.49
C PHE C 105 32.06 15.98 -9.47
N VAL C 106 31.06 15.26 -8.97
CA VAL C 106 29.82 15.05 -9.66
C VAL C 106 28.69 15.35 -8.67
N LYS C 107 27.69 16.13 -9.11
CA LYS C 107 26.60 16.47 -8.22
C LYS C 107 25.23 16.41 -8.92
N GLY C 108 24.21 16.24 -8.09
CA GLY C 108 22.83 16.28 -8.55
C GLY C 108 22.20 17.65 -8.33
N GLN C 109 21.49 18.14 -9.37
CA GLN C 109 20.90 19.46 -9.30
C GLN C 109 19.42 19.40 -9.67
N TRP C 110 18.68 20.45 -9.28
CA TRP C 110 17.29 20.53 -9.73
C TRP C 110 16.87 21.98 -9.96
N LYS C 111 15.79 22.13 -10.74
CA LYS C 111 15.29 23.43 -11.14
C LYS C 111 13.79 23.27 -11.33
N SER C 112 13.03 24.29 -10.96
CA SER C 112 11.60 24.26 -11.01
C SER C 112 11.11 24.28 -12.47
N VAL C 113 10.01 23.56 -12.71
CA VAL C 113 9.19 23.78 -13.89
C VAL C 113 8.05 24.70 -13.52
N ARG C 114 7.96 25.84 -14.19
CA ARG C 114 6.83 26.75 -14.01
C ARG C 114 6.57 27.11 -12.55
N GLY C 115 7.64 27.49 -11.84
CA GLY C 115 7.56 27.97 -10.46
C GLY C 115 7.25 26.88 -9.43
N SER C 116 7.24 25.60 -9.84
CA SER C 116 6.94 24.51 -8.94
C SER C 116 7.81 24.56 -7.69
N ALA C 117 7.24 24.09 -6.61
CA ALA C 117 8.05 23.73 -5.45
C ALA C 117 8.49 22.28 -5.59
N MET C 118 9.74 22.01 -5.27
CA MET C 118 10.35 20.71 -5.56
C MET C 118 10.50 19.93 -4.25
N HIS C 119 10.14 18.65 -4.26
CA HIS C 119 10.14 17.88 -3.02
C HIS C 119 10.85 16.53 -3.16
N ILE C 120 11.83 16.29 -2.27
CA ILE C 120 12.37 14.95 -2.00
C ILE C 120 12.25 14.77 -0.50
N ASP C 121 11.48 13.78 -0.06
CA ASP C 121 11.19 13.55 1.33
C ASP C 121 11.32 12.06 1.66
N SER C 122 12.12 11.37 0.86
CA SER C 122 12.34 9.93 0.95
C SER C 122 13.73 9.67 0.33
N TYR C 123 14.12 8.41 0.19
CA TYR C 123 15.41 8.02 -0.31
C TYR C 123 15.67 8.54 -1.70
N ALA C 124 16.91 9.01 -1.95
CA ALA C 124 17.38 9.30 -3.30
C ALA C 124 18.90 9.09 -3.33
N SER C 125 19.50 8.88 -4.50
CA SER C 125 20.86 8.41 -4.59
C SER C 125 21.56 8.96 -5.81
N LEU C 126 22.90 9.16 -5.67
CA LEU C 126 23.77 9.44 -6.79
C LEU C 126 24.89 8.41 -6.73
N SER C 127 25.14 7.70 -7.82
CA SER C 127 26.05 6.56 -7.82
C SER C 127 26.99 6.71 -9.01
N ALA C 128 28.17 6.06 -8.90
CA ALA C 128 29.10 6.05 -10.03
C ALA C 128 29.93 4.77 -10.05
N ILE C 129 30.12 4.25 -11.25
CA ILE C 129 31.00 3.11 -11.43
C ILE C 129 32.13 3.55 -12.37
N TRP C 130 33.36 3.26 -11.93
CA TRP C 130 34.52 3.62 -12.74
C TRP C 130 34.86 2.56 -13.78
N GLY C 131 35.29 3.01 -14.94
CA GLY C 131 35.80 2.12 -15.96
C GLY C 131 36.71 2.88 -16.93
N THR C 132 36.98 2.26 -18.08
CA THR C 132 37.79 2.84 -19.15
C THR C 132 37.01 2.72 -20.46
N ALA C 133 37.36 3.59 -21.44
CA ALA C 133 36.92 3.47 -22.85
C ALA C 133 37.14 2.03 -23.45
N MET D 3 0.39 -46.23 -13.97
CA MET D 3 -0.34 -45.10 -14.65
C MET D 3 0.48 -43.80 -14.60
N PRO D 4 1.24 -43.37 -15.65
CA PRO D 4 1.98 -42.09 -15.57
C PRO D 4 1.09 -40.82 -15.63
N LEU D 5 1.43 -39.84 -14.77
CA LEU D 5 0.65 -38.64 -14.53
C LEU D 5 1.50 -37.46 -14.96
N LEU D 6 1.01 -36.68 -15.91
CA LEU D 6 1.73 -35.49 -16.33
C LEU D 6 1.08 -34.26 -15.70
N SER D 7 1.88 -33.26 -15.38
CA SER D 7 1.32 -32.06 -14.78
C SER D 7 2.28 -30.91 -14.99
N ALA D 8 1.77 -29.70 -15.29
CA ALA D 8 2.54 -28.46 -15.24
C ALA D 8 1.68 -27.34 -14.65
N SER D 9 2.29 -26.50 -13.82
CA SER D 9 1.53 -25.48 -13.14
C SER D 9 2.26 -24.15 -13.26
N ILE D 10 1.54 -23.02 -13.25
CA ILE D 10 2.17 -21.69 -13.22
C ILE D 10 1.49 -20.89 -12.11
N VAL D 11 2.16 -19.83 -11.66
CA VAL D 11 1.54 -18.92 -10.70
C VAL D 11 1.22 -17.56 -11.31
N SER D 12 1.62 -17.35 -12.57
CA SER D 12 1.39 -16.11 -13.30
C SER D 12 1.77 -16.31 -14.77
N ALA D 13 1.26 -15.46 -15.64
CA ALA D 13 1.76 -15.35 -17.00
C ALA D 13 1.86 -13.87 -17.38
N PRO D 14 2.66 -13.53 -18.39
CA PRO D 14 2.68 -12.17 -18.91
C PRO D 14 1.35 -11.75 -19.53
N VAL D 15 1.06 -10.47 -19.52
CA VAL D 15 -0.10 -9.94 -20.23
C VAL D 15 0.07 -10.06 -21.75
N VAL D 16 -1.01 -10.47 -22.42
CA VAL D 16 -0.96 -10.77 -23.84
C VAL D 16 -2.17 -10.23 -24.55
N THR D 17 -1.93 -9.69 -25.73
CA THR D 17 -3.01 -9.43 -26.67
C THR D 17 -2.64 -10.13 -27.97
N SER D 18 -3.51 -10.97 -28.54
CA SER D 18 -3.18 -11.70 -29.76
C SER D 18 -4.45 -12.02 -30.52
N GLU D 19 -4.38 -11.88 -31.83
CA GLU D 19 -5.48 -12.29 -32.71
C GLU D 19 -5.36 -13.78 -33.05
N THR D 20 -4.25 -14.43 -32.67
CA THR D 20 -4.01 -15.83 -32.97
C THR D 20 -3.66 -16.54 -31.68
N TYR D 21 -3.88 -17.86 -31.70
CA TYR D 21 -3.55 -18.67 -30.55
C TYR D 21 -2.05 -18.56 -30.29
N VAL D 22 -1.65 -18.21 -29.07
CA VAL D 22 -0.25 -18.18 -28.66
C VAL D 22 -0.15 -19.02 -27.39
N ASP D 23 1.07 -19.48 -27.15
CA ASP D 23 1.34 -20.43 -26.08
C ASP D 23 1.34 -19.73 -24.75
N ILE D 24 0.66 -20.36 -23.77
CA ILE D 24 0.74 -19.83 -22.42
C ILE D 24 2.03 -20.38 -21.82
N PRO D 25 3.01 -19.52 -21.51
CA PRO D 25 4.31 -19.99 -21.01
C PRO D 25 4.05 -20.81 -19.77
N GLY D 26 4.67 -22.02 -19.78
CA GLY D 26 4.74 -22.93 -18.65
C GLY D 26 3.66 -23.98 -18.63
N LEU D 27 2.68 -23.88 -19.56
CA LEU D 27 1.62 -24.90 -19.64
C LEU D 27 1.94 -25.84 -20.81
N TYR D 28 2.91 -26.73 -20.53
CA TYR D 28 3.53 -27.58 -21.52
C TYR D 28 3.72 -28.96 -20.92
N LEU D 29 3.30 -29.98 -21.65
CA LEU D 29 3.53 -31.35 -21.24
C LEU D 29 4.36 -32.02 -22.31
N ASP D 30 5.57 -32.50 -21.91
CA ASP D 30 6.40 -33.28 -22.83
C ASP D 30 5.99 -34.75 -22.78
N VAL D 31 5.19 -35.21 -23.73
CA VAL D 31 4.71 -36.59 -23.75
C VAL D 31 5.88 -37.52 -24.08
N ALA D 32 6.70 -37.11 -25.06
CA ALA D 32 7.84 -37.90 -25.51
C ALA D 32 8.83 -38.14 -24.37
N LYS D 33 9.29 -37.09 -23.70
CA LYS D 33 10.26 -37.24 -22.63
C LYS D 33 9.78 -38.26 -21.61
N ALA D 34 8.47 -38.37 -21.44
CA ALA D 34 7.95 -39.34 -20.48
C ALA D 34 7.91 -40.75 -21.10
N GLY D 35 8.33 -40.89 -22.37
CA GLY D 35 8.29 -42.18 -23.05
C GLY D 35 6.87 -42.63 -23.34
N ILE D 36 5.96 -41.68 -23.57
CA ILE D 36 4.60 -42.06 -23.95
C ILE D 36 4.49 -41.95 -25.46
N ARG D 37 4.20 -43.10 -26.11
CA ARG D 37 4.21 -43.16 -27.56
C ARG D 37 2.94 -43.84 -28.09
N ASP D 38 2.13 -44.40 -27.21
CA ASP D 38 0.88 -45.05 -27.60
C ASP D 38 -0.19 -44.69 -26.55
N GLY D 39 -1.45 -45.00 -26.82
CA GLY D 39 -2.47 -44.88 -25.82
C GLY D 39 -3.18 -43.53 -25.86
N LYS D 40 -3.86 -43.19 -24.75
CA LYS D 40 -4.73 -42.03 -24.70
C LYS D 40 -4.26 -41.14 -23.56
N LEU D 41 -4.28 -39.82 -23.78
CA LEU D 41 -4.15 -38.90 -22.66
C LEU D 41 -5.45 -38.13 -22.46
N GLN D 42 -5.97 -38.14 -21.23
CA GLN D 42 -7.05 -37.26 -20.85
C GLN D 42 -6.45 -35.98 -20.30
N VAL D 43 -6.62 -34.86 -21.04
CA VAL D 43 -5.97 -33.61 -20.70
C VAL D 43 -6.96 -32.63 -20.10
N ILE D 44 -6.56 -31.98 -19.00
CA ILE D 44 -7.33 -30.90 -18.40
C ILE D 44 -6.50 -29.62 -18.39
N LEU D 45 -7.01 -28.60 -19.13
CA LEU D 45 -6.54 -27.23 -18.96
C LEU D 45 -7.39 -26.54 -17.92
N ASN D 46 -6.78 -26.19 -16.77
CA ASN D 46 -7.52 -25.52 -15.70
C ASN D 46 -7.01 -24.10 -15.45
N VAL D 47 -7.82 -23.09 -15.74
CA VAL D 47 -7.45 -21.70 -15.51
C VAL D 47 -8.50 -21.11 -14.61
N PRO D 48 -8.34 -21.29 -13.29
CA PRO D 48 -9.42 -20.99 -12.35
C PRO D 48 -9.74 -19.51 -12.13
N THR D 49 -8.77 -18.61 -12.28
CA THR D 49 -8.97 -17.19 -11.96
C THR D 49 -8.53 -16.24 -13.07
N PRO D 50 -8.87 -16.47 -14.35
CA PRO D 50 -8.53 -15.54 -15.41
C PRO D 50 -9.42 -14.30 -15.49
N TYR D 51 -8.94 -13.26 -16.17
CA TYR D 51 -9.82 -12.13 -16.51
C TYR D 51 -9.36 -11.50 -17.80
N ALA D 52 -10.25 -10.73 -18.41
CA ALA D 52 -9.93 -10.02 -19.65
C ALA D 52 -10.25 -8.56 -19.53
N THR D 53 -9.49 -7.70 -20.22
CA THR D 53 -9.79 -6.26 -20.17
C THR D 53 -10.00 -5.82 -21.61
N GLY D 54 -10.99 -4.93 -21.78
CA GLY D 54 -11.20 -4.34 -23.09
C GLY D 54 -12.44 -3.44 -23.12
N ASN D 55 -12.84 -3.05 -24.34
N ASN D 55 -12.84 -3.06 -24.34
CA ASN D 55 -13.95 -2.13 -24.47
CA ASN D 55 -13.94 -2.12 -24.49
C ASN D 55 -15.16 -2.74 -25.18
C ASN D 55 -15.16 -2.73 -25.18
N ASN D 56 -15.13 -4.00 -25.55
CA ASN D 56 -16.19 -4.53 -26.38
C ASN D 56 -16.46 -5.96 -25.97
N PHE D 57 -17.10 -6.11 -24.78
CA PHE D 57 -17.52 -7.41 -24.29
C PHE D 57 -16.31 -8.33 -24.26
N PRO D 58 -15.35 -8.05 -23.37
CA PRO D 58 -14.10 -8.80 -23.34
C PRO D 58 -14.23 -10.28 -22.98
N GLY D 59 -13.21 -11.04 -23.34
CA GLY D 59 -13.12 -12.46 -23.08
C GLY D 59 -11.79 -13.05 -23.54
N ILE D 60 -11.61 -14.35 -23.31
CA ILE D 60 -10.44 -15.10 -23.71
C ILE D 60 -10.91 -16.40 -24.34
N TYR D 61 -10.26 -16.74 -25.47
CA TYR D 61 -10.35 -18.04 -26.06
C TYR D 61 -9.19 -18.88 -25.52
N PHE D 62 -9.46 -20.12 -25.08
CA PHE D 62 -8.43 -21.03 -24.63
C PHE D 62 -8.43 -22.29 -25.49
N ALA D 63 -7.24 -22.87 -25.71
CA ALA D 63 -7.15 -24.11 -26.48
C ALA D 63 -6.16 -25.09 -25.87
N ILE D 64 -6.46 -26.38 -26.08
CA ILE D 64 -5.51 -27.45 -25.89
C ILE D 64 -4.96 -27.84 -27.25
N ALA D 65 -3.63 -27.82 -27.37
CA ALA D 65 -3.01 -28.14 -28.66
C ALA D 65 -1.88 -29.15 -28.49
N THR D 66 -1.66 -29.89 -29.58
CA THR D 66 -0.58 -30.86 -29.73
C THR D 66 0.29 -30.35 -30.86
N ASN D 67 1.26 -31.17 -31.23
CA ASN D 67 2.16 -30.90 -32.35
C ASN D 67 1.37 -30.86 -33.64
N GLN D 68 0.18 -31.48 -33.69
CA GLN D 68 -0.64 -31.49 -34.90
C GLN D 68 -1.65 -30.32 -34.92
N GLY D 69 -1.84 -29.61 -33.82
CA GLY D 69 -2.73 -28.45 -33.86
C GLY D 69 -3.69 -28.46 -32.68
N VAL D 70 -4.72 -27.64 -32.79
CA VAL D 70 -5.69 -27.49 -31.73
C VAL D 70 -6.61 -28.68 -31.70
N VAL D 71 -6.83 -29.29 -30.54
CA VAL D 71 -7.76 -30.41 -30.50
C VAL D 71 -9.07 -30.01 -29.83
N ALA D 72 -9.09 -28.91 -29.08
CA ALA D 72 -10.26 -28.46 -28.35
C ALA D 72 -10.08 -26.99 -27.96
N ASP D 73 -11.20 -26.25 -27.93
CA ASP D 73 -11.14 -24.84 -27.67
C ASP D 73 -12.45 -24.42 -26.99
N GLY D 74 -12.39 -23.29 -26.29
CA GLY D 74 -13.59 -22.68 -25.77
C GLY D 74 -13.32 -21.25 -25.36
N CYS D 75 -14.29 -20.62 -24.69
CA CYS D 75 -14.00 -19.28 -24.18
C CYS D 75 -14.94 -18.90 -23.05
N PHE D 76 -14.56 -17.86 -22.32
CA PHE D 76 -15.50 -17.08 -21.54
C PHE D 76 -15.60 -15.69 -22.18
N THR D 77 -16.74 -15.04 -22.02
CA THR D 77 -16.95 -13.64 -22.36
C THR D 77 -17.78 -13.00 -21.26
N TYR D 78 -17.58 -11.68 -21.07
CA TYR D 78 -18.39 -10.93 -20.11
C TYR D 78 -19.76 -10.64 -20.76
N SER D 79 -20.73 -10.23 -19.95
CA SER D 79 -22.08 -10.00 -20.44
C SER D 79 -22.45 -8.52 -20.55
N SER D 80 -21.45 -7.64 -20.41
CA SER D 80 -21.60 -6.19 -20.51
C SER D 80 -20.49 -5.72 -21.41
N LYS D 81 -20.71 -4.61 -22.11
CA LYS D 81 -19.73 -4.15 -23.07
C LYS D 81 -18.48 -3.66 -22.33
N VAL D 82 -18.70 -2.85 -21.29
CA VAL D 82 -17.64 -2.26 -20.51
C VAL D 82 -17.97 -2.65 -19.06
N PRO D 83 -17.54 -3.82 -18.62
CA PRO D 83 -17.87 -4.26 -17.28
C PRO D 83 -17.45 -3.24 -16.24
N GLU D 84 -18.27 -3.08 -15.22
CA GLU D 84 -17.90 -2.19 -14.13
C GLU D 84 -16.55 -2.60 -13.52
N SER D 85 -16.35 -3.89 -13.38
CA SER D 85 -15.09 -4.48 -12.99
C SER D 85 -14.96 -5.78 -13.78
N THR D 86 -13.75 -6.13 -14.20
CA THR D 86 -13.53 -7.36 -14.93
C THR D 86 -13.37 -8.51 -13.95
N GLY D 87 -14.48 -9.18 -13.70
CA GLY D 87 -14.55 -10.20 -12.66
C GLY D 87 -13.81 -11.46 -13.10
N ARG D 88 -13.36 -12.25 -12.10
CA ARG D 88 -12.61 -13.46 -12.39
C ARG D 88 -13.57 -14.55 -12.83
N MET D 89 -13.28 -15.17 -13.96
CA MET D 89 -14.20 -16.07 -14.62
C MET D 89 -13.54 -17.42 -14.85
N PRO D 90 -13.74 -18.37 -13.94
CA PRO D 90 -13.12 -19.70 -14.03
C PRO D 90 -13.35 -20.45 -15.34
N PHE D 91 -12.32 -21.14 -15.83
CA PHE D 91 -12.36 -21.83 -17.10
C PHE D 91 -11.67 -23.19 -17.01
N THR D 92 -12.35 -24.25 -17.51
CA THR D 92 -11.73 -25.55 -17.58
C THR D 92 -12.03 -26.16 -18.95
N LEU D 93 -11.02 -26.77 -19.60
CA LEU D 93 -11.21 -27.51 -20.85
C LEU D 93 -10.63 -28.91 -20.72
N VAL D 94 -11.43 -29.90 -21.16
CA VAL D 94 -11.08 -31.30 -21.08
C VAL D 94 -11.12 -31.91 -22.48
N ALA D 95 -9.99 -32.53 -22.85
CA ALA D 95 -9.94 -33.28 -24.09
C ALA D 95 -9.19 -34.61 -23.93
N THR D 96 -9.57 -35.58 -24.74
CA THR D 96 -8.89 -36.85 -24.74
C THR D 96 -8.22 -37.03 -26.08
N ILE D 97 -6.89 -37.20 -26.11
CA ILE D 97 -6.16 -37.31 -27.35
C ILE D 97 -5.52 -38.71 -27.47
N ASP D 98 -5.25 -39.09 -28.73
CA ASP D 98 -4.53 -40.31 -29.05
C ASP D 98 -3.05 -40.00 -29.23
N VAL D 99 -2.17 -40.63 -28.43
CA VAL D 99 -0.73 -40.42 -28.54
C VAL D 99 -0.18 -41.16 -29.76
N GLY D 100 -0.76 -42.33 -30.07
CA GLY D 100 -0.38 -43.11 -31.22
C GLY D 100 -0.54 -42.41 -32.58
N SER D 101 -1.01 -41.16 -32.62
CA SER D 101 -1.18 -40.46 -33.88
C SER D 101 0.11 -39.68 -34.21
N GLY D 102 1.09 -39.61 -33.29
CA GLY D 102 2.33 -38.86 -33.48
C GLY D 102 2.42 -37.61 -32.59
N VAL D 103 1.87 -37.70 -31.38
CA VAL D 103 1.92 -36.65 -30.39
C VAL D 103 3.22 -36.73 -29.59
N THR D 104 3.93 -35.60 -29.51
CA THR D 104 5.12 -35.46 -28.69
C THR D 104 4.86 -34.50 -27.54
N PHE D 105 3.87 -33.59 -27.69
CA PHE D 105 3.63 -32.58 -26.68
C PHE D 105 2.17 -32.17 -26.64
N VAL D 106 1.80 -31.60 -25.48
CA VAL D 106 0.51 -31.00 -25.26
C VAL D 106 0.74 -29.63 -24.65
N LYS D 107 0.06 -28.60 -25.19
CA LYS D 107 0.25 -27.26 -24.64
C LYS D 107 -1.05 -26.49 -24.52
N GLY D 108 -1.04 -25.50 -23.61
CA GLY D 108 -2.16 -24.59 -23.45
C GLY D 108 -1.96 -23.30 -24.24
N GLN D 109 -3.01 -22.88 -24.99
CA GLN D 109 -2.92 -21.64 -25.75
C GLN D 109 -4.04 -20.67 -25.39
N TRP D 110 -3.85 -19.40 -25.76
CA TRP D 110 -4.95 -18.44 -25.59
C TRP D 110 -4.95 -17.42 -26.74
N LYS D 111 -6.10 -16.80 -26.94
CA LYS D 111 -6.30 -15.86 -28.03
C LYS D 111 -7.34 -14.87 -27.55
N SER D 112 -7.15 -13.61 -27.93
CA SER D 112 -8.00 -12.53 -27.50
C SER D 112 -9.40 -12.65 -28.11
N VAL D 113 -10.40 -12.28 -27.30
CA VAL D 113 -11.73 -12.00 -27.84
C VAL D 113 -11.85 -10.51 -28.05
N ARG D 114 -12.07 -10.09 -29.29
CA ARG D 114 -12.30 -8.68 -29.60
C ARG D 114 -11.21 -7.77 -29.00
N GLY D 115 -9.93 -8.14 -29.23
CA GLY D 115 -8.83 -7.27 -28.86
C GLY D 115 -8.49 -7.30 -27.36
N SER D 116 -9.15 -8.16 -26.59
CA SER D 116 -8.97 -8.17 -25.15
C SER D 116 -7.49 -8.34 -24.79
N ALA D 117 -7.11 -7.76 -23.67
CA ALA D 117 -5.87 -8.14 -23.03
C ALA D 117 -6.15 -9.32 -22.09
N MET D 118 -5.26 -10.30 -22.13
CA MET D 118 -5.50 -11.55 -21.40
C MET D 118 -4.64 -11.60 -20.15
N HIS D 119 -5.22 -12.02 -19.03
CA HIS D 119 -4.51 -12.00 -17.76
C HIS D 119 -4.67 -13.33 -16.99
N ILE D 120 -3.52 -13.95 -16.61
CA ILE D 120 -3.46 -14.98 -15.59
C ILE D 120 -2.37 -14.49 -14.66
N ASP D 121 -2.72 -14.26 -13.38
CA ASP D 121 -1.87 -13.66 -12.42
C ASP D 121 -1.96 -14.44 -11.10
N SER D 122 -2.35 -15.71 -11.22
CA SER D 122 -2.55 -16.61 -10.11
C SER D 122 -2.35 -18.03 -10.70
N TYR D 123 -2.55 -19.06 -9.85
CA TYR D 123 -2.32 -20.43 -10.25
C TYR D 123 -3.13 -20.87 -11.47
N ALA D 124 -2.51 -21.66 -12.36
CA ALA D 124 -3.21 -22.39 -13.38
C ALA D 124 -2.46 -23.68 -13.71
N SER D 125 -3.11 -24.70 -14.31
CA SER D 125 -2.51 -25.99 -14.49
C SER D 125 -2.88 -26.61 -15.84
N LEU D 126 -1.98 -27.47 -16.33
CA LEU D 126 -2.24 -28.36 -17.45
C LEU D 126 -1.85 -29.75 -16.98
N SER D 127 -2.76 -30.71 -17.06
CA SER D 127 -2.57 -32.01 -16.40
C SER D 127 -3.00 -33.10 -17.39
N ALA D 128 -2.46 -34.32 -17.25
CA ALA D 128 -2.88 -35.41 -18.14
C ALA D 128 -2.76 -36.77 -17.47
N ILE D 129 -3.73 -37.61 -17.72
CA ILE D 129 -3.71 -38.97 -17.23
C ILE D 129 -3.67 -39.93 -18.42
N TRP D 130 -2.71 -40.85 -18.34
CA TRP D 130 -2.52 -41.82 -19.40
C TRP D 130 -3.41 -43.03 -19.20
N GLY D 131 -3.93 -43.53 -20.32
CA GLY D 131 -4.68 -44.78 -20.31
C GLY D 131 -4.65 -45.41 -21.70
N THR D 132 -5.53 -46.39 -21.93
CA THR D 132 -5.54 -47.19 -23.15
C THR D 132 -6.89 -47.06 -23.86
N ALA D 133 -6.83 -47.29 -25.18
CA ALA D 133 -8.01 -47.33 -26.07
C ALA D 133 -9.34 -47.09 -25.31
N PRO E 4 -8.07 -47.89 -19.67
CA PRO E 4 -9.41 -47.78 -20.26
C PRO E 4 -10.02 -46.37 -20.07
N LEU E 5 -9.92 -45.54 -21.13
CA LEU E 5 -10.27 -44.11 -21.05
C LEU E 5 -11.43 -43.89 -22.00
N LEU E 6 -12.56 -43.44 -21.45
CA LEU E 6 -13.74 -43.26 -22.27
C LEU E 6 -13.93 -41.79 -22.56
N SER E 7 -14.38 -41.49 -23.77
CA SER E 7 -14.49 -40.10 -24.15
C SER E 7 -15.52 -39.95 -25.25
N ALA E 8 -16.38 -38.94 -25.13
CA ALA E 8 -17.25 -38.54 -26.24
C ALA E 8 -17.26 -37.02 -26.34
N SER E 9 -17.13 -36.53 -27.56
CA SER E 9 -16.99 -35.10 -27.73
C SER E 9 -17.90 -34.63 -28.86
N ILE E 10 -18.40 -33.39 -28.78
CA ILE E 10 -19.23 -32.82 -29.83
C ILE E 10 -18.66 -31.47 -30.21
N VAL E 11 -19.04 -30.97 -31.39
CA VAL E 11 -18.66 -29.61 -31.79
C VAL E 11 -19.85 -28.65 -31.81
N SER E 12 -21.06 -29.15 -31.54
CA SER E 12 -22.29 -28.36 -31.53
C SER E 12 -23.40 -29.26 -31.00
N ALA E 13 -24.51 -28.64 -30.57
CA ALA E 13 -25.74 -29.36 -30.30
C ALA E 13 -26.93 -28.55 -30.82
N PRO E 14 -28.11 -29.16 -30.99
CA PRO E 14 -29.29 -28.38 -31.32
C PRO E 14 -29.71 -27.43 -30.20
N VAL E 15 -30.35 -26.31 -30.54
CA VAL E 15 -30.97 -25.50 -29.51
C VAL E 15 -32.15 -26.24 -28.85
N VAL E 16 -32.26 -26.10 -27.53
CA VAL E 16 -33.23 -26.82 -26.75
C VAL E 16 -33.79 -25.93 -25.67
N THR E 17 -35.10 -26.07 -25.45
CA THR E 17 -35.74 -25.51 -24.29
C THR E 17 -36.50 -26.67 -23.63
N SER E 18 -36.33 -26.90 -22.32
CA SER E 18 -36.91 -28.06 -21.68
C SER E 18 -37.12 -27.78 -20.20
N GLU E 19 -38.27 -28.18 -19.67
CA GLU E 19 -38.54 -28.06 -18.25
C GLU E 19 -38.02 -29.31 -17.55
N THR E 20 -37.58 -30.32 -18.29
CA THR E 20 -37.08 -31.57 -17.72
C THR E 20 -35.70 -31.86 -18.33
N TYR E 21 -34.94 -32.65 -17.60
CA TYR E 21 -33.63 -33.05 -18.06
C TYR E 21 -33.80 -33.85 -19.36
N VAL E 22 -33.09 -33.43 -20.42
CA VAL E 22 -33.06 -34.12 -21.68
C VAL E 22 -31.62 -34.35 -22.04
N ASP E 23 -31.36 -35.32 -22.90
CA ASP E 23 -30.03 -35.76 -23.25
C ASP E 23 -29.38 -34.77 -24.19
N ILE E 24 -28.13 -34.41 -23.92
CA ILE E 24 -27.37 -33.65 -24.88
C ILE E 24 -26.89 -34.64 -25.94
N PRO E 25 -27.35 -34.52 -27.19
CA PRO E 25 -26.99 -35.50 -28.23
C PRO E 25 -25.48 -35.52 -28.32
N GLY E 26 -24.94 -36.75 -28.27
CA GLY E 26 -23.53 -37.02 -28.54
C GLY E 26 -22.70 -37.14 -27.29
N LEU E 27 -23.28 -36.81 -26.11
CA LEU E 27 -22.53 -36.92 -24.87
C LEU E 27 -23.01 -38.16 -24.13
N TYR E 28 -22.51 -39.31 -24.63
CA TYR E 28 -22.93 -40.64 -24.22
C TYR E 28 -21.72 -41.54 -24.15
N LEU E 29 -21.58 -42.25 -23.03
CA LEU E 29 -20.54 -43.26 -22.89
C LEU E 29 -21.19 -44.60 -22.64
N ASP E 30 -20.93 -45.57 -23.53
CA ASP E 30 -21.35 -46.95 -23.34
C ASP E 30 -20.34 -47.69 -22.46
N VAL E 31 -20.63 -47.82 -21.17
CA VAL E 31 -19.76 -48.49 -20.22
C VAL E 31 -19.70 -49.98 -20.55
N ALA E 32 -20.87 -50.58 -20.82
CA ALA E 32 -20.97 -52.01 -21.12
C ALA E 32 -20.12 -52.37 -22.33
N LYS E 33 -20.32 -51.69 -23.47
CA LYS E 33 -19.59 -52.04 -24.67
C LYS E 33 -18.10 -52.04 -24.42
N ALA E 34 -17.63 -51.22 -23.48
CA ALA E 34 -16.21 -51.22 -23.17
C ALA E 34 -15.84 -52.37 -22.22
N GLY E 35 -16.81 -53.21 -21.85
CA GLY E 35 -16.58 -54.35 -20.97
C GLY E 35 -16.31 -53.91 -19.54
N ILE E 36 -16.87 -52.77 -19.13
CA ILE E 36 -16.75 -52.36 -17.74
C ILE E 36 -18.01 -52.79 -17.01
N ARG E 37 -17.84 -53.65 -16.00
CA ARG E 37 -18.94 -54.24 -15.27
C ARG E 37 -18.76 -54.06 -13.77
N ASP E 38 -17.59 -53.59 -13.34
CA ASP E 38 -17.29 -53.44 -11.91
C ASP E 38 -16.46 -52.16 -11.76
N GLY E 39 -16.28 -51.71 -10.52
CA GLY E 39 -15.29 -50.68 -10.27
C GLY E 39 -15.92 -49.28 -10.28
N LYS E 40 -15.07 -48.25 -10.45
CA LYS E 40 -15.52 -46.86 -10.33
C LYS E 40 -15.20 -46.14 -11.63
N LEU E 41 -16.13 -45.25 -12.07
CA LEU E 41 -15.76 -44.31 -13.11
C LEU E 41 -15.75 -42.89 -12.56
N GLN E 42 -14.66 -42.17 -12.80
CA GLN E 42 -14.62 -40.74 -12.54
C GLN E 42 -15.06 -40.00 -13.81
N VAL E 43 -16.24 -39.39 -13.76
CA VAL E 43 -16.85 -38.78 -14.93
C VAL E 43 -16.74 -37.26 -14.91
N ILE E 44 -16.31 -36.67 -16.03
CA ILE E 44 -16.27 -35.22 -16.18
C ILE E 44 -17.17 -34.81 -17.34
N LEU E 45 -18.21 -34.02 -17.03
CA LEU E 45 -18.95 -33.28 -18.04
C LEU E 45 -18.33 -31.91 -18.19
N ASN E 46 -17.74 -31.64 -19.36
CA ASN E 46 -17.11 -30.36 -19.63
C ASN E 46 -17.84 -29.60 -20.75
N VAL E 47 -18.46 -28.47 -20.42
CA VAL E 47 -19.12 -27.62 -21.38
C VAL E 47 -18.49 -26.24 -21.28
N PRO E 48 -17.35 -26.05 -21.98
CA PRO E 48 -16.54 -24.88 -21.76
C PRO E 48 -17.13 -23.56 -22.27
N THR E 49 -17.94 -23.58 -23.34
CA THR E 49 -18.42 -22.34 -23.95
C THR E 49 -19.96 -22.26 -24.11
N PRO E 50 -20.75 -22.59 -23.10
CA PRO E 50 -22.20 -22.53 -23.20
C PRO E 50 -22.77 -21.11 -23.02
N TYR E 51 -24.03 -20.91 -23.45
CA TYR E 51 -24.76 -19.70 -23.08
C TYR E 51 -26.25 -20.01 -23.05
N ALA E 52 -27.00 -19.12 -22.40
CA ALA E 52 -28.44 -19.25 -22.36
C ALA E 52 -29.11 -17.96 -22.82
N THR E 53 -30.29 -18.07 -23.41
CA THR E 53 -31.04 -16.88 -23.82
C THR E 53 -32.39 -16.88 -23.10
N GLY E 54 -32.80 -15.71 -22.64
CA GLY E 54 -34.14 -15.58 -22.09
C GLY E 54 -34.41 -14.20 -21.52
N ASN E 55 -35.53 -14.09 -20.79
CA ASN E 55 -35.92 -12.75 -20.28
C ASN E 55 -35.95 -12.72 -18.76
N ASN E 56 -35.56 -13.79 -18.05
CA ASN E 56 -35.71 -13.76 -16.61
C ASN E 56 -34.50 -14.44 -15.97
N PHE E 57 -33.36 -13.76 -16.00
CA PHE E 57 -32.13 -14.26 -15.38
C PHE E 57 -31.82 -15.64 -15.92
N PRO E 58 -31.48 -15.74 -17.20
CA PRO E 58 -31.28 -17.03 -17.83
C PRO E 58 -30.13 -17.87 -17.26
N GLY E 59 -30.20 -19.16 -17.58
CA GLY E 59 -29.17 -20.11 -17.18
C GLY E 59 -29.50 -21.53 -17.69
N ILE E 60 -28.58 -22.46 -17.40
CA ILE E 60 -28.72 -23.85 -17.77
C ILE E 60 -28.42 -24.74 -16.57
N TYR E 61 -29.27 -25.74 -16.38
CA TYR E 61 -29.01 -26.83 -15.47
C TYR E 61 -28.36 -27.97 -16.24
N PHE E 62 -27.26 -28.52 -15.71
CA PHE E 62 -26.58 -29.65 -16.31
C PHE E 62 -26.56 -30.84 -15.38
N ALA E 63 -26.61 -32.06 -15.94
CA ALA E 63 -26.56 -33.27 -15.11
C ALA E 63 -25.74 -34.36 -15.75
N ILE E 64 -25.12 -35.17 -14.86
CA ILE E 64 -24.55 -36.45 -15.22
C ILE E 64 -25.54 -37.51 -14.82
N ALA E 65 -25.91 -38.38 -15.76
CA ALA E 65 -26.86 -39.44 -15.48
C ALA E 65 -26.39 -40.78 -16.00
N THR E 66 -26.90 -41.83 -15.35
CA THR E 66 -26.69 -43.24 -15.66
C THR E 66 -28.07 -43.79 -15.97
N ASN E 67 -28.10 -45.11 -16.17
CA ASN E 67 -29.34 -45.84 -16.41
C ASN E 67 -30.24 -45.74 -15.18
N GLN E 68 -29.67 -45.45 -13.98
CA GLN E 68 -30.47 -45.35 -12.76
C GLN E 68 -30.95 -43.91 -12.48
N GLY E 69 -30.48 -42.93 -13.24
CA GLY E 69 -30.96 -41.59 -13.05
C GLY E 69 -29.80 -40.61 -12.90
N VAL E 70 -30.15 -39.43 -12.42
CA VAL E 70 -29.18 -38.36 -12.27
C VAL E 70 -28.32 -38.66 -11.06
N VAL E 71 -27.00 -38.57 -11.18
CA VAL E 71 -26.17 -38.77 -10.00
C VAL E 71 -25.61 -37.44 -9.51
N ALA E 72 -25.61 -36.39 -10.35
CA ALA E 72 -25.00 -35.11 -10.02
C ALA E 72 -25.56 -34.04 -10.95
N ASP E 73 -25.71 -32.83 -10.44
CA ASP E 73 -26.33 -31.76 -11.18
C ASP E 73 -25.74 -30.42 -10.72
N GLY E 74 -25.82 -29.42 -11.59
CA GLY E 74 -25.43 -28.07 -11.23
C GLY E 74 -26.01 -27.06 -12.22
N CYS E 75 -25.63 -25.80 -12.12
CA CYS E 75 -26.08 -24.83 -13.11
C CYS E 75 -25.17 -23.62 -13.14
N PHE E 76 -25.26 -22.87 -14.24
CA PHE E 76 -24.83 -21.47 -14.22
C PHE E 76 -26.07 -20.61 -14.42
N THR E 77 -26.07 -19.40 -13.87
CA THR E 77 -27.08 -18.39 -14.13
C THR E 77 -26.41 -17.04 -14.32
N TYR E 78 -27.05 -16.18 -15.11
CA TYR E 78 -26.59 -14.80 -15.28
C TYR E 78 -27.01 -14.00 -14.05
N SER E 79 -26.40 -12.83 -13.89
CA SER E 79 -26.66 -11.98 -12.75
C SER E 79 -27.46 -10.72 -13.11
N SER E 80 -28.07 -10.71 -14.30
CA SER E 80 -28.94 -9.63 -14.77
C SER E 80 -30.17 -10.29 -15.33
N LYS E 81 -31.29 -9.59 -15.26
CA LYS E 81 -32.54 -10.18 -15.71
C LYS E 81 -32.49 -10.39 -17.22
N VAL E 82 -32.07 -9.35 -17.93
CA VAL E 82 -31.96 -9.33 -19.36
C VAL E 82 -30.54 -8.89 -19.62
N PRO E 83 -29.60 -9.83 -19.68
CA PRO E 83 -28.22 -9.46 -19.89
C PRO E 83 -28.08 -8.64 -21.17
N GLU E 84 -27.20 -7.65 -21.13
CA GLU E 84 -26.88 -6.90 -22.32
C GLU E 84 -26.43 -7.82 -23.45
N SER E 85 -25.64 -8.82 -23.11
CA SER E 85 -25.27 -9.87 -24.04
C SER E 85 -25.21 -11.17 -23.23
N THR E 86 -25.56 -12.29 -23.82
CA THR E 86 -25.47 -13.59 -23.17
C THR E 86 -24.05 -14.12 -23.27
N GLY E 87 -23.26 -13.79 -22.25
CA GLY E 87 -21.84 -14.13 -22.26
C GLY E 87 -21.62 -15.64 -22.11
N ARG E 88 -20.47 -16.11 -22.60
CA ARG E 88 -20.12 -17.51 -22.49
C ARG E 88 -19.65 -17.82 -21.08
N MET E 89 -20.27 -18.83 -20.47
CA MET E 89 -20.10 -19.12 -19.06
C MET E 89 -19.63 -20.56 -18.88
N PRO E 90 -18.32 -20.80 -18.81
CA PRO E 90 -17.77 -22.16 -18.67
C PRO E 90 -18.32 -23.00 -17.52
N PHE E 91 -18.61 -24.28 -17.77
CA PHE E 91 -19.21 -25.18 -16.81
C PHE E 91 -18.53 -26.56 -16.83
N THR E 92 -18.19 -27.06 -15.64
CA THR E 92 -17.67 -28.40 -15.48
C THR E 92 -18.39 -29.09 -14.32
N LEU E 93 -18.77 -30.36 -14.49
CA LEU E 93 -19.32 -31.20 -13.43
C LEU E 93 -18.54 -32.51 -13.34
N VAL E 94 -18.20 -32.90 -12.10
CA VAL E 94 -17.40 -34.08 -11.84
C VAL E 94 -18.15 -34.97 -10.85
N ALA E 95 -18.31 -36.24 -11.25
CA ALA E 95 -18.87 -37.23 -10.36
C ALA E 95 -18.13 -38.55 -10.47
N THR E 96 -18.17 -39.29 -9.38
CA THR E 96 -17.58 -40.62 -9.38
C THR E 96 -18.70 -41.63 -9.18
N ILE E 97 -18.90 -42.56 -10.10
CA ILE E 97 -19.98 -43.53 -10.01
C ILE E 97 -19.45 -44.95 -9.80
N ASP E 98 -20.31 -45.80 -9.23
CA ASP E 98 -20.03 -47.22 -9.07
C ASP E 98 -20.62 -48.00 -10.26
N VAL E 99 -19.80 -48.71 -11.04
CA VAL E 99 -20.29 -49.47 -12.19
C VAL E 99 -20.97 -50.76 -11.74
N GLY E 100 -20.47 -51.36 -10.64
CA GLY E 100 -21.07 -52.54 -10.09
C GLY E 100 -22.39 -52.21 -9.37
N SER E 101 -23.29 -51.50 -10.03
CA SER E 101 -24.59 -51.18 -9.46
C SER E 101 -25.66 -51.58 -10.48
N GLY E 102 -25.27 -51.98 -11.73
CA GLY E 102 -26.17 -51.98 -12.90
C GLY E 102 -25.96 -50.78 -13.85
N VAL E 103 -24.76 -50.16 -13.87
CA VAL E 103 -24.49 -49.10 -14.79
C VAL E 103 -24.04 -49.65 -16.14
N THR E 104 -24.73 -49.25 -17.21
CA THR E 104 -24.40 -49.65 -18.56
C THR E 104 -24.00 -48.42 -19.36
N PHE E 105 -24.43 -47.20 -18.91
CA PHE E 105 -24.14 -45.99 -19.67
C PHE E 105 -24.05 -44.78 -18.75
N VAL E 106 -23.36 -43.77 -19.29
CA VAL E 106 -23.24 -42.48 -18.63
C VAL E 106 -23.55 -41.42 -19.68
N LYS E 107 -24.43 -40.45 -19.32
CA LYS E 107 -24.78 -39.43 -20.30
C LYS E 107 -24.81 -38.03 -19.68
N GLY E 108 -24.68 -37.05 -20.56
CA GLY E 108 -24.87 -35.64 -20.18
C GLY E 108 -26.27 -35.14 -20.48
N GLN E 109 -26.87 -34.42 -19.54
CA GLN E 109 -28.22 -33.89 -19.72
C GLN E 109 -28.27 -32.40 -19.43
N TRP E 110 -29.32 -31.73 -19.92
CA TRP E 110 -29.54 -30.35 -19.57
C TRP E 110 -31.03 -30.01 -19.44
N LYS E 111 -31.31 -28.92 -18.73
CA LYS E 111 -32.66 -28.48 -18.44
C LYS E 111 -32.60 -26.96 -18.31
N SER E 112 -33.63 -26.30 -18.78
CA SER E 112 -33.71 -24.86 -18.78
C SER E 112 -33.86 -24.30 -17.37
N VAL E 113 -33.22 -23.15 -17.15
CA VAL E 113 -33.55 -22.29 -16.03
C VAL E 113 -34.55 -21.23 -16.51
N ARG E 114 -35.72 -21.19 -15.91
CA ARG E 114 -36.72 -20.14 -16.22
C ARG E 114 -36.96 -19.95 -17.72
N GLY E 115 -37.23 -21.09 -18.37
CA GLY E 115 -37.62 -21.11 -19.77
C GLY E 115 -36.48 -20.83 -20.75
N SER E 116 -35.25 -20.76 -20.28
CA SER E 116 -34.13 -20.36 -21.12
C SER E 116 -34.04 -21.28 -22.33
N ALA E 117 -33.55 -20.71 -23.42
CA ALA E 117 -33.05 -21.56 -24.50
C ALA E 117 -31.58 -21.93 -24.22
N MET E 118 -31.24 -23.18 -24.47
CA MET E 118 -29.91 -23.66 -24.10
C MET E 118 -29.06 -23.83 -25.36
N HIS E 119 -27.80 -23.37 -25.31
CA HIS E 119 -26.98 -23.38 -26.50
C HIS E 119 -25.57 -23.99 -26.24
N ILE E 120 -25.20 -25.01 -27.05
CA ILE E 120 -23.81 -25.43 -27.21
C ILE E 120 -23.54 -25.36 -28.70
N ASP E 121 -22.57 -24.55 -29.11
CA ASP E 121 -22.29 -24.32 -30.51
C ASP E 121 -20.79 -24.42 -30.77
N SER E 122 -20.09 -25.14 -29.89
CA SER E 122 -18.65 -25.28 -29.90
C SER E 122 -18.36 -26.60 -29.18
N TYR E 123 -17.07 -26.90 -28.95
CA TYR E 123 -16.64 -28.14 -28.36
C TYR E 123 -17.24 -28.36 -26.98
N ALA E 124 -17.64 -29.61 -26.71
CA ALA E 124 -17.96 -30.04 -25.36
C ALA E 124 -17.65 -31.53 -25.23
N SER E 125 -17.42 -32.04 -24.02
CA SER E 125 -16.92 -33.41 -23.86
C SER E 125 -17.50 -34.06 -22.61
N LEU E 126 -17.65 -35.38 -22.67
CA LEU E 126 -17.95 -36.21 -21.53
C LEU E 126 -16.87 -37.29 -21.50
N SER E 127 -16.19 -37.41 -20.36
CA SER E 127 -15.00 -38.24 -20.25
C SER E 127 -15.13 -39.11 -19.01
N ALA E 128 -14.44 -40.26 -19.00
CA ALA E 128 -14.41 -41.09 -17.80
C ALA E 128 -13.11 -41.86 -17.70
N ILE E 129 -12.62 -41.96 -16.47
CA ILE E 129 -11.49 -42.82 -16.19
C ILE E 129 -11.91 -43.93 -15.24
N TRP E 130 -11.51 -45.16 -15.58
CA TRP E 130 -11.84 -46.30 -14.75
C TRP E 130 -10.82 -46.49 -13.63
N GLY E 131 -11.31 -46.90 -12.46
CA GLY E 131 -10.44 -47.29 -11.37
C GLY E 131 -11.19 -48.23 -10.43
N THR E 132 -10.60 -48.50 -9.25
CA THR E 132 -11.08 -49.59 -8.40
C THR E 132 -11.61 -49.06 -7.07
N ALA E 133 -12.52 -49.83 -6.48
CA ALA E 133 -12.99 -49.55 -5.14
C ALA E 133 -11.80 -49.64 -4.18
N MET F 3 -3.87 -46.87 -6.31
CA MET F 3 -4.69 -47.68 -7.27
C MET F 3 -6.20 -47.34 -7.24
N PRO F 4 -6.88 -47.12 -6.07
CA PRO F 4 -8.27 -46.72 -6.10
C PRO F 4 -8.46 -45.29 -6.67
N LEU F 5 -9.73 -44.94 -6.73
CA LEU F 5 -10.25 -43.64 -7.16
C LEU F 5 -10.89 -43.04 -5.94
N LEU F 6 -10.48 -41.84 -5.60
CA LEU F 6 -10.99 -41.23 -4.37
C LEU F 6 -12.07 -40.20 -4.72
N SER F 7 -13.08 -40.12 -3.91
CA SER F 7 -14.18 -39.25 -4.18
C SER F 7 -14.91 -38.93 -2.89
N ALA F 8 -15.24 -37.63 -2.70
CA ALA F 8 -16.19 -37.23 -1.68
C ALA F 8 -17.11 -36.15 -2.26
N SER F 9 -18.37 -36.21 -1.88
CA SER F 9 -19.34 -35.35 -2.51
C SER F 9 -20.31 -34.87 -1.44
N ILE F 10 -20.85 -33.64 -1.61
CA ILE F 10 -21.77 -33.08 -0.64
C ILE F 10 -22.94 -32.53 -1.45
N VAL F 11 -24.07 -32.35 -0.78
CA VAL F 11 -25.25 -31.82 -1.40
C VAL F 11 -25.60 -30.40 -0.90
N SER F 12 -24.82 -29.89 0.06
CA SER F 12 -24.98 -28.57 0.66
C SER F 12 -23.87 -28.38 1.70
N ALA F 13 -23.57 -27.14 2.04
CA ALA F 13 -22.71 -26.79 3.15
C ALA F 13 -23.34 -25.64 3.94
N PRO F 14 -22.93 -25.42 5.19
CA PRO F 14 -23.35 -24.23 5.92
C PRO F 14 -22.87 -22.94 5.29
N VAL F 15 -23.62 -21.85 5.46
CA VAL F 15 -23.13 -20.54 5.05
C VAL F 15 -21.95 -20.10 5.94
N VAL F 16 -20.93 -19.51 5.33
CA VAL F 16 -19.72 -19.14 6.01
C VAL F 16 -19.26 -17.79 5.51
N THR F 17 -18.76 -16.99 6.43
CA THR F 17 -17.99 -15.81 6.09
C THR F 17 -16.64 -15.92 6.82
N SER F 18 -15.51 -15.69 6.16
CA SER F 18 -14.21 -15.91 6.79
C SER F 18 -13.15 -15.10 6.05
N GLU F 19 -12.25 -14.51 6.85
CA GLU F 19 -11.10 -13.82 6.27
C GLU F 19 -9.97 -14.79 5.98
N THR F 20 -10.09 -16.04 6.45
CA THR F 20 -9.03 -17.03 6.29
C THR F 20 -9.64 -18.29 5.69
N TYR F 21 -8.76 -19.09 5.09
CA TYR F 21 -9.21 -20.34 4.50
C TYR F 21 -9.78 -21.23 5.60
N VAL F 22 -10.98 -21.77 5.41
CA VAL F 22 -11.59 -22.74 6.33
C VAL F 22 -12.08 -23.91 5.49
N ASP F 23 -12.28 -25.04 6.15
CA ASP F 23 -12.59 -26.29 5.48
C ASP F 23 -14.06 -26.32 5.08
N ILE F 24 -14.30 -26.79 3.85
CA ILE F 24 -15.64 -27.06 3.44
C ILE F 24 -16.03 -28.43 3.99
N PRO F 25 -16.99 -28.52 4.92
CA PRO F 25 -17.34 -29.80 5.54
C PRO F 25 -17.71 -30.77 4.44
N GLY F 26 -17.10 -31.97 4.53
CA GLY F 26 -17.43 -33.12 3.72
C GLY F 26 -16.55 -33.26 2.47
N LEU F 27 -15.71 -32.25 2.19
CA LEU F 27 -14.82 -32.31 1.03
C LEU F 27 -13.41 -32.62 1.54
N TYR F 28 -13.25 -33.91 1.91
CA TYR F 28 -12.07 -34.44 2.53
C TYR F 28 -11.79 -35.80 1.91
N LEU F 29 -10.55 -36.03 1.52
CA LEU F 29 -10.10 -37.32 1.06
C LEU F 29 -8.98 -37.81 1.94
N ASP F 30 -9.17 -38.95 2.60
CA ASP F 30 -8.09 -39.60 3.36
C ASP F 30 -7.26 -40.46 2.43
N VAL F 31 -6.10 -39.95 1.98
CA VAL F 31 -5.25 -40.66 1.06
C VAL F 31 -4.66 -41.88 1.75
N ALA F 32 -4.19 -41.70 3.01
CA ALA F 32 -3.57 -42.76 3.78
C ALA F 32 -4.53 -43.91 3.99
N LYS F 33 -5.73 -43.65 4.51
CA LYS F 33 -6.69 -44.71 4.77
C LYS F 33 -6.91 -45.58 3.55
N ALA F 34 -6.75 -45.01 2.36
CA ALA F 34 -6.90 -45.82 1.16
C ALA F 34 -5.60 -46.57 0.82
N GLY F 35 -4.56 -46.42 1.64
CA GLY F 35 -3.30 -47.10 1.40
C GLY F 35 -2.53 -46.47 0.25
N ILE F 36 -2.71 -45.17 0.03
CA ILE F 36 -1.82 -44.46 -0.88
C ILE F 36 -0.71 -43.80 -0.07
N ARG F 37 0.52 -44.25 -0.35
CA ARG F 37 1.71 -43.87 0.40
C ARG F 37 2.80 -43.35 -0.54
N ASP F 38 2.65 -43.58 -1.84
CA ASP F 38 3.63 -43.19 -2.82
C ASP F 38 2.88 -42.66 -4.06
N GLY F 39 3.59 -42.03 -4.98
CA GLY F 39 3.03 -41.71 -6.28
C GLY F 39 2.42 -40.29 -6.29
N LYS F 40 1.57 -40.08 -7.32
CA LYS F 40 1.01 -38.76 -7.56
C LYS F 40 -0.52 -38.86 -7.48
N LEU F 41 -1.15 -37.80 -6.95
CA LEU F 41 -2.60 -37.70 -7.08
C LEU F 41 -2.96 -36.49 -7.93
N GLN F 42 -3.84 -36.70 -8.90
CA GLN F 42 -4.47 -35.57 -9.59
C GLN F 42 -5.77 -35.24 -8.88
N VAL F 43 -5.83 -34.05 -8.27
CA VAL F 43 -6.99 -33.65 -7.47
C VAL F 43 -7.86 -32.63 -8.21
N ILE F 44 -9.19 -32.89 -8.22
CA ILE F 44 -10.14 -31.94 -8.80
C ILE F 44 -11.11 -31.49 -7.71
N LEU F 45 -11.08 -30.19 -7.38
CA LEU F 45 -12.14 -29.57 -6.61
C LEU F 45 -13.18 -29.00 -7.58
N ASN F 46 -14.38 -29.58 -7.55
CA ASN F 46 -15.44 -29.16 -8.45
C ASN F 46 -16.61 -28.58 -7.64
N VAL F 47 -16.87 -27.27 -7.78
CA VAL F 47 -17.97 -26.61 -7.12
C VAL F 47 -18.82 -25.97 -8.20
N PRO F 48 -19.75 -26.75 -8.77
CA PRO F 48 -20.41 -26.34 -10.01
C PRO F 48 -21.41 -25.21 -9.88
N THR F 49 -22.09 -25.07 -8.74
CA THR F 49 -23.18 -24.09 -8.59
C THR F 49 -23.02 -23.20 -7.34
N PRO F 50 -21.85 -22.61 -7.07
CA PRO F 50 -21.69 -21.71 -5.93
C PRO F 50 -22.21 -20.30 -6.19
N TYR F 51 -22.38 -19.51 -5.11
CA TYR F 51 -22.63 -18.09 -5.25
C TYR F 51 -22.14 -17.36 -4.04
N ALA F 52 -21.99 -16.04 -4.15
CA ALA F 52 -21.56 -15.23 -3.03
C ALA F 52 -22.49 -14.05 -2.84
N THR F 53 -22.62 -13.60 -1.58
CA THR F 53 -23.47 -12.44 -1.30
C THR F 53 -22.63 -11.37 -0.64
N GLY F 54 -22.90 -10.12 -1.03
CA GLY F 54 -22.21 -8.99 -0.40
C GLY F 54 -22.53 -7.67 -1.08
N ASN F 55 -21.83 -6.63 -0.66
CA ASN F 55 -22.06 -5.28 -1.17
C ASN F 55 -20.85 -4.73 -1.95
N ASN F 56 -19.79 -5.50 -2.19
CA ASN F 56 -18.62 -4.93 -2.77
C ASN F 56 -17.97 -5.94 -3.70
N PHE F 57 -18.62 -6.19 -4.86
CA PHE F 57 -18.10 -7.07 -5.88
C PHE F 57 -17.80 -8.43 -5.25
N PRO F 58 -18.84 -9.18 -4.87
CA PRO F 58 -18.66 -10.43 -4.14
C PRO F 58 -17.99 -11.55 -4.93
N GLY F 59 -17.44 -12.49 -4.17
CA GLY F 59 -16.77 -13.67 -4.72
C GLY F 59 -16.33 -14.62 -3.61
N ILE F 60 -15.77 -15.77 -4.04
CA ILE F 60 -15.23 -16.77 -3.15
C ILE F 60 -13.85 -17.19 -3.65
N TYR F 61 -12.92 -17.31 -2.71
CA TYR F 61 -11.64 -17.93 -2.92
C TYR F 61 -11.75 -19.41 -2.56
N PHE F 62 -11.26 -20.31 -3.41
CA PHE F 62 -11.26 -21.75 -3.17
C PHE F 62 -9.84 -22.26 -3.15
N ALA F 63 -9.58 -23.26 -2.29
CA ALA F 63 -8.26 -23.88 -2.25
C ALA F 63 -8.31 -25.38 -2.12
N ILE F 64 -7.29 -26.02 -2.71
CA ILE F 64 -6.97 -27.42 -2.43
C ILE F 64 -5.83 -27.44 -1.43
N ALA F 65 -6.03 -28.17 -0.32
CA ALA F 65 -5.02 -28.22 0.72
C ALA F 65 -4.77 -29.64 1.18
N THR F 66 -3.55 -29.84 1.70
CA THR F 66 -3.08 -31.10 2.28
C THR F 66 -2.80 -30.78 3.74
N ASN F 67 -2.22 -31.79 4.40
CA ASN F 67 -1.78 -31.70 5.79
C ASN F 67 -0.69 -30.64 5.89
N GLN F 68 0.02 -30.31 4.79
CA GLN F 68 1.11 -29.34 4.84
C GLN F 68 0.61 -27.91 4.54
N GLY F 69 -0.41 -27.80 3.72
CA GLY F 69 -0.90 -26.46 3.46
C GLY F 69 -1.63 -26.39 2.15
N VAL F 70 -1.81 -25.15 1.70
CA VAL F 70 -2.54 -24.92 0.45
C VAL F 70 -1.61 -25.24 -0.71
N VAL F 71 -2.05 -26.02 -1.69
CA VAL F 71 -1.20 -26.25 -2.84
C VAL F 71 -1.69 -25.47 -4.05
N ALA F 72 -2.96 -25.04 -4.07
CA ALA F 72 -3.54 -24.39 -5.23
C ALA F 72 -4.75 -23.58 -4.80
N ASP F 73 -4.96 -22.44 -5.44
CA ASP F 73 -6.05 -21.55 -5.05
C ASP F 73 -6.53 -20.80 -6.30
N GLY F 74 -7.78 -20.36 -6.24
CA GLY F 74 -8.34 -19.50 -7.24
C GLY F 74 -9.59 -18.82 -6.72
N CYS F 75 -10.29 -18.10 -7.59
CA CYS F 75 -11.55 -17.51 -7.17
C CYS F 75 -12.43 -17.20 -8.36
N PHE F 76 -13.72 -16.98 -8.05
CA PHE F 76 -14.58 -16.24 -8.95
C PHE F 76 -14.94 -14.94 -8.24
N THR F 77 -15.24 -13.89 -9.04
CA THR F 77 -15.79 -12.66 -8.55
C THR F 77 -16.81 -12.18 -9.57
N TYR F 78 -17.86 -11.50 -9.05
CA TYR F 78 -18.87 -10.89 -9.91
C TYR F 78 -18.27 -9.62 -10.56
N SER F 79 -18.92 -9.12 -11.60
CA SER F 79 -18.44 -7.96 -12.33
C SER F 79 -19.22 -6.66 -12.03
N SER F 80 -20.05 -6.66 -11.00
CA SER F 80 -20.83 -5.50 -10.57
C SER F 80 -20.68 -5.41 -9.08
N LYS F 81 -20.78 -4.21 -8.54
CA LYS F 81 -20.55 -4.02 -7.12
C LYS F 81 -21.68 -4.70 -6.33
N VAL F 82 -22.91 -4.42 -6.74
CA VAL F 82 -24.09 -4.96 -6.12
C VAL F 82 -24.86 -5.63 -7.23
N PRO F 83 -24.56 -6.89 -7.53
CA PRO F 83 -25.23 -7.55 -8.67
C PRO F 83 -26.74 -7.52 -8.48
N GLU F 84 -27.46 -7.34 -9.57
CA GLU F 84 -28.92 -7.42 -9.51
C GLU F 84 -29.35 -8.74 -8.91
N SER F 85 -28.68 -9.84 -9.27
CA SER F 85 -28.90 -11.12 -8.67
C SER F 85 -27.54 -11.81 -8.55
N THR F 86 -27.30 -12.58 -7.47
CA THR F 86 -26.03 -13.29 -7.34
C THR F 86 -26.11 -14.59 -8.10
N GLY F 87 -25.64 -14.54 -9.35
CA GLY F 87 -25.79 -15.67 -10.25
C GLY F 87 -24.84 -16.81 -9.88
N ARG F 88 -25.19 -18.02 -10.30
CA ARG F 88 -24.37 -19.19 -10.02
C ARG F 88 -23.17 -19.22 -10.95
N MET F 89 -21.98 -19.34 -10.38
CA MET F 89 -20.75 -19.16 -11.09
C MET F 89 -19.88 -20.42 -10.90
N PRO F 90 -19.95 -21.36 -11.85
CA PRO F 90 -19.20 -22.62 -11.77
C PRO F 90 -17.71 -22.47 -11.57
N PHE F 91 -17.13 -23.35 -10.75
CA PHE F 91 -15.73 -23.27 -10.37
C PHE F 91 -15.10 -24.65 -10.31
N THR F 92 -13.96 -24.81 -10.97
CA THR F 92 -13.17 -26.01 -10.88
C THR F 92 -11.71 -25.64 -10.66
N LEU F 93 -11.04 -26.37 -9.74
CA LEU F 93 -9.60 -26.24 -9.50
C LEU F 93 -8.93 -27.62 -9.58
N VAL F 94 -7.78 -27.68 -10.27
CA VAL F 94 -7.06 -28.91 -10.51
C VAL F 94 -5.63 -28.75 -10.04
N ALA F 95 -5.17 -29.69 -9.22
CA ALA F 95 -3.80 -29.74 -8.76
C ALA F 95 -3.27 -31.18 -8.74
N THR F 96 -1.96 -31.29 -8.94
CA THR F 96 -1.34 -32.59 -8.91
C THR F 96 -0.36 -32.62 -7.74
N ILE F 97 -0.52 -33.55 -6.79
CA ILE F 97 0.36 -33.57 -5.61
C ILE F 97 1.22 -34.84 -5.58
N ASP F 98 2.34 -34.77 -4.87
CA ASP F 98 3.21 -35.91 -4.56
C ASP F 98 2.84 -36.49 -3.21
N VAL F 99 2.47 -37.78 -3.14
CA VAL F 99 2.07 -38.40 -1.86
C VAL F 99 3.26 -38.66 -0.93
N GLY F 100 4.36 -39.10 -1.53
CA GLY F 100 5.52 -39.48 -0.70
C GLY F 100 6.21 -38.28 -0.04
N SER F 101 5.68 -37.06 -0.10
CA SER F 101 6.32 -35.98 0.64
C SER F 101 5.84 -36.00 2.09
N GLY F 102 4.83 -36.85 2.43
CA GLY F 102 4.12 -36.75 3.71
C GLY F 102 2.70 -36.19 3.59
N VAL F 103 2.04 -36.35 2.44
CA VAL F 103 0.61 -36.15 2.32
C VAL F 103 -0.19 -37.34 2.82
N THR F 104 -1.12 -37.08 3.74
CA THR F 104 -2.00 -38.09 4.28
C THR F 104 -3.44 -37.80 3.84
N PHE F 105 -3.76 -36.53 3.53
CA PHE F 105 -5.12 -36.14 3.19
C PHE F 105 -5.10 -34.95 2.23
N VAL F 106 -6.26 -34.78 1.58
CA VAL F 106 -6.54 -33.65 0.73
C VAL F 106 -7.91 -33.08 1.13
N LYS F 107 -8.01 -31.75 1.19
CA LYS F 107 -9.28 -31.13 1.54
C LYS F 107 -9.58 -29.89 0.70
N GLY F 108 -10.86 -29.56 0.63
CA GLY F 108 -11.31 -28.33 -0.02
C GLY F 108 -11.56 -27.22 0.98
N GLN F 109 -11.07 -26.01 0.65
CA GLN F 109 -11.22 -24.88 1.54
C GLN F 109 -11.83 -23.68 0.83
N TRP F 110 -12.35 -22.72 1.61
CA TRP F 110 -12.81 -21.48 1.00
C TRP F 110 -12.59 -20.30 1.94
N LYS F 111 -12.59 -19.10 1.32
CA LYS F 111 -12.30 -17.87 2.04
C LYS F 111 -13.06 -16.77 1.30
N SER F 112 -13.59 -15.81 2.04
CA SER F 112 -14.40 -14.75 1.49
C SER F 112 -13.58 -13.78 0.64
N VAL F 113 -14.18 -13.28 -0.43
CA VAL F 113 -13.70 -12.08 -1.12
C VAL F 113 -14.45 -10.86 -0.60
N ARG F 114 -13.73 -9.93 -0.01
CA ARG F 114 -14.36 -8.67 0.45
C ARG F 114 -15.56 -8.91 1.35
N GLY F 115 -15.40 -9.78 2.35
CA GLY F 115 -16.40 -10.03 3.38
C GLY F 115 -17.61 -10.85 2.90
N SER F 116 -17.55 -11.39 1.66
CA SER F 116 -18.67 -12.13 1.10
C SER F 116 -19.14 -13.24 2.02
N ALA F 117 -20.42 -13.52 1.97
CA ALA F 117 -20.93 -14.77 2.50
C ALA F 117 -20.86 -15.84 1.44
N MET F 118 -20.43 -17.03 1.80
CA MET F 118 -20.14 -18.06 0.80
C MET F 118 -21.22 -19.13 0.85
N HIS F 119 -21.70 -19.58 -0.32
CA HIS F 119 -22.82 -20.50 -0.36
C HIS F 119 -22.59 -21.68 -1.28
N ILE F 120 -22.76 -22.92 -0.73
CA ILE F 120 -22.91 -24.14 -1.51
C ILE F 120 -24.18 -24.79 -0.99
N ASP F 121 -25.17 -24.98 -1.90
CA ASP F 121 -26.48 -25.45 -1.49
C ASP F 121 -26.98 -26.50 -2.48
N SER F 122 -26.04 -27.13 -3.16
CA SER F 122 -26.26 -28.11 -4.22
C SER F 122 -25.01 -28.99 -4.24
N TYR F 123 -24.90 -29.88 -5.24
CA TYR F 123 -23.81 -30.83 -5.33
C TYR F 123 -22.46 -30.15 -5.47
N ALA F 124 -21.44 -30.67 -4.74
CA ALA F 124 -20.05 -30.34 -5.03
C ALA F 124 -19.16 -31.55 -4.69
N SER F 125 -17.95 -31.66 -5.24
CA SER F 125 -17.18 -32.90 -5.20
C SER F 125 -15.68 -32.60 -5.12
N LEU F 126 -14.96 -33.51 -4.43
CA LEU F 126 -13.52 -33.49 -4.41
C LEU F 126 -13.07 -34.89 -4.82
N SER F 127 -12.21 -34.98 -5.85
CA SER F 127 -11.93 -36.26 -6.48
C SER F 127 -10.44 -36.40 -6.68
N ALA F 128 -9.95 -37.66 -6.77
CA ALA F 128 -8.52 -37.85 -6.97
C ALA F 128 -8.23 -39.15 -7.70
N ILE F 129 -7.29 -39.05 -8.66
CA ILE F 129 -6.88 -40.24 -9.38
C ILE F 129 -5.40 -40.47 -9.12
N TRP F 130 -5.07 -41.72 -8.75
CA TRP F 130 -3.68 -42.05 -8.47
C TRP F 130 -2.92 -42.41 -9.75
N GLY F 131 -1.65 -42.02 -9.77
CA GLY F 131 -0.74 -42.43 -10.82
C GLY F 131 0.70 -42.34 -10.32
N THR F 132 1.67 -42.45 -11.21
CA THR F 132 3.11 -42.40 -10.90
C THR F 132 3.72 -41.23 -11.69
N ALA F 133 4.89 -40.74 -11.22
CA ALA F 133 5.66 -39.70 -11.95
C ALA F 133 5.18 -39.47 -13.40
N PRO G 4 20.32 28.12 38.27
CA PRO G 4 18.99 28.58 38.72
C PRO G 4 17.92 28.68 37.59
N LEU G 5 17.16 27.58 37.45
CA LEU G 5 16.22 27.39 36.34
C LEU G 5 14.84 27.28 36.95
N LEU G 6 13.96 28.17 36.58
CA LEU G 6 12.61 28.14 37.15
C LEU G 6 11.65 27.55 36.09
N SER G 7 10.66 26.81 36.55
CA SER G 7 9.77 26.14 35.65
C SER G 7 8.48 25.82 36.38
N ALA G 8 7.32 26.04 35.72
CA ALA G 8 6.05 25.53 36.19
C ALA G 8 5.24 25.01 35.00
N SER G 9 4.57 23.87 35.18
CA SER G 9 3.90 23.28 34.07
C SER G 9 2.51 22.81 34.51
N ILE G 10 1.54 22.79 33.59
CA ILE G 10 0.20 22.28 33.89
C ILE G 10 -0.16 21.29 32.78
N VAL G 11 -1.16 20.46 33.06
CA VAL G 11 -1.68 19.52 32.06
C VAL G 11 -3.07 19.89 31.58
N SER G 12 -3.68 20.94 32.16
CA SER G 12 -5.01 21.40 31.83
C SER G 12 -5.34 22.60 32.71
N ALA G 13 -6.29 23.42 32.27
CA ALA G 13 -6.80 24.54 33.06
C ALA G 13 -8.32 24.60 32.93
N PRO G 14 -9.03 25.30 33.83
CA PRO G 14 -10.46 25.48 33.67
C PRO G 14 -10.80 26.29 32.42
N VAL G 15 -11.96 26.07 31.80
CA VAL G 15 -12.44 26.97 30.78
C VAL G 15 -12.79 28.35 31.37
N VAL G 16 -12.39 29.41 30.63
CA VAL G 16 -12.53 30.76 31.12
C VAL G 16 -13.01 31.64 30.01
N THR G 17 -13.91 32.57 30.37
CA THR G 17 -14.22 33.69 29.50
C THR G 17 -14.00 34.96 30.32
N SER G 18 -13.29 35.96 29.81
CA SER G 18 -12.92 37.14 30.61
C SER G 18 -12.65 38.31 29.68
N GLU G 19 -13.15 39.48 30.07
CA GLU G 19 -12.86 40.71 29.38
C GLU G 19 -11.54 41.30 29.85
N THR G 20 -10.97 40.76 30.93
CA THR G 20 -9.75 41.28 31.54
C THR G 20 -8.78 40.14 31.72
N TYR G 21 -7.51 40.49 31.81
CA TYR G 21 -6.47 39.50 32.04
C TYR G 21 -6.73 38.83 33.39
N VAL G 22 -6.73 37.51 33.39
CA VAL G 22 -6.90 36.69 34.58
C VAL G 22 -5.79 35.65 34.55
N ASP G 23 -5.46 35.14 35.73
CA ASP G 23 -4.30 34.29 35.90
C ASP G 23 -4.61 32.88 35.45
N ILE G 24 -3.70 32.29 34.72
CA ILE G 24 -3.85 30.88 34.39
C ILE G 24 -3.36 30.06 35.59
N PRO G 25 -4.22 29.34 36.29
CA PRO G 25 -3.80 28.57 37.47
C PRO G 25 -2.66 27.65 37.12
N GLY G 26 -1.61 27.73 37.96
CA GLY G 26 -0.47 26.84 37.93
C GLY G 26 0.69 27.38 37.10
N LEU G 27 0.50 28.52 36.41
CA LEU G 27 1.57 29.14 35.63
C LEU G 27 2.08 30.35 36.41
N TYR G 28 2.89 29.99 37.46
CA TYR G 28 3.33 30.95 38.46
C TYR G 28 4.74 30.59 38.82
N LEU G 29 5.62 31.60 38.82
CA LEU G 29 6.97 31.42 39.30
C LEU G 29 7.19 32.39 40.45
N ASP G 30 7.51 31.85 41.63
CA ASP G 30 7.90 32.64 42.79
C ASP G 30 9.39 32.99 42.71
N VAL G 31 9.72 34.19 42.27
CA VAL G 31 11.11 34.63 42.13
C VAL G 31 11.72 34.80 43.53
N ALA G 32 10.96 35.38 44.47
CA ALA G 32 11.43 35.61 45.83
C ALA G 32 11.83 34.29 46.51
N LYS G 33 10.91 33.33 46.55
CA LYS G 33 11.17 32.09 47.25
C LYS G 33 12.42 31.43 46.68
N ALA G 34 12.75 31.68 45.41
CA ALA G 34 13.96 31.13 44.84
C ALA G 34 15.19 31.96 45.24
N GLY G 35 15.00 33.02 46.05
CA GLY G 35 16.10 33.86 46.47
C GLY G 35 16.66 34.72 45.34
N ILE G 36 15.81 35.09 44.36
CA ILE G 36 16.27 35.96 43.29
C ILE G 36 15.81 37.38 43.61
N ARG G 37 16.78 38.29 43.75
CA ARG G 37 16.49 39.67 44.14
C ARG G 37 17.14 40.67 43.20
N ASP G 38 18.03 40.21 42.30
CA ASP G 38 18.71 41.10 41.37
C ASP G 38 18.82 40.40 40.02
N GLY G 39 19.23 41.12 38.98
CA GLY G 39 19.56 40.48 37.71
C GLY G 39 18.37 40.42 36.74
N LYS G 40 18.46 39.52 35.76
CA LYS G 40 17.48 39.46 34.67
C LYS G 40 16.88 38.06 34.64
N LEU G 41 15.57 37.98 34.35
CA LEU G 41 14.98 36.71 34.00
C LEU G 41 14.50 36.73 32.56
N GLN G 42 14.91 35.74 31.77
CA GLN G 42 14.31 35.50 30.47
C GLN G 42 13.15 34.53 30.64
N VAL G 43 11.93 35.05 30.42
CA VAL G 43 10.72 34.27 30.66
C VAL G 43 10.10 33.78 29.36
N ILE G 44 9.73 32.50 29.32
CA ILE G 44 9.02 31.92 28.19
C ILE G 44 7.67 31.38 28.67
N LEU G 45 6.57 31.97 28.16
CA LEU G 45 5.25 31.39 28.27
C LEU G 45 5.00 30.52 27.06
N ASN G 46 4.86 29.21 27.26
CA ASN G 46 4.64 28.27 26.18
C ASN G 46 3.27 27.59 26.31
N VAL G 47 2.35 27.89 25.38
CA VAL G 47 1.04 27.27 25.37
C VAL G 47 0.89 26.59 24.01
N PRO G 48 1.40 25.35 23.89
CA PRO G 48 1.55 24.71 22.62
C PRO G 48 0.27 24.29 21.91
N THR G 49 -0.78 23.93 22.63
CA THR G 49 -2.00 23.40 22.00
C THR G 49 -3.28 24.08 22.51
N PRO G 50 -3.34 25.43 22.54
CA PRO G 50 -4.56 26.13 22.90
C PRO G 50 -5.61 26.19 21.79
N TYR G 51 -6.87 26.48 22.14
CA TYR G 51 -7.88 26.82 21.18
C TYR G 51 -8.92 27.73 21.79
N ALA G 52 -9.71 28.39 20.93
CA ALA G 52 -10.75 29.27 21.42
C ALA G 52 -12.08 28.98 20.76
N THR G 53 -13.18 29.20 21.48
CA THR G 53 -14.51 28.95 20.90
C THR G 53 -15.29 30.26 20.94
N GLY G 54 -16.00 30.54 19.87
CA GLY G 54 -16.88 31.67 19.80
C GLY G 54 -17.57 31.79 18.45
N ASN G 55 -18.26 32.93 18.25
CA ASN G 55 -18.97 33.14 16.99
C ASN G 55 -18.43 34.37 16.24
N ASN G 56 -17.34 35.01 16.68
CA ASN G 56 -16.92 36.20 15.98
C ASN G 56 -15.39 36.22 15.88
N PHE G 57 -14.83 35.36 15.03
CA PHE G 57 -13.38 35.32 14.79
C PHE G 57 -12.67 35.13 16.12
N PRO G 58 -12.83 33.95 16.75
CA PRO G 58 -12.30 33.73 18.09
C PRO G 58 -10.79 33.79 18.20
N GLY G 59 -10.33 33.95 19.43
CA GLY G 59 -8.91 33.97 19.76
C GLY G 59 -8.68 34.13 21.26
N ILE G 60 -7.39 34.13 21.66
CA ILE G 60 -6.99 34.35 23.03
C ILE G 60 -5.85 35.37 23.05
N TYR G 61 -5.95 36.31 24.00
CA TYR G 61 -4.85 37.18 24.35
C TYR G 61 -4.10 36.55 25.52
N PHE G 62 -2.77 36.49 25.45
CA PHE G 62 -1.92 35.95 26.50
C PHE G 62 -0.96 37.01 26.99
N ALA G 63 -0.64 36.99 28.30
CA ALA G 63 0.33 37.96 28.84
C ALA G 63 1.26 37.32 29.85
N ILE G 64 2.49 37.88 29.92
CA ILE G 64 3.40 37.65 31.00
C ILE G 64 3.32 38.83 31.96
N ALA G 65 3.08 38.55 33.23
CA ALA G 65 2.94 39.62 34.22
C ALA G 65 3.77 39.35 35.47
N THR G 66 4.15 40.46 36.12
CA THR G 66 4.88 40.49 37.38
C THR G 66 3.97 41.20 38.36
N ASN G 67 4.51 41.44 39.55
CA ASN G 67 3.81 42.17 40.61
C ASN G 67 3.55 43.61 40.14
N GLN G 68 4.35 44.12 39.16
CA GLN G 68 4.19 45.49 38.66
C GLN G 68 3.24 45.56 37.47
N GLY G 69 2.82 44.43 36.91
CA GLY G 69 1.81 44.46 35.87
C GLY G 69 2.26 43.64 34.68
N VAL G 70 1.61 43.90 33.55
CA VAL G 70 1.88 43.15 32.34
C VAL G 70 3.17 43.65 31.73
N VAL G 71 4.13 42.78 31.38
CA VAL G 71 5.34 43.26 30.74
C VAL G 71 5.33 42.94 29.26
N ALA G 72 4.48 41.99 28.80
CA ALA G 72 4.41 41.60 27.41
C ALA G 72 3.12 40.84 27.17
N ASP G 73 2.57 40.96 25.96
CA ASP G 73 1.28 40.41 25.61
C ASP G 73 1.26 40.06 24.11
N GLY G 74 0.34 39.18 23.72
CA GLY G 74 0.14 38.84 22.33
C GLY G 74 -1.14 38.06 22.14
N CYS G 75 -1.43 37.62 20.92
CA CYS G 75 -2.62 36.80 20.72
C CYS G 75 -2.50 35.91 19.49
N PHE G 76 -3.36 34.88 19.45
CA PHE G 76 -3.69 34.27 18.18
C PHE G 76 -5.17 34.55 17.91
N THR G 77 -5.55 34.61 16.63
CA THR G 77 -6.95 34.69 16.24
C THR G 77 -7.16 33.78 15.03
N TYR G 78 -8.39 33.26 14.92
CA TYR G 78 -8.76 32.47 13.75
C TYR G 78 -9.04 33.41 12.57
N SER G 79 -9.04 32.86 11.37
CA SER G 79 -9.18 33.64 10.16
C SER G 79 -10.57 33.48 9.51
N SER G 80 -11.53 32.90 10.23
CA SER G 80 -12.91 32.73 9.79
C SER G 80 -13.77 33.15 10.96
N LYS G 81 -14.96 33.64 10.65
CA LYS G 81 -15.82 34.14 11.70
C LYS G 81 -16.27 33.00 12.60
N VAL G 82 -16.71 31.92 11.95
CA VAL G 82 -17.21 30.74 12.64
C VAL G 82 -16.39 29.61 12.08
N PRO G 83 -15.23 29.31 12.69
CA PRO G 83 -14.36 28.27 12.12
C PRO G 83 -15.15 26.97 12.01
N GLU G 84 -14.94 26.23 10.92
CA GLU G 84 -15.55 24.93 10.83
C GLU G 84 -15.18 24.06 12.03
N SER G 85 -13.95 24.14 12.47
CA SER G 85 -13.48 23.51 13.67
C SER G 85 -12.44 24.44 14.27
N THR G 86 -12.40 24.55 15.60
CA THR G 86 -11.46 25.39 16.29
C THR G 86 -10.14 24.68 16.43
N GLY G 87 -9.26 24.93 15.46
CA GLY G 87 -7.98 24.25 15.37
C GLY G 87 -7.03 24.66 16.49
N ARG G 88 -6.10 23.74 16.83
CA ARG G 88 -5.12 24.04 17.84
C ARG G 88 -4.03 24.97 17.27
N MET G 89 -3.76 26.05 17.97
CA MET G 89 -2.97 27.16 17.45
C MET G 89 -1.85 27.46 18.44
N PRO G 90 -0.67 26.86 18.25
CA PRO G 90 0.47 27.06 19.17
C PRO G 90 0.87 28.49 19.43
N PHE G 91 1.21 28.82 20.69
CA PHE G 91 1.52 30.17 21.11
C PHE G 91 2.71 30.19 22.06
N THR G 92 3.67 31.08 21.78
CA THR G 92 4.81 31.28 22.64
C THR G 92 5.03 32.78 22.81
N LEU G 93 5.30 33.21 24.07
CA LEU G 93 5.67 34.60 24.37
C LEU G 93 6.97 34.61 25.17
N VAL G 94 7.87 35.50 24.81
CA VAL G 94 9.19 35.61 25.42
C VAL G 94 9.42 37.05 25.85
N ALA G 95 9.74 37.22 27.14
CA ALA G 95 10.09 38.52 27.68
C ALA G 95 11.29 38.43 28.62
N THR G 96 12.04 39.52 28.67
CA THR G 96 13.17 39.56 29.59
C THR G 96 12.90 40.65 30.61
N ILE G 97 12.86 40.33 31.91
CA ILE G 97 12.54 41.31 32.93
C ILE G 97 13.72 41.55 33.86
N ASP G 98 13.69 42.74 34.51
CA ASP G 98 14.65 43.10 35.54
C ASP G 98 14.09 42.74 36.93
N VAL G 99 14.78 41.89 37.70
CA VAL G 99 14.32 41.51 39.03
C VAL G 99 14.56 42.63 40.05
N GLY G 100 15.66 43.36 39.87
CA GLY G 100 15.99 44.46 40.76
C GLY G 100 15.11 45.69 40.52
N SER G 101 13.82 45.52 40.28
CA SER G 101 12.89 46.64 40.24
C SER G 101 11.78 46.43 41.25
N GLY G 102 11.82 45.31 42.02
CA GLY G 102 10.73 44.90 42.92
C GLY G 102 9.88 43.74 42.38
N VAL G 103 10.50 42.82 41.65
CA VAL G 103 9.84 41.62 41.20
C VAL G 103 9.88 40.52 42.27
N THR G 104 8.73 39.98 42.62
CA THR G 104 8.55 38.86 43.52
C THR G 104 8.09 37.64 42.76
N PHE G 105 7.33 37.87 41.65
CA PHE G 105 6.68 36.77 40.96
C PHE G 105 6.51 37.10 39.48
N VAL G 106 6.36 36.02 38.71
CA VAL G 106 6.04 36.09 37.31
C VAL G 106 4.89 35.11 37.07
N LYS G 107 3.86 35.57 36.33
CA LYS G 107 2.71 34.71 36.09
C LYS G 107 2.23 34.83 34.64
N GLY G 108 1.52 33.77 34.22
CA GLY G 108 0.89 33.75 32.91
C GLY G 108 -0.59 34.12 33.00
N GLN G 109 -1.04 35.00 32.08
CA GLN G 109 -2.43 35.45 32.10
C GLN G 109 -3.09 35.24 30.74
N TRP G 110 -4.43 35.27 30.72
CA TRP G 110 -5.14 35.27 29.45
C TRP G 110 -6.42 36.11 29.52
N LYS G 111 -6.91 36.50 28.34
CA LYS G 111 -8.05 37.36 28.20
C LYS G 111 -8.70 36.99 26.88
N SER G 112 -10.03 37.02 26.85
CA SER G 112 -10.79 36.63 25.70
C SER G 112 -10.60 37.61 24.55
N VAL G 113 -10.58 37.07 23.32
CA VAL G 113 -10.84 37.87 22.14
C VAL G 113 -12.30 37.78 21.77
N ARG G 114 -13.00 38.92 21.77
CA ARG G 114 -14.41 38.94 21.33
C ARG G 114 -15.27 37.90 22.03
N GLY G 115 -15.16 37.84 23.36
CA GLY G 115 -16.01 36.97 24.17
C GLY G 115 -15.65 35.48 24.12
N SER G 116 -14.55 35.13 23.45
CA SER G 116 -14.20 33.74 23.26
C SER G 116 -14.12 33.01 24.62
N ALA G 117 -14.42 31.73 24.58
CA ALA G 117 -14.04 30.85 25.66
C ALA G 117 -12.64 30.32 25.44
N MET G 118 -11.83 30.31 26.48
CA MET G 118 -10.42 30.00 26.34
C MET G 118 -10.15 28.59 26.87
N HIS G 119 -9.35 27.80 26.15
CA HIS G 119 -9.15 26.40 26.50
C HIS G 119 -7.67 26.02 26.49
N ILE G 120 -7.18 25.48 27.63
CA ILE G 120 -5.98 24.68 27.73
C ILE G 120 -6.42 23.37 28.38
N ASP G 121 -6.20 22.27 27.68
CA ASP G 121 -6.61 20.95 28.07
C ASP G 121 -5.47 19.96 27.85
N SER G 122 -4.25 20.48 27.81
CA SER G 122 -3.05 19.73 27.50
C SER G 122 -1.90 20.47 28.17
N TYR G 123 -0.67 19.98 27.96
CA TYR G 123 0.51 20.56 28.58
C TYR G 123 0.70 22.04 28.24
N ALA G 124 1.12 22.85 29.24
CA ALA G 124 1.61 24.19 29.00
C ALA G 124 2.62 24.56 30.08
N SER G 125 3.48 25.56 29.88
CA SER G 125 4.62 25.77 30.75
C SER G 125 4.99 27.25 30.82
N LEU G 126 5.50 27.66 31.98
CA LEU G 126 6.08 28.97 32.18
C LEU G 126 7.49 28.72 32.75
N SER G 127 8.50 29.27 32.11
CA SER G 127 9.89 28.92 32.40
C SER G 127 10.68 30.20 32.50
N ALA G 128 11.80 30.16 33.25
CA ALA G 128 12.66 31.32 33.35
C ALA G 128 14.12 30.93 33.56
N ILE G 129 15.01 31.67 32.92
CA ILE G 129 16.42 31.51 33.14
C ILE G 129 17.00 32.80 33.70
N TRP G 130 17.76 32.67 34.79
CA TRP G 130 18.37 33.83 35.41
C TRP G 130 19.71 34.18 34.76
N GLY G 131 19.96 35.47 34.64
CA GLY G 131 21.27 35.94 34.20
C GLY G 131 21.50 37.38 34.67
N THR G 132 22.55 38.01 34.13
CA THR G 132 22.83 39.42 34.27
C THR G 132 22.94 40.06 32.88
N ALA G 133 22.83 41.39 32.82
CA ALA G 133 22.93 42.16 31.58
C ALA G 133 23.81 41.48 30.50
N MET H 3 25.11 34.30 34.01
CA MET H 3 24.76 34.10 32.54
C MET H 3 24.43 35.47 31.91
N PRO H 4 25.29 36.13 31.06
CA PRO H 4 24.89 37.39 30.39
C PRO H 4 23.68 37.21 29.44
N LEU H 5 22.68 38.11 29.58
CA LEU H 5 21.38 37.98 28.95
C LEU H 5 21.21 39.14 28.00
N LEU H 6 21.04 38.85 26.72
CA LEU H 6 20.77 39.92 25.77
C LEU H 6 19.29 39.94 25.41
N SER H 7 18.75 41.12 25.21
CA SER H 7 17.34 41.24 24.94
C SER H 7 17.05 42.55 24.23
N ALA H 8 16.22 42.51 23.16
CA ALA H 8 15.67 43.73 22.58
C ALA H 8 14.20 43.49 22.24
N SER H 9 13.38 44.50 22.50
CA SER H 9 11.97 44.32 22.33
C SER H 9 11.38 45.53 21.62
N ILE H 10 10.25 45.35 20.90
CA ILE H 10 9.58 46.47 20.24
C ILE H 10 8.09 46.37 20.54
N VAL H 11 7.35 47.46 20.31
CA VAL H 11 5.90 47.45 20.48
C VAL H 11 5.15 47.62 19.15
N SER H 12 5.88 47.83 18.06
CA SER H 12 5.34 48.03 16.73
C SER H 12 6.49 48.11 15.75
N ALA H 13 6.21 47.86 14.47
CA ALA H 13 7.14 48.13 13.39
C ALA H 13 6.40 48.76 12.22
N PRO H 14 7.10 49.45 11.31
CA PRO H 14 6.46 49.94 10.09
C PRO H 14 6.00 48.78 9.19
N VAL H 15 4.95 49.02 8.41
CA VAL H 15 4.53 48.03 7.43
C VAL H 15 5.59 47.92 6.30
N VAL H 16 5.84 46.68 5.87
CA VAL H 16 6.88 46.40 4.90
C VAL H 16 6.38 45.39 3.90
N THR H 17 6.77 45.60 2.65
CA THR H 17 6.65 44.60 1.63
C THR H 17 8.03 44.47 1.00
N SER H 18 8.57 43.25 0.85
CA SER H 18 9.94 43.09 0.37
C SER H 18 10.10 41.69 -0.19
N GLU H 19 10.83 41.62 -1.30
CA GLU H 19 11.16 40.33 -1.90
C GLU H 19 12.41 39.75 -1.25
N THR H 20 13.10 40.54 -0.41
CA THR H 20 14.37 40.13 0.18
C THR H 20 14.26 40.38 1.67
N TYR H 21 15.10 39.66 2.41
CA TYR H 21 15.15 39.78 3.84
C TYR H 21 15.58 41.21 4.16
N VAL H 22 14.81 41.89 5.01
CA VAL H 22 15.10 43.24 5.48
C VAL H 22 14.98 43.21 6.99
N ASP H 23 15.64 44.16 7.62
CA ASP H 23 15.79 44.17 9.07
C ASP H 23 14.51 44.65 9.71
N ILE H 24 14.07 43.95 10.74
CA ILE H 24 12.98 44.45 11.53
C ILE H 24 13.59 45.47 12.51
N PRO H 25 13.23 46.77 12.38
CA PRO H 25 13.83 47.80 13.21
C PRO H 25 13.56 47.42 14.66
N GLY H 26 14.64 47.49 15.43
CA GLY H 26 14.60 47.37 16.89
C GLY H 26 14.95 45.98 17.37
N LEU H 27 15.08 45.00 16.45
CA LEU H 27 15.37 43.62 16.84
C LEU H 27 16.84 43.34 16.51
N TYR H 28 17.70 43.94 17.37
CA TYR H 28 19.13 43.97 17.13
C TYR H 28 19.81 43.71 18.45
N LEU H 29 20.74 42.75 18.44
CA LEU H 29 21.56 42.51 19.61
C LEU H 29 23.01 42.75 19.21
N ASP H 30 23.66 43.72 19.90
CA ASP H 30 25.08 43.97 19.72
C ASP H 30 25.88 43.01 20.60
N VAL H 31 26.40 41.92 20.01
CA VAL H 31 27.15 40.93 20.76
C VAL H 31 28.48 41.53 21.19
N ALA H 32 29.14 42.28 20.30
CA ALA H 32 30.43 42.90 20.57
C ALA H 32 30.33 43.85 21.77
N LYS H 33 29.42 44.81 21.72
CA LYS H 33 29.31 45.80 22.78
C LYS H 33 29.13 45.11 24.13
N ALA H 34 28.54 43.92 24.14
CA ALA H 34 28.39 43.19 25.39
C ALA H 34 29.68 42.47 25.76
N GLY H 35 30.76 42.64 24.97
CA GLY H 35 32.03 42.01 25.24
C GLY H 35 31.96 40.49 25.03
N ILE H 36 31.10 40.03 24.11
CA ILE H 36 31.06 38.61 23.81
C ILE H 36 31.86 38.37 22.54
N ARG H 37 32.94 37.56 22.69
CA ARG H 37 33.83 37.29 21.57
C ARG H 37 34.01 35.79 21.33
N ASP H 38 33.51 34.95 22.26
CA ASP H 38 33.66 33.50 22.13
C ASP H 38 32.38 32.84 22.64
N GLY H 39 32.22 31.52 22.42
CA GLY H 39 31.18 30.76 23.08
C GLY H 39 29.93 30.64 22.21
N LYS H 40 28.78 30.27 22.82
CA LYS H 40 27.56 30.03 22.08
C LYS H 40 26.47 31.01 22.51
N LEU H 41 25.67 31.49 21.55
CA LEU H 41 24.44 32.17 21.91
C LEU H 41 23.22 31.36 21.46
N GLN H 42 22.30 31.12 22.38
CA GLN H 42 21.00 30.58 22.03
C GLN H 42 20.05 31.74 21.79
N VAL H 43 19.63 31.92 20.51
CA VAL H 43 18.84 33.08 20.13
C VAL H 43 17.39 32.69 19.91
N ILE H 44 16.47 33.49 20.48
CA ILE H 44 15.05 33.33 20.23
C ILE H 44 14.50 34.60 19.58
N LEU H 45 14.02 34.45 18.32
CA LEU H 45 13.16 35.46 17.72
C LEU H 45 11.71 35.11 18.04
N ASN H 46 11.06 35.98 18.82
CA ASN H 46 9.67 35.75 19.20
C ASN H 46 8.77 36.84 18.62
N VAL H 47 7.87 36.46 17.69
CA VAL H 47 6.92 37.40 17.10
C VAL H 47 5.55 36.85 17.36
N PRO H 48 4.99 37.13 18.55
CA PRO H 48 3.80 36.44 18.99
C PRO H 48 2.50 36.78 18.26
N THR H 49 2.36 38.02 17.75
CA THR H 49 1.09 38.45 17.15
C THR H 49 1.27 39.09 15.75
N PRO H 50 2.01 38.47 14.82
CA PRO H 50 2.09 38.98 13.45
C PRO H 50 0.89 38.65 12.57
N TYR H 51 0.75 39.40 11.45
CA TYR H 51 -0.19 38.97 10.40
C TYR H 51 0.31 39.45 9.06
N ALA H 52 -0.25 38.88 8.00
CA ALA H 52 0.09 39.30 6.65
C ALA H 52 -1.12 39.61 5.81
N THR H 53 -1.01 40.54 4.85
CA THR H 53 -2.14 40.85 3.98
C THR H 53 -1.73 40.63 2.54
N GLY H 54 -2.65 40.07 1.77
CA GLY H 54 -2.40 39.87 0.35
C GLY H 54 -3.55 39.19 -0.37
N ASN H 55 -3.29 38.77 -1.63
CA ASN H 55 -4.36 38.12 -2.39
C ASN H 55 -4.00 36.69 -2.77
N ASN H 56 -2.85 36.15 -2.33
CA ASN H 56 -2.47 34.85 -2.83
C ASN H 56 -1.82 34.08 -1.68
N PHE H 57 -2.66 33.61 -0.74
CA PHE H 57 -2.19 32.77 0.36
C PHE H 57 -1.06 33.49 1.09
N PRO H 58 -1.36 34.59 1.78
CA PRO H 58 -0.33 35.41 2.40
C PRO H 58 0.43 34.75 3.53
N GLY H 59 1.58 35.33 3.86
CA GLY H 59 2.45 34.87 4.93
C GLY H 59 3.69 35.76 5.06
N ILE H 60 4.54 35.43 6.03
CA ILE H 60 5.78 36.12 6.31
C ILE H 60 6.88 35.08 6.50
N TYR H 61 8.03 35.34 5.86
CA TYR H 61 9.25 34.62 6.17
C TYR H 61 10.03 35.41 7.22
N PHE H 62 10.51 34.74 8.26
CA PHE H 62 11.31 35.38 9.29
C PHE H 62 12.70 34.72 9.33
N ALA H 63 13.72 35.52 9.64
CA ALA H 63 15.08 34.98 9.77
C ALA H 63 15.82 35.59 10.95
N ILE H 64 16.70 34.77 11.53
CA ILE H 64 17.74 35.21 12.44
C ILE H 64 19.03 35.33 11.65
N ALA H 65 19.65 36.51 11.71
CA ALA H 65 20.87 36.73 10.93
C ALA H 65 21.96 37.36 11.79
N THR H 66 23.20 37.11 11.37
CA THR H 66 24.42 37.65 11.96
C THR H 66 25.07 38.47 10.86
N ASN H 67 26.28 38.95 11.18
CA ASN H 67 27.10 39.68 10.23
C ASN H 67 27.48 38.77 9.07
N GLN H 68 27.44 37.43 9.25
CA GLN H 68 27.79 36.47 8.21
C GLN H 68 26.59 36.06 7.36
N GLY H 69 25.37 36.44 7.73
CA GLY H 69 24.23 36.08 6.92
C GLY H 69 23.15 35.41 7.78
N VAL H 70 22.25 34.74 7.07
CA VAL H 70 21.10 34.15 7.72
C VAL H 70 21.55 32.85 8.35
N VAL H 71 21.20 32.59 9.62
CA VAL H 71 21.58 31.30 10.19
C VAL H 71 20.37 30.39 10.30
N ALA H 72 19.15 30.92 10.28
CA ALA H 72 17.93 30.16 10.47
C ALA H 72 16.75 30.99 9.96
N ASP H 73 15.76 30.31 9.39
CA ASP H 73 14.64 30.95 8.75
C ASP H 73 13.41 30.03 8.85
N GLY H 74 12.23 30.65 8.76
CA GLY H 74 11.01 29.87 8.67
C GLY H 74 9.87 30.77 8.26
N CYS H 75 8.63 30.25 8.27
CA CYS H 75 7.52 31.13 7.95
C CYS H 75 6.21 30.62 8.50
N PHE H 76 5.21 31.50 8.53
CA PHE H 76 3.82 31.08 8.57
C PHE H 76 3.16 31.46 7.24
N THR H 77 2.14 30.70 6.85
CA THR H 77 1.26 31.05 5.74
C THR H 77 -0.17 30.72 6.12
N TYR H 78 -1.09 31.49 5.54
CA TYR H 78 -2.53 31.22 5.70
C TYR H 78 -2.92 30.02 4.83
N SER H 79 -4.06 29.43 5.11
CA SER H 79 -4.54 28.24 4.40
C SER H 79 -5.68 28.55 3.43
N SER H 80 -5.94 29.84 3.16
CA SER H 80 -6.93 30.26 2.18
C SER H 80 -6.25 31.30 1.31
N LYS H 81 -6.72 31.42 0.08
CA LYS H 81 -6.11 32.34 -0.86
C LYS H 81 -6.33 33.77 -0.39
N VAL H 82 -7.60 34.07 -0.05
CA VAL H 82 -8.02 35.37 0.39
C VAL H 82 -8.71 35.11 1.70
N PRO H 83 -7.95 35.13 2.79
CA PRO H 83 -8.56 34.82 4.10
C PRO H 83 -9.72 35.76 4.38
N GLU H 84 -10.78 35.22 4.96
CA GLU H 84 -11.88 36.09 5.35
C GLU H 84 -11.39 37.21 6.26
N SER H 85 -10.49 36.90 7.19
CA SER H 85 -9.79 37.88 7.98
C SER H 85 -8.35 37.37 8.14
N THR H 86 -7.37 38.25 8.12
CA THR H 86 -5.98 37.86 8.33
C THR H 86 -5.69 37.71 9.81
N GLY H 87 -5.83 36.48 10.27
CA GLY H 87 -5.76 36.18 11.70
C GLY H 87 -4.31 36.24 12.20
N ARG H 88 -4.17 36.49 13.52
CA ARG H 88 -2.83 36.61 14.11
C ARG H 88 -2.24 35.22 14.31
N MET H 89 -1.03 35.05 13.79
CA MET H 89 -0.43 33.72 13.68
C MET H 89 0.94 33.73 14.38
N PRO H 90 0.99 33.34 15.64
CA PRO H 90 2.24 33.35 16.43
C PRO H 90 3.42 32.63 15.79
N PHE H 91 4.63 33.21 15.89
CA PHE H 91 5.83 32.65 15.30
C PHE H 91 7.01 32.77 16.27
N THR H 92 7.74 31.68 16.43
CA THR H 92 8.98 31.66 17.20
C THR H 92 10.03 30.89 16.41
N LEU H 93 11.25 31.48 16.35
CA LEU H 93 12.40 30.79 15.75
C LEU H 93 13.55 30.77 16.76
N VAL H 94 14.19 29.61 16.88
CA VAL H 94 15.27 29.37 17.82
C VAL H 94 16.49 28.87 17.07
N ALA H 95 17.62 29.54 17.26
CA ALA H 95 18.89 29.05 16.74
C ALA H 95 20.02 29.19 17.76
N THR H 96 20.99 28.28 17.66
CA THR H 96 22.15 28.41 18.52
C THR H 96 23.37 28.69 17.64
N ILE H 97 24.05 29.82 17.86
CA ILE H 97 25.19 30.20 17.02
C ILE H 97 26.49 30.17 17.83
N ASP H 98 27.61 30.05 17.11
CA ASP H 98 28.96 30.17 17.65
C ASP H 98 29.45 31.62 17.47
N VAL H 99 29.80 32.30 18.57
CA VAL H 99 30.30 33.66 18.51
C VAL H 99 31.75 33.70 18.03
N GLY H 100 32.53 32.67 18.37
CA GLY H 100 33.92 32.60 17.95
C GLY H 100 34.12 32.51 16.43
N SER H 101 33.04 32.46 15.63
CA SER H 101 33.17 32.41 14.19
C SER H 101 33.32 33.82 13.61
N GLY H 102 33.18 34.87 14.42
CA GLY H 102 33.29 36.26 13.97
C GLY H 102 31.96 37.02 14.01
N VAL H 103 31.10 36.69 14.97
CA VAL H 103 29.83 37.34 15.16
C VAL H 103 30.00 38.62 15.99
N THR H 104 29.47 39.74 15.49
CA THR H 104 29.43 40.99 16.21
C THR H 104 27.99 41.35 16.55
N PHE H 105 27.01 40.83 15.80
CA PHE H 105 25.61 41.17 16.00
C PHE H 105 24.70 40.03 15.59
N VAL H 106 23.50 40.08 16.16
CA VAL H 106 22.41 39.17 15.80
C VAL H 106 21.18 40.03 15.56
N LYS H 107 20.47 39.78 14.44
CA LYS H 107 19.32 40.61 14.12
C LYS H 107 18.15 39.80 13.57
N GLY H 108 16.96 40.39 13.69
CA GLY H 108 15.75 39.76 13.15
C GLY H 108 15.36 40.34 11.80
N GLN H 109 15.02 39.46 10.84
CA GLN H 109 14.68 39.91 9.50
C GLN H 109 13.34 39.34 9.05
N TRP H 110 12.74 39.96 8.03
CA TRP H 110 11.54 39.39 7.43
C TRP H 110 11.49 39.64 5.93
N LYS H 111 10.67 38.84 5.25
CA LYS H 111 10.56 38.88 3.80
C LYS H 111 9.14 38.40 3.49
N SER H 112 8.55 39.01 2.48
CA SER H 112 7.19 38.73 2.09
C SER H 112 7.06 37.33 1.49
N VAL H 113 5.92 36.68 1.79
CA VAL H 113 5.47 35.54 1.02
C VAL H 113 4.49 36.04 -0.04
N ARG H 114 4.83 35.81 -1.31
CA ARG H 114 3.94 36.17 -2.42
C ARG H 114 3.40 37.59 -2.33
N GLY H 115 4.35 38.55 -2.14
CA GLY H 115 4.01 39.97 -2.17
C GLY H 115 3.24 40.50 -0.95
N SER H 116 3.10 39.66 0.09
CA SER H 116 2.38 40.05 1.29
C SER H 116 2.92 41.36 1.85
N ALA H 117 2.02 42.14 2.45
CA ALA H 117 2.44 43.19 3.35
C ALA H 117 2.62 42.60 4.75
N MET H 118 3.68 42.98 5.43
CA MET H 118 4.03 42.34 6.69
C MET H 118 3.71 43.31 7.84
N HIS H 119 3.11 42.80 8.91
CA HIS H 119 2.67 43.68 9.98
C HIS H 119 3.10 43.17 11.37
N ILE H 120 3.79 44.05 12.16
CA ILE H 120 3.97 43.85 13.59
C ILE H 120 3.47 45.12 14.24
N ASP H 121 2.47 45.02 15.10
CA ASP H 121 1.79 46.19 15.66
C ASP H 121 1.57 46.02 17.15
N SER H 122 2.36 45.13 17.74
CA SER H 122 2.27 44.75 19.15
C SER H 122 3.69 44.27 19.50
N TYR H 123 3.86 43.71 20.70
CA TYR H 123 5.14 43.37 21.26
C TYR H 123 5.80 42.29 20.43
N ALA H 124 7.13 42.40 20.27
CA ALA H 124 7.94 41.29 19.77
C ALA H 124 9.36 41.41 20.34
N SER H 125 10.15 40.34 20.34
CA SER H 125 11.41 40.32 21.08
C SER H 125 12.46 39.47 20.37
N LEU H 126 13.73 39.87 20.52
CA LEU H 126 14.87 39.06 20.16
C LEU H 126 15.74 38.92 21.40
N SER H 127 16.05 37.70 21.79
CA SER H 127 16.67 37.41 23.08
C SER H 127 17.82 36.45 22.85
N ALA H 128 18.81 36.44 23.76
CA ALA H 128 19.93 35.51 23.65
C ALA H 128 20.50 35.17 25.02
N ILE H 129 20.87 33.90 25.16
CA ILE H 129 21.55 33.44 26.32
C ILE H 129 22.93 32.94 25.94
N TRP H 130 23.96 33.42 26.66
CA TRP H 130 25.32 32.98 26.40
C TRP H 130 25.65 31.71 27.19
N GLY H 131 26.41 30.84 26.54
CA GLY H 131 26.92 29.67 27.21
C GLY H 131 28.19 29.16 26.51
N THR H 132 28.55 27.92 26.92
CA THR H 132 29.79 27.26 26.53
C THR H 132 29.45 26.16 25.50
N ALA H 133 30.47 25.97 24.65
CA ALA H 133 30.40 25.15 23.44
C ALA H 133 29.98 23.69 23.80
N PRO I 4 27.16 24.99 29.70
CA PRO I 4 27.00 24.23 28.45
C PRO I 4 25.61 24.41 27.77
N LEU I 5 25.69 24.63 26.44
CA LEU I 5 24.52 24.90 25.60
C LEU I 5 24.45 23.75 24.60
N LEU I 6 23.35 23.01 24.63
CA LEU I 6 23.20 21.91 23.69
C LEU I 6 22.28 22.32 22.54
N SER I 7 22.57 21.81 21.36
CA SER I 7 21.83 22.27 20.20
C SER I 7 21.91 21.22 19.10
N ALA I 8 20.79 20.92 18.45
CA ALA I 8 20.81 20.14 17.21
C ALA I 8 19.77 20.73 16.26
N SER I 9 20.14 20.81 15.00
CA SER I 9 19.28 21.47 14.05
C SER I 9 19.25 20.64 12.77
N ILE I 10 18.13 20.70 12.01
CA ILE I 10 18.00 20.00 10.74
C ILE I 10 17.51 21.00 9.72
N VAL I 11 17.69 20.67 8.44
CA VAL I 11 17.14 21.49 7.36
C VAL I 11 15.98 20.80 6.64
N SER I 12 15.68 19.53 6.98
CA SER I 12 14.61 18.74 6.40
C SER I 12 14.50 17.41 7.16
N ALA I 13 13.35 16.74 7.05
CA ALA I 13 13.19 15.37 7.50
C ALA I 13 12.36 14.58 6.50
N PRO I 14 12.41 13.24 6.55
CA PRO I 14 11.56 12.41 5.70
C PRO I 14 10.07 12.60 5.99
N VAL I 15 9.23 12.39 4.97
CA VAL I 15 7.80 12.38 5.22
C VAL I 15 7.42 11.15 6.05
N VAL I 16 6.51 11.34 7.03
CA VAL I 16 6.17 10.27 7.95
C VAL I 16 4.69 10.31 8.19
N THR I 17 4.12 9.11 8.29
CA THR I 17 2.79 8.94 8.82
C THR I 17 2.89 7.90 9.94
N SER I 18 2.34 8.15 11.12
CA SER I 18 2.54 7.25 12.25
C SER I 18 1.41 7.43 13.26
N GLU I 19 0.91 6.31 13.77
CA GLU I 19 -0.09 6.29 14.81
C GLU I 19 0.61 6.42 16.16
N THR I 20 1.95 6.30 16.22
CA THR I 20 2.69 6.34 17.47
C THR I 20 3.81 7.37 17.32
N TYR I 21 4.27 7.87 18.45
CA TYR I 21 5.37 8.80 18.49
C TYR I 21 6.61 8.12 17.89
N VAL I 22 7.24 8.74 16.90
CA VAL I 22 8.47 8.27 16.31
C VAL I 22 9.44 9.45 16.31
N ASP I 23 10.71 9.13 16.22
CA ASP I 23 11.78 10.10 16.40
C ASP I 23 11.93 10.92 15.13
N ILE I 24 12.08 12.23 15.32
CA ILE I 24 12.43 13.07 14.19
C ILE I 24 13.93 12.96 13.99
N PRO I 25 14.41 12.39 12.87
CA PRO I 25 15.85 12.23 12.61
C PRO I 25 16.52 13.57 12.76
N GLY I 26 17.58 13.59 13.56
CA GLY I 26 18.49 14.73 13.71
C GLY I 26 18.17 15.59 14.94
N LEU I 27 17.02 15.35 15.61
CA LEU I 27 16.64 16.16 16.76
C LEU I 27 16.90 15.36 18.03
N TYR I 28 18.20 15.27 18.37
CA TYR I 28 18.68 14.39 19.42
C TYR I 28 19.78 15.12 20.16
N LEU I 29 19.69 15.14 21.48
CA LEU I 29 20.73 15.69 22.32
C LEU I 29 21.24 14.58 23.23
N ASP I 30 22.56 14.30 23.12
CA ASP I 30 23.22 13.41 24.05
C ASP I 30 23.63 14.18 25.30
N VAL I 31 22.85 14.06 26.37
CA VAL I 31 23.12 14.74 27.60
C VAL I 31 24.37 14.14 28.24
N ALA I 32 24.47 12.81 28.24
CA ALA I 32 25.58 12.09 28.85
C ALA I 32 26.91 12.52 28.23
N LYS I 33 27.03 12.43 26.90
CA LYS I 33 28.30 12.76 26.24
C LYS I 33 28.79 14.13 26.67
N ALA I 34 27.84 15.04 26.94
CA ALA I 34 28.23 16.37 27.35
C ALA I 34 28.60 16.41 28.85
N GLY I 35 28.57 15.24 29.53
CA GLY I 35 28.97 15.17 30.92
C GLY I 35 27.86 15.60 31.85
N ILE I 36 26.64 15.92 31.37
CA ILE I 36 25.58 16.32 32.27
C ILE I 36 24.96 15.09 32.91
N ARG I 37 25.10 15.02 34.25
CA ARG I 37 24.60 13.91 35.04
C ARG I 37 23.73 14.44 36.19
N ASP I 38 23.69 15.76 36.40
CA ASP I 38 22.88 16.33 37.47
C ASP I 38 22.25 17.63 36.94
N GLY I 39 21.29 18.19 37.69
CA GLY I 39 20.82 19.53 37.38
C GLY I 39 19.57 19.50 36.49
N LYS I 40 19.25 20.65 35.88
CA LYS I 40 18.03 20.84 35.11
C LYS I 40 18.39 21.21 33.68
N LEU I 41 17.63 20.67 32.72
CA LEU I 41 17.71 21.16 31.35
C LEU I 41 16.40 21.82 30.96
N GLN I 42 16.50 23.05 30.45
CA GLN I 42 15.37 23.68 29.77
C GLN I 42 15.46 23.33 28.29
N VAL I 43 14.51 22.52 27.80
CA VAL I 43 14.52 22.07 26.41
C VAL I 43 13.49 22.83 25.58
N ILE I 44 13.92 23.30 24.40
CA ILE I 44 13.03 23.92 23.43
C ILE I 44 13.02 23.09 22.16
N LEU I 45 11.83 22.53 21.83
CA LEU I 45 11.62 21.96 20.51
C LEU I 45 10.99 23.03 19.64
N ASN I 46 11.72 23.48 18.62
CA ASN I 46 11.24 24.54 17.75
C ASN I 46 11.07 24.02 16.31
N VAL I 47 9.83 23.95 15.82
CA VAL I 47 9.55 23.53 14.45
C VAL I 47 8.81 24.67 13.81
N PRO I 48 9.55 25.65 13.25
CA PRO I 48 8.94 26.91 12.87
C PRO I 48 8.06 26.86 11.63
N THR I 49 8.33 25.97 10.67
CA THR I 49 7.59 25.98 9.39
C THR I 49 7.00 24.60 9.03
N PRO I 50 6.36 23.86 9.94
CA PRO I 50 5.78 22.56 9.63
C PRO I 50 4.44 22.65 8.88
N TYR I 51 4.05 21.54 8.21
CA TYR I 51 2.70 21.42 7.72
C TYR I 51 2.25 19.97 7.72
N ALA I 52 0.95 19.76 7.59
CA ALA I 52 0.41 18.40 7.55
C ALA I 52 -0.51 18.24 6.35
N THR I 53 -0.57 17.02 5.81
CA THR I 53 -1.47 16.76 4.68
C THR I 53 -2.44 15.66 5.10
N GLY I 54 -3.70 15.88 4.72
CA GLY I 54 -4.68 14.83 4.84
C GLY I 54 -6.07 15.28 4.40
N ASN I 55 -7.07 14.46 4.76
CA ASN I 55 -8.45 14.75 4.38
C ASN I 55 -9.33 14.94 5.63
N ASN I 56 -8.80 14.94 6.86
CA ASN I 56 -9.72 15.04 7.98
C ASN I 56 -9.16 15.95 9.06
N PHE I 57 -9.16 17.25 8.80
CA PHE I 57 -8.67 18.25 9.74
C PHE I 57 -7.26 17.91 10.18
N PRO I 58 -6.29 17.96 9.26
CA PRO I 58 -4.95 17.49 9.54
C PRO I 58 -4.19 18.27 10.60
N GLY I 59 -3.14 17.65 11.12
CA GLY I 59 -2.27 18.21 12.13
C GLY I 59 -1.14 17.25 12.51
N ILE I 60 -0.28 17.72 13.42
CA ILE I 60 0.85 16.98 13.91
C ILE I 60 0.89 17.11 15.43
N TYR I 61 1.12 15.96 16.09
CA TYR I 61 1.44 15.92 17.51
C TYR I 61 2.96 15.92 17.64
N PHE I 62 3.51 16.77 18.52
CA PHE I 62 4.94 16.81 18.77
C PHE I 62 5.23 16.51 20.23
N ALA I 63 6.36 15.82 20.50
CA ALA I 63 6.75 15.55 21.88
C ALA I 63 8.24 15.73 22.11
N ILE I 64 8.55 16.14 23.35
CA ILE I 64 9.90 16.05 23.90
C ILE I 64 9.99 14.78 24.73
N ALA I 65 10.99 13.94 24.45
CA ALA I 65 11.16 12.71 25.18
C ALA I 65 12.59 12.50 25.62
N THR I 66 12.70 11.72 26.72
CA THR I 66 13.97 11.30 27.32
C THR I 66 13.97 9.80 27.24
N ASN I 67 15.00 9.20 27.87
CA ASN I 67 15.13 7.75 27.98
C ASN I 67 13.98 7.21 28.81
N GLN I 68 13.30 8.04 29.65
CA GLN I 68 12.16 7.55 30.43
C GLN I 68 10.82 7.70 29.72
N GLY I 69 10.76 8.41 28.59
CA GLY I 69 9.53 8.53 27.87
C GLY I 69 9.22 9.99 27.57
N VAL I 70 7.95 10.25 27.23
CA VAL I 70 7.55 11.58 26.82
C VAL I 70 7.44 12.45 28.04
N VAL I 71 7.99 13.65 28.04
CA VAL I 71 7.81 14.52 29.19
C VAL I 71 6.82 15.64 28.88
N ALA I 72 6.58 15.93 27.59
CA ALA I 72 5.71 17.04 27.18
C ALA I 72 5.30 16.85 25.73
N ASP I 73 4.09 17.28 25.38
CA ASP I 73 3.54 17.07 24.07
C ASP I 73 2.56 18.22 23.76
N GLY I 74 2.35 18.45 22.47
CA GLY I 74 1.28 19.33 22.03
C GLY I 74 0.94 19.05 20.58
N CYS I 75 0.15 19.93 19.96
CA CYS I 75 -0.11 19.78 18.55
C CYS I 75 -0.56 21.09 17.92
N PHE I 76 -0.46 21.12 16.58
CA PHE I 76 -1.26 22.05 15.80
C PHE I 76 -2.26 21.24 14.99
N THR I 77 -3.42 21.82 14.69
CA THR I 77 -4.38 21.28 13.75
C THR I 77 -4.93 22.41 12.92
N TYR I 78 -5.34 22.06 11.68
CA TYR I 78 -6.02 23.00 10.80
C TYR I 78 -7.46 23.16 11.26
N SER I 79 -8.12 24.22 10.80
CA SER I 79 -9.51 24.49 11.18
C SER I 79 -10.50 24.22 10.03
N SER I 80 -10.08 23.47 9.01
CA SER I 80 -10.92 23.06 7.90
C SER I 80 -10.64 21.61 7.68
N LYS I 81 -11.65 20.88 7.18
CA LYS I 81 -11.49 19.46 7.00
C LYS I 81 -10.46 19.21 5.93
N VAL I 82 -10.61 19.90 4.80
CA VAL I 82 -9.73 19.76 3.67
C VAL I 82 -9.30 21.19 3.40
N PRO I 83 -8.21 21.63 4.03
CA PRO I 83 -7.77 23.01 3.83
C PRO I 83 -7.53 23.29 2.35
N GLU I 84 -7.90 24.47 1.91
CA GLU I 84 -7.64 24.86 0.54
C GLU I 84 -6.16 24.70 0.19
N SER I 85 -5.28 25.07 1.10
CA SER I 85 -3.87 24.82 1.04
C SER I 85 -3.43 24.50 2.48
N THR I 86 -2.48 23.58 2.67
CA THR I 86 -1.96 23.25 3.97
C THR I 86 -0.90 24.28 4.37
N GLY I 87 -1.34 25.28 5.10
CA GLY I 87 -0.50 26.41 5.49
C GLY I 87 0.57 26.03 6.51
N ARG I 88 1.64 26.82 6.54
CA ARG I 88 2.72 26.59 7.50
C ARG I 88 2.30 27.11 8.87
N MET I 89 2.40 26.25 9.87
CA MET I 89 1.86 26.52 11.20
C MET I 89 2.97 26.36 12.24
N PRO I 90 3.66 27.44 12.59
CA PRO I 90 4.75 27.40 13.59
C PRO I 90 4.42 26.73 14.91
N PHE I 91 5.36 25.95 15.46
CA PHE I 91 5.15 25.17 16.67
C PHE I 91 6.39 25.24 17.56
N THR I 92 6.17 25.52 18.85
CA THR I 92 7.25 25.50 19.83
C THR I 92 6.76 24.77 21.08
N LEU I 93 7.61 23.91 21.66
CA LEU I 93 7.33 23.24 22.93
C LEU I 93 8.51 23.41 23.89
N VAL I 94 8.20 23.78 25.14
CA VAL I 94 9.23 24.06 26.13
C VAL I 94 8.99 23.20 27.37
N ALA I 95 10.02 22.46 27.75
CA ALA I 95 9.95 21.63 28.95
C ALA I 95 11.25 21.70 29.73
N THR I 96 11.09 21.63 31.05
CA THR I 96 12.25 21.66 31.91
C THR I 96 12.34 20.32 32.61
N ILE I 97 13.44 19.58 32.42
CA ILE I 97 13.58 18.24 32.97
C ILE I 97 14.70 18.19 34.02
N ASP I 98 14.61 17.19 34.91
CA ASP I 98 15.65 16.90 35.90
C ASP I 98 16.59 15.82 35.37
N VAL I 99 17.89 16.12 35.22
CA VAL I 99 18.85 15.17 34.69
C VAL I 99 19.24 14.15 35.75
N GLY I 100 19.29 14.58 37.01
CA GLY I 100 19.62 13.70 38.13
C GLY I 100 18.75 12.44 38.24
N SER I 101 17.63 12.37 37.50
CA SER I 101 16.71 11.26 37.64
C SER I 101 17.10 10.12 36.69
N GLY I 102 18.15 10.28 35.87
CA GLY I 102 18.65 9.22 35.00
C GLY I 102 18.45 9.51 33.50
N VAL I 103 18.52 10.78 33.12
CA VAL I 103 18.43 11.19 31.73
C VAL I 103 19.79 11.10 31.05
N THR I 104 19.85 10.42 29.91
CA THR I 104 21.06 10.32 29.09
C THR I 104 20.85 11.05 27.76
N PHE I 105 19.57 11.21 27.33
CA PHE I 105 19.28 11.82 26.05
C PHE I 105 17.94 12.54 26.09
N VAL I 106 17.82 13.50 25.16
CA VAL I 106 16.60 14.23 24.92
C VAL I 106 16.35 14.21 23.42
N LYS I 107 15.10 13.90 23.01
CA LYS I 107 14.82 13.83 21.59
C LYS I 107 13.46 14.45 21.25
N GLY I 108 13.34 14.86 19.98
CA GLY I 108 12.08 15.32 19.43
C GLY I 108 11.34 14.19 18.69
N GLN I 109 10.03 14.06 18.97
CA GLN I 109 9.21 13.05 18.34
C GLN I 109 7.98 13.66 17.70
N TRP I 110 7.35 12.91 16.79
CA TRP I 110 6.07 13.36 16.24
C TRP I 110 5.14 12.18 15.94
N LYS I 111 3.83 12.47 15.81
CA LYS I 111 2.81 11.47 15.61
C LYS I 111 1.67 12.17 14.85
N SER I 112 1.03 11.43 13.95
CA SER I 112 0.01 11.96 13.08
C SER I 112 -1.27 12.30 13.85
N VAL I 113 -1.93 13.35 13.42
CA VAL I 113 -3.32 13.63 13.77
C VAL I 113 -4.22 13.10 12.65
N ARG I 114 -5.09 12.15 12.97
CA ARG I 114 -6.05 11.62 12.02
C ARG I 114 -5.39 11.20 10.70
N GLY I 115 -4.30 10.43 10.81
CA GLY I 115 -3.64 9.85 9.66
C GLY I 115 -2.82 10.81 8.81
N SER I 116 -2.63 12.04 9.30
CA SER I 116 -1.90 13.04 8.53
C SER I 116 -0.51 12.54 8.12
N ALA I 117 -0.04 13.02 7.00
CA ALA I 117 1.37 12.93 6.69
C ALA I 117 2.07 14.17 7.24
N MET I 118 3.23 13.96 7.86
CA MET I 118 3.89 15.02 8.59
C MET I 118 5.09 15.53 7.78
N HIS I 119 5.25 16.87 7.73
CA HIS I 119 6.29 17.43 6.88
C HIS I 119 7.14 18.47 7.61
N ILE I 120 8.48 18.22 7.63
CA ILE I 120 9.46 19.27 7.93
C ILE I 120 10.40 19.28 6.74
N ASP I 121 10.47 20.42 6.05
CA ASP I 121 11.23 20.55 4.83
C ASP I 121 12.06 21.83 4.86
N SER I 122 12.33 22.32 6.06
CA SER I 122 13.03 23.57 6.32
C SER I 122 13.66 23.41 7.70
N TYR I 123 14.31 24.47 8.19
CA TYR I 123 15.02 24.43 9.46
C TYR I 123 14.11 24.05 10.63
N ALA I 124 14.63 23.22 11.55
CA ALA I 124 14.01 23.00 12.84
C ALA I 124 15.06 22.63 13.87
N SER I 125 14.82 22.85 15.17
CA SER I 125 15.89 22.82 16.17
C SER I 125 15.42 22.25 17.49
N LEU I 126 16.33 21.57 18.19
CA LEU I 126 16.12 21.12 19.54
C LEU I 126 17.30 21.66 20.33
N SER I 127 17.01 22.40 21.39
CA SER I 127 18.02 23.16 22.10
C SER I 127 17.87 22.87 23.59
N ALA I 128 18.96 23.02 24.37
CA ALA I 128 18.84 22.90 25.82
C ALA I 128 19.83 23.81 26.54
N ILE I 129 19.35 24.40 27.63
CA ILE I 129 20.22 25.15 28.50
C ILE I 129 20.29 24.46 29.86
N TRP I 130 21.54 24.27 30.32
CA TRP I 130 21.74 23.63 31.62
C TRP I 130 21.68 24.63 32.76
N GLY I 131 21.10 24.20 33.88
CA GLY I 131 21.12 24.99 35.09
C GLY I 131 20.93 24.09 36.31
N THR I 132 20.61 24.70 37.45
CA THR I 132 20.39 23.99 38.71
C THR I 132 19.01 24.35 39.25
N ALA I 133 18.51 23.48 40.15
CA ALA I 133 17.23 23.73 40.86
C ALA I 133 17.34 24.70 42.08
N PRO J 4 -36.42 -35.32 36.62
CA PRO J 4 -35.85 -34.00 36.95
C PRO J 4 -35.91 -32.96 35.80
N LEU J 5 -36.48 -31.78 36.12
CA LEU J 5 -36.77 -30.71 35.16
C LEU J 5 -35.96 -29.51 35.55
N LEU J 6 -35.12 -29.05 34.62
CA LEU J 6 -34.31 -27.88 34.94
C LEU J 6 -34.89 -26.65 34.25
N SER J 7 -34.83 -25.52 34.94
CA SER J 7 -35.41 -24.32 34.38
C SER J 7 -34.73 -23.11 34.99
N ALA J 8 -34.34 -22.13 34.16
CA ALA J 8 -33.96 -20.81 34.63
C ALA J 8 -34.64 -19.72 33.80
N SER J 9 -35.10 -18.66 34.47
CA SER J 9 -35.84 -17.66 33.75
C SER J 9 -35.35 -16.29 34.21
N ILE J 10 -35.47 -15.27 33.33
CA ILE J 10 -35.11 -13.92 33.67
C ILE J 10 -36.25 -13.03 33.21
N VAL J 11 -36.31 -11.81 33.78
CA VAL J 11 -37.32 -10.84 33.34
C VAL J 11 -36.70 -9.67 32.59
N SER J 12 -35.36 -9.66 32.48
CA SER J 12 -34.61 -8.63 31.76
C SER J 12 -33.13 -9.00 31.79
N ALA J 13 -32.36 -8.40 30.90
CA ALA J 13 -30.91 -8.51 30.90
C ALA J 13 -30.33 -7.13 30.60
N PRO J 14 -29.09 -6.85 31.00
CA PRO J 14 -28.41 -5.63 30.58
C PRO J 14 -28.22 -5.54 29.04
N VAL J 15 -28.20 -4.33 28.51
CA VAL J 15 -27.86 -4.14 27.12
C VAL J 15 -26.39 -4.50 26.83
N VAL J 16 -26.16 -5.16 25.71
CA VAL J 16 -24.86 -5.70 25.36
C VAL J 16 -24.61 -5.49 23.89
N THR J 17 -23.39 -5.14 23.57
CA THR J 17 -22.86 -5.23 22.24
C THR J 17 -21.61 -6.10 22.33
N SER J 18 -21.44 -7.11 21.47
CA SER J 18 -20.29 -8.00 21.57
C SER J 18 -20.03 -8.63 20.20
N GLU J 19 -18.77 -8.73 19.86
CA GLU J 19 -18.32 -9.41 18.66
C GLU J 19 -18.21 -10.91 18.94
N THR J 20 -18.26 -11.33 20.21
CA THR J 20 -18.09 -12.72 20.57
C THR J 20 -19.27 -13.13 21.44
N TYR J 21 -19.49 -14.45 21.48
CA TYR J 21 -20.56 -14.99 22.29
C TYR J 21 -20.24 -14.64 23.76
N VAL J 22 -21.21 -14.03 24.45
CA VAL J 22 -21.11 -13.72 25.85
C VAL J 22 -22.36 -14.27 26.50
N ASP J 23 -22.26 -14.51 27.80
CA ASP J 23 -23.28 -15.23 28.55
C ASP J 23 -24.43 -14.28 28.82
N ILE J 24 -25.64 -14.79 28.63
CA ILE J 24 -26.78 -14.00 29.02
C ILE J 24 -26.96 -14.19 30.52
N PRO J 25 -26.80 -13.14 31.34
CA PRO J 25 -26.87 -13.29 32.79
C PRO J 25 -28.20 -13.92 33.14
N GLY J 26 -28.12 -15.01 33.94
CA GLY J 26 -29.27 -15.65 34.54
C GLY J 26 -29.77 -16.87 33.76
N LEU J 27 -29.24 -17.10 32.54
CA LEU J 27 -29.67 -18.23 31.72
C LEU J 27 -28.65 -19.36 31.81
N TYR J 28 -28.70 -20.04 32.98
CA TYR J 28 -27.69 -21.01 33.37
C TYR J 28 -28.37 -22.18 34.04
N LEU J 29 -28.03 -23.38 33.63
CA LEU J 29 -28.50 -24.59 34.30
C LEU J 29 -27.30 -25.36 34.80
N ASP J 30 -27.24 -25.57 36.13
CA ASP J 30 -26.20 -26.41 36.72
C ASP J 30 -26.60 -27.90 36.67
N VAL J 31 -26.07 -28.63 35.70
CA VAL J 31 -26.40 -30.04 35.54
C VAL J 31 -25.83 -30.85 36.72
N ALA J 32 -24.59 -30.54 37.10
CA ALA J 32 -23.91 -31.23 38.18
C ALA J 32 -24.68 -31.12 39.50
N LYS J 33 -24.98 -29.89 39.94
CA LYS J 33 -25.60 -29.73 41.26
C LYS J 33 -26.91 -30.50 41.29
N ALA J 34 -27.55 -30.74 40.13
CA ALA J 34 -28.76 -31.55 40.14
C ALA J 34 -28.42 -33.05 40.14
N GLY J 35 -27.14 -33.42 40.19
CA GLY J 35 -26.71 -34.81 40.18
C GLY J 35 -26.96 -35.51 38.86
N ILE J 36 -26.88 -34.77 37.75
CA ILE J 36 -26.98 -35.40 36.44
C ILE J 36 -25.58 -35.63 35.89
N ARG J 37 -25.24 -36.91 35.67
CA ARG J 37 -23.92 -37.30 35.23
C ARG J 37 -23.99 -38.19 33.98
N ASP J 38 -25.19 -38.65 33.61
CA ASP J 38 -25.34 -39.55 32.46
C ASP J 38 -26.62 -39.14 31.71
N GLY J 39 -26.86 -39.72 30.52
CA GLY J 39 -28.11 -39.54 29.82
C GLY J 39 -28.10 -38.30 28.91
N LYS J 40 -29.30 -37.85 28.53
CA LYS J 40 -29.47 -36.80 27.53
C LYS J 40 -30.27 -35.66 28.15
N LEU J 41 -29.96 -34.43 27.77
CA LEU J 41 -30.80 -33.29 28.08
C LEU J 41 -31.33 -32.68 26.80
N GLN J 42 -32.65 -32.50 26.71
CA GLN J 42 -33.24 -31.68 25.65
C GLN J 42 -33.34 -30.25 26.15
N VAL J 43 -32.53 -29.36 25.56
CA VAL J 43 -32.44 -27.98 26.02
C VAL J 43 -33.21 -27.03 25.10
N ILE J 44 -34.01 -26.16 25.70
CA ILE J 44 -34.74 -25.12 24.95
C ILE J 44 -34.31 -23.74 25.47
N LEU J 45 -33.65 -22.96 24.59
CA LEU J 45 -33.44 -21.53 24.81
C LEU J 45 -34.62 -20.79 24.19
N ASN J 46 -35.42 -20.13 25.01
CA ASN J 46 -36.60 -19.40 24.54
C ASN J 46 -36.45 -17.91 24.86
N VAL J 47 -36.35 -17.09 23.84
CA VAL J 47 -36.25 -15.64 24.01
C VAL J 47 -37.38 -15.03 23.19
N PRO J 48 -38.57 -14.95 23.79
CA PRO J 48 -39.78 -14.65 23.00
C PRO J 48 -39.92 -13.22 22.50
N THR J 49 -39.34 -12.24 23.22
CA THR J 49 -39.52 -10.84 22.87
C THR J 49 -38.21 -10.05 22.74
N PRO J 50 -37.19 -10.55 22.02
CA PRO J 50 -35.95 -9.81 21.82
C PRO J 50 -36.05 -8.72 20.75
N TYR J 51 -35.12 -7.77 20.76
CA TYR J 51 -34.93 -6.89 19.60
C TYR J 51 -33.49 -6.46 19.50
N ALA J 52 -33.12 -5.94 18.34
CA ALA J 52 -31.77 -5.43 18.15
C ALA J 52 -31.80 -4.01 17.60
N THR J 53 -30.77 -3.22 17.94
CA THR J 53 -30.69 -1.85 17.42
C THR J 53 -29.40 -1.69 16.65
N GLY J 54 -29.50 -0.99 15.51
CA GLY J 54 -28.31 -0.71 14.73
C GLY J 54 -28.57 0.03 13.43
N ASN J 55 -27.54 0.15 12.60
CA ASN J 55 -27.68 0.91 11.35
C ASN J 55 -27.48 0.02 10.12
N ASN J 56 -27.28 -1.29 10.28
CA ASN J 56 -26.94 -2.10 9.14
C ASN J 56 -27.60 -3.46 9.32
N PHE J 57 -28.93 -3.50 9.13
CA PHE J 57 -29.69 -4.72 9.14
C PHE J 57 -29.42 -5.46 10.45
N PRO J 58 -29.91 -4.92 11.57
CA PRO J 58 -29.62 -5.49 12.86
C PRO J 58 -30.19 -6.88 13.12
N GLY J 59 -29.56 -7.55 14.09
CA GLY J 59 -29.98 -8.87 14.52
C GLY J 59 -29.15 -9.31 15.74
N ILE J 60 -29.48 -10.51 16.25
CA ILE J 60 -28.78 -11.14 17.34
C ILE J 60 -28.51 -12.59 16.96
N TYR J 61 -27.30 -13.04 17.28
CA TYR J 61 -26.94 -14.46 17.25
C TYR J 61 -27.16 -15.03 18.65
N PHE J 62 -27.81 -16.18 18.77
CA PHE J 62 -28.01 -16.84 20.05
C PHE J 62 -27.38 -18.23 20.02
N ALA J 63 -26.84 -18.67 21.17
CA ALA J 63 -26.26 -20.02 21.24
C ALA J 63 -26.61 -20.70 22.54
N ILE J 64 -26.72 -22.05 22.44
CA ILE J 64 -26.71 -22.92 23.60
C ILE J 64 -25.31 -23.47 23.77
N ALA J 65 -24.73 -23.31 24.97
CA ALA J 65 -23.38 -23.75 25.23
C ALA J 65 -23.27 -24.53 26.52
N THR J 66 -22.26 -25.40 26.56
CA THR J 66 -21.89 -26.22 27.72
C THR J 66 -20.47 -25.82 28.07
N ASN J 67 -19.89 -26.57 29.00
CA ASN J 67 -18.51 -26.40 29.42
C ASN J 67 -17.60 -26.75 28.26
N GLN J 68 -18.06 -27.53 27.26
CA GLN J 68 -17.26 -27.90 26.10
C GLN J 68 -17.40 -26.90 24.94
N GLY J 69 -18.33 -25.96 25.02
CA GLY J 69 -18.44 -24.94 23.99
C GLY J 69 -19.86 -24.87 23.45
N VAL J 70 -19.98 -24.27 22.28
CA VAL J 70 -21.29 -24.05 21.69
C VAL J 70 -21.77 -25.35 21.10
N VAL J 71 -23.01 -25.77 21.36
CA VAL J 71 -23.49 -26.97 20.71
C VAL J 71 -24.47 -26.64 19.59
N ALA J 72 -25.03 -25.41 19.58
CA ALA J 72 -26.04 -25.03 18.60
C ALA J 72 -26.20 -23.52 18.62
N ASP J 73 -26.52 -22.94 17.45
CA ASP J 73 -26.61 -21.51 17.32
C ASP J 73 -27.64 -21.15 16.24
N GLY J 74 -28.15 -19.93 16.30
CA GLY J 74 -28.90 -19.38 15.19
C GLY J 74 -29.04 -17.88 15.35
N CYS J 75 -29.93 -17.25 14.58
CA CYS J 75 -30.11 -15.81 14.72
C CYS J 75 -31.43 -15.38 14.14
N PHE J 76 -31.87 -14.18 14.52
CA PHE J 76 -32.84 -13.44 13.72
C PHE J 76 -32.12 -12.21 13.16
N THR J 77 -32.59 -11.72 12.00
CA THR J 77 -32.17 -10.45 11.45
C THR J 77 -33.39 -9.74 10.90
N TYR J 78 -33.32 -8.39 10.90
CA TYR J 78 -34.36 -7.58 10.27
C TYR J 78 -34.14 -7.60 8.76
N SER J 79 -35.15 -7.21 8.01
CA SER J 79 -35.10 -7.23 6.54
C SER J 79 -34.97 -5.83 5.94
N SER J 80 -34.66 -4.81 6.79
CA SER J 80 -34.42 -3.44 6.33
C SER J 80 -33.14 -2.98 6.97
N LYS J 81 -32.44 -2.08 6.29
CA LYS J 81 -31.15 -1.64 6.81
C LYS J 81 -31.33 -0.87 8.11
N VAL J 82 -32.25 0.07 8.09
CA VAL J 82 -32.57 0.92 9.22
C VAL J 82 -34.07 0.74 9.40
N PRO J 83 -34.47 -0.26 10.17
CA PRO J 83 -35.90 -0.52 10.36
C PRO J 83 -36.58 0.74 10.88
N GLU J 84 -37.79 1.00 10.40
CA GLU J 84 -38.55 2.11 10.92
C GLU J 84 -38.71 2.00 12.43
N SER J 85 -38.94 0.79 12.91
CA SER J 85 -38.97 0.46 14.32
C SER J 85 -38.37 -0.93 14.44
N THR J 86 -37.61 -1.18 15.50
CA THR J 86 -37.02 -2.49 15.73
C THR J 86 -38.05 -3.38 16.41
N GLY J 87 -38.76 -4.14 15.59
CA GLY J 87 -39.87 -4.95 16.08
C GLY J 87 -39.38 -6.16 16.86
N ARG J 88 -40.25 -6.65 17.74
CA ARG J 88 -39.88 -7.79 18.59
C ARG J 88 -39.96 -9.08 17.77
N MET J 89 -38.89 -9.85 17.80
CA MET J 89 -38.72 -10.98 16.88
C MET J 89 -38.45 -12.25 17.68
N PRO J 90 -39.51 -13.02 17.99
CA PRO J 90 -39.39 -14.24 18.78
C PRO J 90 -38.36 -15.25 18.30
N PHE J 91 -37.62 -15.87 19.24
CA PHE J 91 -36.53 -16.76 18.92
C PHE J 91 -36.53 -17.96 19.87
N THR J 92 -36.46 -19.17 19.28
CA THR J 92 -36.33 -20.37 20.08
C THR J 92 -35.25 -21.25 19.46
N LEU J 93 -34.38 -21.83 20.31
CA LEU J 93 -33.39 -22.81 19.87
C LEU J 93 -33.50 -24.08 20.74
N VAL J 94 -33.49 -25.23 20.07
CA VAL J 94 -33.61 -26.52 20.71
C VAL J 94 -32.43 -27.40 20.33
N ALA J 95 -31.76 -27.93 21.35
CA ALA J 95 -30.70 -28.89 21.14
C ALA J 95 -30.75 -30.01 22.18
N THR J 96 -30.28 -31.19 21.78
CA THR J 96 -30.23 -32.31 22.69
C THR J 96 -28.78 -32.69 22.93
N ILE J 97 -28.32 -32.65 24.19
CA ILE J 97 -26.92 -32.88 24.51
C ILE J 97 -26.76 -34.16 25.33
N ASP J 98 -25.55 -34.75 25.27
CA ASP J 98 -25.20 -35.93 26.04
C ASP J 98 -24.46 -35.49 27.30
N VAL J 99 -24.95 -35.85 28.50
CA VAL J 99 -24.32 -35.44 29.75
C VAL J 99 -23.09 -36.28 30.03
N GLY J 100 -23.11 -37.56 29.62
CA GLY J 100 -21.95 -38.43 29.78
C GLY J 100 -20.66 -37.94 29.09
N SER J 101 -20.74 -36.93 28.23
CA SER J 101 -19.55 -36.44 27.55
C SER J 101 -18.73 -35.54 28.48
N GLY J 102 -19.23 -35.22 29.67
CA GLY J 102 -18.52 -34.39 30.66
C GLY J 102 -19.12 -32.98 30.84
N VAL J 103 -20.44 -32.90 30.76
CA VAL J 103 -21.19 -31.66 30.92
C VAL J 103 -21.47 -31.40 32.40
N THR J 104 -21.16 -30.18 32.86
CA THR J 104 -21.51 -29.74 34.21
C THR J 104 -22.54 -28.63 34.16
N PHE J 105 -22.63 -27.90 33.03
CA PHE J 105 -23.52 -26.76 32.93
C PHE J 105 -23.98 -26.55 31.50
N VAL J 106 -25.12 -25.87 31.39
CA VAL J 106 -25.69 -25.45 30.11
C VAL J 106 -26.03 -23.97 30.25
N LYS J 107 -25.67 -23.17 29.25
CA LYS J 107 -25.92 -21.73 29.33
C LYS J 107 -26.41 -21.17 27.99
N GLY J 108 -27.09 -20.03 28.09
CA GLY J 108 -27.47 -19.25 26.93
C GLY J 108 -26.49 -18.12 26.63
N GLN J 109 -26.12 -17.96 25.36
CA GLN J 109 -25.19 -16.91 24.95
C GLN J 109 -25.78 -16.06 23.83
N TRP J 110 -25.21 -14.85 23.63
CA TRP J 110 -25.58 -14.07 22.48
C TRP J 110 -24.38 -13.27 21.94
N LYS J 111 -24.51 -12.84 20.69
CA LYS J 111 -23.46 -12.14 19.98
C LYS J 111 -24.13 -11.22 18.98
N SER J 112 -23.57 -10.04 18.78
CA SER J 112 -24.13 -9.05 17.91
C SER J 112 -24.03 -9.47 16.44
N VAL J 113 -25.06 -9.10 15.68
CA VAL J 113 -24.99 -9.10 14.24
C VAL J 113 -24.63 -7.69 13.76
N ARG J 114 -23.49 -7.54 13.10
CA ARG J 114 -23.13 -6.22 12.54
C ARG J 114 -23.20 -5.10 13.58
N GLY J 115 -22.58 -5.36 14.74
CA GLY J 115 -22.42 -4.33 15.77
C GLY J 115 -23.72 -4.02 16.53
N SER J 116 -24.79 -4.80 16.31
CA SER J 116 -26.08 -4.51 16.92
C SER J 116 -25.92 -4.44 18.43
N ALA J 117 -26.77 -3.60 19.03
CA ALA J 117 -26.98 -3.70 20.47
C ALA J 117 -28.09 -4.71 20.73
N MET J 118 -27.90 -5.54 21.74
CA MET J 118 -28.80 -6.67 21.98
C MET J 118 -29.67 -6.35 23.19
N HIS J 119 -30.98 -6.66 23.08
CA HIS J 119 -31.90 -6.29 24.14
C HIS J 119 -32.81 -7.46 24.53
N ILE J 120 -32.83 -7.80 25.85
CA ILE J 120 -33.86 -8.61 26.46
C ILE J 120 -34.37 -7.78 27.63
N ASP J 121 -35.66 -7.42 27.61
CA ASP J 121 -36.23 -6.52 28.59
C ASP J 121 -37.56 -7.08 29.09
N SER J 122 -37.74 -8.41 28.93
CA SER J 122 -38.98 -9.10 29.26
C SER J 122 -38.57 -10.53 29.56
N TYR J 123 -39.55 -11.42 29.80
CA TYR J 123 -39.29 -12.80 30.19
C TYR J 123 -38.49 -13.54 29.13
N ALA J 124 -37.50 -14.36 29.58
CA ALA J 124 -36.86 -15.33 28.71
C ALA J 124 -36.41 -16.53 29.55
N SER J 125 -36.25 -17.72 28.96
CA SER J 125 -36.08 -18.94 29.73
C SER J 125 -35.10 -19.91 29.07
N LEU J 126 -34.39 -20.67 29.90
CA LEU J 126 -33.59 -21.80 29.47
C LEU J 126 -34.10 -23.01 30.25
N SER J 127 -34.49 -24.07 29.56
CA SER J 127 -35.17 -25.20 30.14
C SER J 127 -34.49 -26.49 29.68
N ALA J 128 -34.60 -27.56 30.47
CA ALA J 128 -34.06 -28.84 30.06
C ALA J 128 -34.87 -29.99 30.64
N ILE J 129 -35.03 -31.01 29.79
CA ILE J 129 -35.67 -32.22 30.24
C ILE J 129 -34.68 -33.37 30.11
N TRP J 130 -34.54 -34.14 31.20
CA TRP J 130 -33.63 -35.27 31.17
C TRP J 130 -34.30 -36.53 30.64
N GLY J 131 -33.53 -37.31 29.88
CA GLY J 131 -33.98 -38.62 29.45
C GLY J 131 -32.77 -39.50 29.14
N THR J 132 -33.01 -40.68 28.54
CA THR J 132 -31.93 -41.55 28.06
C THR J 132 -32.08 -41.74 26.54
N ALA J 133 -30.99 -42.13 25.89
CA ALA J 133 -31.05 -42.42 24.46
C ALA J 133 -32.23 -43.38 24.17
#